data_2L6Z
#
_entry.id   2L6Z
#
loop_
_entity.id
_entity.type
_entity.pdbx_description
1 polymer 'Erythroid transcription factor'
2 polymer 'Zinc finger protein ush'
3 polymer 'LIM domain only 2, linker, LIM domain-binding protein 1'
4 non-polymer 'ZINC ION'
#
loop_
_entity_poly.entity_id
_entity_poly.type
_entity_poly.pdbx_seq_one_letter_code
_entity_poly.pdbx_strand_id
1 'polypeptide(L)' EARECVNCGATATPLWRRDRTGHYLCNACGLYHKMNGQN A
2 'polypeptide(L)' GSLLKPARFMCLPCGIAFSSPSTLEAHQAYYCSHRI B
3 'polypeptide(L)'
;YLRLFGQDGLCASCDKRIRAYEMTMRVKDKVYHLECFKCAACQKHFSVGDRYLLINSDIVCEQDIYEWTKINGGSGGSGG
SGGDVMVVGEPTLMGG
;
C
#
# COMPACT_ATOMS: atom_id res chain seq x y z
N GLU A 1 1.12 -5.05 -8.79
CA GLU A 1 -0.05 -5.16 -7.90
C GLU A 1 0.07 -4.19 -6.72
N ALA A 2 -0.80 -4.34 -5.74
CA ALA A 2 -0.78 -3.46 -4.57
C ALA A 2 0.44 -3.71 -3.70
N ARG A 3 0.71 -4.98 -3.43
CA ARG A 3 1.84 -5.39 -2.62
C ARG A 3 1.99 -6.90 -2.67
N GLU A 4 3.07 -7.42 -2.09
CA GLU A 4 3.32 -8.85 -2.08
C GLU A 4 3.34 -9.37 -0.64
N CYS A 5 3.15 -10.69 -0.49
CA CYS A 5 3.16 -11.31 0.83
C CYS A 5 4.48 -12.05 1.03
N VAL A 6 4.79 -12.35 2.27
CA VAL A 6 6.02 -13.06 2.60
C VAL A 6 5.83 -14.56 2.45
N ASN A 7 4.59 -15.01 2.43
CA ASN A 7 4.30 -16.44 2.33
C ASN A 7 3.43 -16.78 1.13
N CYS A 8 2.62 -15.85 0.64
CA CYS A 8 1.77 -16.13 -0.50
C CYS A 8 1.87 -15.04 -1.58
N GLY A 9 0.98 -14.08 -1.51
CA GLY A 9 0.98 -12.99 -2.47
C GLY A 9 -0.43 -12.60 -2.85
N ALA A 10 -1.34 -12.67 -1.88
CA ALA A 10 -2.74 -12.33 -2.12
C ALA A 10 -2.93 -10.81 -2.14
N THR A 11 -2.90 -10.24 -3.33
CA THR A 11 -3.06 -8.80 -3.49
C THR A 11 -4.53 -8.39 -3.31
N ALA A 12 -5.40 -9.37 -3.14
CA ALA A 12 -6.82 -9.11 -2.97
C ALA A 12 -7.20 -9.01 -1.50
N THR A 13 -6.20 -8.99 -0.62
CA THR A 13 -6.42 -8.87 0.82
C THR A 13 -7.05 -7.51 1.14
N PRO A 14 -8.00 -7.48 2.08
CA PRO A 14 -8.69 -6.24 2.48
C PRO A 14 -7.74 -5.18 3.07
N LEU A 15 -6.73 -5.64 3.79
CA LEU A 15 -5.77 -4.74 4.41
C LEU A 15 -4.45 -5.45 4.65
N TRP A 16 -3.36 -4.82 4.22
CA TRP A 16 -2.04 -5.40 4.40
C TRP A 16 -1.58 -5.23 5.83
N ARG A 17 -1.11 -6.31 6.43
CA ARG A 17 -0.62 -6.28 7.79
C ARG A 17 0.84 -5.86 7.80
N ARG A 18 1.08 -4.61 8.15
CA ARG A 18 2.43 -4.07 8.18
C ARG A 18 2.90 -3.85 9.62
N ASP A 19 4.13 -4.25 9.90
CA ASP A 19 4.70 -4.09 11.23
C ASP A 19 5.64 -2.87 11.25
N ARG A 20 6.45 -2.79 12.30
CA ARG A 20 7.39 -1.69 12.47
C ARG A 20 8.49 -1.72 11.41
N THR A 21 9.00 -2.92 11.10
CA THR A 21 10.07 -3.05 10.12
C THR A 21 9.54 -2.91 8.69
N GLY A 22 8.46 -3.62 8.38
CA GLY A 22 7.88 -3.53 7.05
C GLY A 22 7.53 -4.89 6.49
N HIS A 23 7.29 -5.85 7.36
CA HIS A 23 6.91 -7.19 6.95
C HIS A 23 5.50 -7.18 6.39
N TYR A 24 5.38 -7.03 5.08
CA TYR A 24 4.09 -6.99 4.43
C TYR A 24 3.44 -8.36 4.42
N LEU A 25 2.42 -8.53 5.25
CA LEU A 25 1.70 -9.78 5.33
C LEU A 25 0.29 -9.57 4.80
N CYS A 26 -0.21 -10.55 4.04
CA CYS A 26 -1.54 -10.48 3.46
C CYS A 26 -2.59 -10.25 4.55
N ASN A 27 -2.85 -11.32 5.28
CA ASN A 27 -3.81 -11.33 6.38
C ASN A 27 -3.86 -12.73 6.96
N ALA A 28 -3.63 -13.71 6.09
CA ALA A 28 -3.65 -15.10 6.47
C ALA A 28 -2.30 -15.55 7.02
N CYS A 29 -1.25 -15.38 6.21
CA CYS A 29 0.09 -15.77 6.63
C CYS A 29 0.61 -14.83 7.72
N GLY A 30 -0.04 -13.69 7.87
CA GLY A 30 0.34 -12.72 8.89
C GLY A 30 0.16 -13.26 10.29
N LEU A 31 -0.70 -14.26 10.44
CA LEU A 31 -0.96 -14.86 11.73
C LEU A 31 0.26 -15.64 12.23
N TYR A 32 1.19 -15.91 11.32
CA TYR A 32 2.41 -16.63 11.65
C TYR A 32 3.26 -15.81 12.63
N HIS A 33 3.13 -14.49 12.55
CA HIS A 33 3.88 -13.58 13.40
C HIS A 33 3.10 -13.29 14.68
N LYS A 34 2.03 -14.03 14.91
CA LYS A 34 1.21 -13.83 16.10
C LYS A 34 0.89 -15.15 16.81
N MET A 35 0.27 -16.06 16.08
CA MET A 35 -0.10 -17.36 16.61
C MET A 35 1.15 -18.19 16.90
N ASN A 36 1.99 -18.32 15.89
CA ASN A 36 3.23 -19.07 16.03
C ASN A 36 4.29 -18.20 16.67
N GLY A 37 4.18 -16.89 16.45
CA GLY A 37 5.14 -15.96 17.01
C GLY A 37 6.47 -16.03 16.30
N GLN A 38 6.42 -16.20 14.99
CA GLN A 38 7.62 -16.29 14.18
C GLN A 38 7.93 -14.95 13.51
N ASN A 39 8.81 -14.96 12.53
CA ASN A 39 9.19 -13.74 11.83
C ASN A 39 8.59 -13.72 10.44
N GLY B 1 35.53 -6.58 -5.66
CA GLY B 1 35.05 -7.72 -6.48
C GLY B 1 34.00 -8.52 -5.75
N SER B 2 33.74 -9.72 -6.26
CA SER B 2 32.76 -10.63 -5.68
C SER B 2 31.34 -10.04 -5.75
N LEU B 3 30.39 -10.72 -5.13
CA LEU B 3 29.01 -10.25 -5.14
C LEU B 3 28.84 -9.07 -4.18
N LEU B 4 28.81 -9.36 -2.87
CA LEU B 4 28.64 -8.35 -1.82
C LEU B 4 27.24 -7.73 -1.84
N LYS B 5 26.86 -7.19 -2.98
CA LYS B 5 25.55 -6.57 -3.13
C LYS B 5 24.63 -7.48 -3.94
N PRO B 6 23.55 -7.98 -3.32
CA PRO B 6 22.59 -8.85 -3.99
C PRO B 6 21.54 -8.06 -4.75
N ALA B 7 21.90 -7.62 -5.96
CA ALA B 7 20.99 -6.86 -6.80
C ALA B 7 19.99 -7.77 -7.51
N ARG B 8 19.26 -8.55 -6.72
CA ARG B 8 18.27 -9.48 -7.26
C ARG B 8 17.02 -9.46 -6.40
N PHE B 9 15.87 -9.50 -7.06
CA PHE B 9 14.59 -9.50 -6.37
C PHE B 9 13.70 -10.61 -6.92
N MET B 10 14.33 -11.58 -7.56
CA MET B 10 13.63 -12.71 -8.15
C MET B 10 14.51 -13.94 -8.17
N CYS B 11 14.15 -14.91 -7.35
CA CYS B 11 14.90 -16.16 -7.24
C CYS B 11 14.60 -17.08 -8.42
N LEU B 12 15.57 -17.93 -8.74
CA LEU B 12 15.43 -18.88 -9.84
C LEU B 12 14.40 -19.96 -9.52
N PRO B 13 14.46 -20.62 -8.33
CA PRO B 13 13.50 -21.68 -7.97
C PRO B 13 12.06 -21.19 -7.93
N CYS B 14 11.81 -20.13 -7.16
CA CYS B 14 10.48 -19.57 -7.04
C CYS B 14 10.01 -18.94 -8.36
N GLY B 15 10.87 -18.11 -8.94
CA GLY B 15 10.53 -17.45 -10.19
C GLY B 15 9.48 -16.38 -9.99
N ILE B 16 9.50 -15.76 -8.82
CA ILE B 16 8.55 -14.71 -8.50
C ILE B 16 9.29 -13.41 -8.18
N ALA B 17 9.07 -12.39 -9.01
CA ALA B 17 9.72 -11.10 -8.82
C ALA B 17 8.99 -10.28 -7.76
N PHE B 18 9.70 -9.96 -6.69
CA PHE B 18 9.14 -9.17 -5.62
C PHE B 18 9.45 -7.70 -5.85
N SER B 19 8.75 -6.83 -5.12
CA SER B 19 8.94 -5.39 -5.26
C SER B 19 9.55 -4.80 -4.00
N SER B 20 9.15 -5.33 -2.86
CA SER B 20 9.64 -4.83 -1.58
C SER B 20 10.68 -5.79 -0.99
N PRO B 21 11.83 -5.24 -0.54
CA PRO B 21 12.90 -6.05 0.05
C PRO B 21 12.54 -6.58 1.43
N SER B 22 11.61 -5.89 2.09
CA SER B 22 11.17 -6.27 3.41
C SER B 22 10.40 -7.58 3.36
N THR B 23 9.68 -7.80 2.26
CA THR B 23 8.91 -9.01 2.08
C THR B 23 9.83 -10.17 1.72
N LEU B 24 10.93 -9.84 1.05
CA LEU B 24 11.90 -10.83 0.63
C LEU B 24 12.61 -11.46 1.83
N GLU B 25 12.69 -10.71 2.93
CA GLU B 25 13.35 -11.18 4.15
C GLU B 25 12.73 -12.48 4.64
N ALA B 26 11.41 -12.50 4.76
CA ALA B 26 10.71 -13.70 5.22
C ALA B 26 10.56 -14.70 4.08
N HIS B 27 10.46 -14.17 2.86
CA HIS B 27 10.31 -15.02 1.68
C HIS B 27 11.52 -15.95 1.57
N GLN B 28 12.71 -15.40 1.78
CA GLN B 28 13.96 -16.17 1.70
C GLN B 28 14.14 -17.09 2.90
N ALA B 29 13.09 -17.83 3.22
CA ALA B 29 13.11 -18.75 4.34
C ALA B 29 12.03 -19.81 4.17
N TYR B 30 10.80 -19.36 3.99
CA TYR B 30 9.67 -20.26 3.83
C TYR B 30 9.23 -20.38 2.37
N TYR B 31 9.44 -19.31 1.59
CA TYR B 31 9.01 -19.32 0.18
C TYR B 31 10.04 -19.96 -0.76
N CYS B 32 11.32 -19.61 -0.62
CA CYS B 32 12.36 -20.20 -1.47
C CYS B 32 12.56 -21.68 -1.11
N SER B 33 11.57 -22.49 -1.44
CA SER B 33 11.58 -23.93 -1.13
C SER B 33 11.57 -24.14 0.38
N HIS B 34 12.74 -24.06 1.00
CA HIS B 34 12.90 -24.22 2.45
C HIS B 34 14.32 -23.86 2.82
N ARG B 35 14.54 -22.62 3.22
CA ARG B 35 15.87 -22.14 3.59
C ARG B 35 16.06 -22.16 5.10
N ILE B 36 15.44 -23.13 5.76
CA ILE B 36 15.55 -23.25 7.20
C ILE B 36 16.84 -23.96 7.56
N TYR C 1 -26.87 10.71 22.56
CA TYR C 1 -27.17 12.12 22.88
C TYR C 1 -26.09 13.04 22.31
N LEU C 2 -24.85 12.82 22.73
CA LEU C 2 -23.74 13.64 22.27
C LEU C 2 -23.24 13.18 20.91
N ARG C 3 -22.78 14.13 20.11
CA ARG C 3 -22.26 13.84 18.79
C ARG C 3 -20.81 14.28 18.71
N LEU C 4 -19.90 13.33 18.63
CA LEU C 4 -18.49 13.64 18.56
C LEU C 4 -17.93 13.35 17.16
N PHE C 5 -17.64 14.42 16.43
CA PHE C 5 -17.10 14.31 15.09
C PHE C 5 -15.84 15.17 14.99
N GLY C 6 -14.77 14.60 14.47
CA GLY C 6 -13.52 15.34 14.33
C GLY C 6 -12.92 15.22 12.96
N GLN C 7 -13.75 15.31 11.93
CA GLN C 7 -13.28 15.20 10.56
C GLN C 7 -13.43 16.54 9.85
N ASP C 8 -12.99 16.60 8.60
CA ASP C 8 -13.07 17.83 7.81
C ASP C 8 -14.52 18.30 7.68
N GLY C 9 -15.34 17.51 6.99
CA GLY C 9 -16.72 17.89 6.82
C GLY C 9 -17.37 17.23 5.61
N LEU C 10 -17.03 17.72 4.43
CA LEU C 10 -17.58 17.19 3.19
C LEU C 10 -16.53 16.38 2.44
N CYS C 11 -16.99 15.49 1.57
CA CYS C 11 -16.10 14.66 0.78
C CYS C 11 -15.50 15.45 -0.37
N ALA C 12 -14.50 14.87 -1.00
CA ALA C 12 -13.84 15.49 -2.13
C ALA C 12 -14.17 14.72 -3.39
N SER C 13 -14.93 13.64 -3.24
CA SER C 13 -15.31 12.82 -4.37
C SER C 13 -16.84 12.74 -4.49
N CYS C 14 -17.55 12.68 -3.38
CA CYS C 14 -18.99 12.61 -3.40
C CYS C 14 -19.61 13.77 -2.63
N ASP C 15 -20.93 13.84 -2.59
CA ASP C 15 -21.62 14.92 -1.90
C ASP C 15 -22.20 14.45 -0.57
N LYS C 16 -21.61 13.40 -0.01
CA LYS C 16 -22.08 12.86 1.26
C LYS C 16 -21.27 13.44 2.43
N ARG C 17 -21.98 13.87 3.47
CA ARG C 17 -21.32 14.43 4.64
C ARG C 17 -20.54 13.34 5.36
N ILE C 18 -19.28 13.62 5.66
CA ILE C 18 -18.42 12.67 6.33
C ILE C 18 -18.83 12.47 7.78
N ARG C 19 -19.16 11.24 8.13
CA ARG C 19 -19.57 10.89 9.48
C ARG C 19 -18.52 9.98 10.12
N ALA C 20 -18.87 9.33 11.23
CA ALA C 20 -17.94 8.45 11.92
C ALA C 20 -17.92 7.07 11.25
N TYR C 21 -17.72 7.07 9.94
CA TYR C 21 -17.69 5.86 9.16
C TYR C 21 -16.91 6.10 7.87
N GLU C 22 -15.93 6.99 7.94
CA GLU C 22 -15.12 7.31 6.77
C GLU C 22 -14.06 6.24 6.57
N MET C 23 -13.37 5.91 7.65
CA MET C 23 -12.32 4.88 7.63
C MET C 23 -11.31 5.12 6.52
N THR C 24 -10.80 6.34 6.46
CA THR C 24 -9.86 6.71 5.43
C THR C 24 -8.52 7.13 6.06
N MET C 25 -7.48 7.19 5.24
CA MET C 25 -6.16 7.59 5.71
C MET C 25 -6.09 9.10 5.85
N ARG C 26 -5.11 9.58 6.60
CA ARG C 26 -4.96 11.02 6.82
C ARG C 26 -4.31 11.69 5.61
N VAL C 27 -5.15 12.18 4.71
CA VAL C 27 -4.67 12.88 3.52
C VAL C 27 -4.16 14.28 3.89
N LYS C 28 -3.73 15.04 2.89
CA LYS C 28 -3.22 16.40 3.11
C LYS C 28 -4.20 17.23 3.93
N ASP C 29 -5.46 17.22 3.53
CA ASP C 29 -6.50 17.95 4.24
C ASP C 29 -7.87 17.43 3.82
N LYS C 30 -8.15 17.51 2.53
CA LYS C 30 -9.41 17.03 1.99
C LYS C 30 -9.47 15.51 2.12
N VAL C 31 -10.34 15.04 3.00
CA VAL C 31 -10.48 13.61 3.22
C VAL C 31 -11.54 13.02 2.29
N TYR C 32 -11.45 11.73 2.05
CA TYR C 32 -12.37 11.04 1.18
C TYR C 32 -13.22 10.06 1.99
N HIS C 33 -13.56 8.94 1.38
CA HIS C 33 -14.35 7.92 2.04
C HIS C 33 -13.68 6.56 1.84
N LEU C 34 -14.19 5.54 2.50
CA LEU C 34 -13.62 4.19 2.38
C LEU C 34 -13.88 3.63 0.98
N GLU C 35 -14.76 4.31 0.24
CA GLU C 35 -15.09 3.93 -1.11
C GLU C 35 -14.62 4.99 -2.10
N CYS C 36 -14.48 6.22 -1.61
CA CYS C 36 -14.03 7.34 -2.42
C CYS C 36 -12.51 7.43 -2.43
N PHE C 37 -11.85 6.42 -1.86
CA PHE C 37 -10.40 6.38 -1.82
C PHE C 37 -9.91 5.24 -2.69
N LYS C 38 -9.97 5.43 -4.01
CA LYS C 38 -9.53 4.42 -4.96
C LYS C 38 -8.68 5.05 -6.04
N CYS C 39 -7.85 4.24 -6.71
CA CYS C 39 -6.99 4.72 -7.76
C CYS C 39 -7.80 5.19 -8.96
N ALA C 40 -7.30 6.23 -9.61
CA ALA C 40 -7.95 6.79 -10.77
C ALA C 40 -7.59 6.03 -12.04
N ALA C 41 -6.67 5.09 -11.93
CA ALA C 41 -6.25 4.31 -13.09
C ALA C 41 -6.59 2.83 -12.98
N CYS C 42 -5.95 2.13 -12.04
CA CYS C 42 -6.20 0.69 -11.88
C CYS C 42 -7.40 0.42 -10.96
N GLN C 43 -7.80 1.44 -10.22
CA GLN C 43 -8.95 1.35 -9.31
C GLN C 43 -8.70 0.35 -8.17
N LYS C 44 -7.44 0.05 -7.89
CA LYS C 44 -7.11 -0.88 -6.82
C LYS C 44 -7.20 -0.21 -5.46
N HIS C 45 -7.30 -1.02 -4.42
CA HIS C 45 -7.37 -0.47 -3.06
C HIS C 45 -5.96 -0.14 -2.58
N PHE C 46 -5.84 0.95 -1.83
CA PHE C 46 -4.55 1.39 -1.33
C PHE C 46 -4.07 0.55 -0.16
N SER C 47 -2.76 0.59 0.06
CA SER C 47 -2.12 -0.15 1.13
C SER C 47 -1.81 0.80 2.29
N VAL C 48 -1.04 0.31 3.26
CA VAL C 48 -0.67 1.12 4.41
C VAL C 48 0.85 1.16 4.55
N GLY C 49 1.40 2.37 4.59
CA GLY C 49 2.84 2.51 4.69
C GLY C 49 3.50 2.56 3.34
N ASP C 50 2.69 2.68 2.30
CA ASP C 50 3.19 2.74 0.93
C ASP C 50 3.06 4.15 0.37
N ARG C 51 3.65 4.38 -0.78
CA ARG C 51 3.62 5.69 -1.41
C ARG C 51 2.42 5.84 -2.34
N TYR C 52 1.95 7.08 -2.50
CA TYR C 52 0.81 7.37 -3.34
C TYR C 52 0.87 8.82 -3.83
N LEU C 53 0.05 9.14 -4.82
CA LEU C 53 0.02 10.49 -5.37
C LEU C 53 -1.41 11.05 -5.33
N LEU C 54 -1.53 12.34 -5.06
CA LEU C 54 -2.83 12.99 -5.00
C LEU C 54 -3.03 13.89 -6.22
N ILE C 55 -4.20 13.74 -6.86
CA ILE C 55 -4.52 14.54 -8.03
C ILE C 55 -5.66 15.50 -7.71
N ASN C 56 -6.36 15.94 -8.74
CA ASN C 56 -7.47 16.87 -8.55
C ASN C 56 -8.77 16.14 -8.26
N SER C 57 -9.08 15.14 -9.07
CA SER C 57 -10.30 14.36 -8.89
C SER C 57 -10.09 13.23 -7.89
N ASP C 58 -9.31 12.23 -8.28
CA ASP C 58 -9.06 11.08 -7.42
C ASP C 58 -7.58 11.01 -7.03
N ILE C 59 -7.16 9.83 -6.59
CA ILE C 59 -5.79 9.59 -6.20
C ILE C 59 -5.16 8.53 -7.09
N VAL C 60 -3.85 8.38 -7.01
CA VAL C 60 -3.14 7.39 -7.82
C VAL C 60 -2.18 6.58 -6.96
N CYS C 61 -2.05 5.30 -7.29
CA CYS C 61 -1.18 4.39 -6.55
C CYS C 61 0.29 4.61 -6.92
N GLU C 62 1.10 3.61 -6.64
CA GLU C 62 2.52 3.65 -6.94
C GLU C 62 2.83 2.65 -8.04
N GLN C 63 1.79 1.94 -8.48
CA GLN C 63 1.92 0.93 -9.51
C GLN C 63 1.81 1.54 -10.89
N ASP C 64 0.81 2.38 -11.09
CA ASP C 64 0.58 3.02 -12.38
C ASP C 64 0.89 4.52 -12.31
N ILE C 65 1.53 4.93 -11.22
CA ILE C 65 1.88 6.33 -11.00
C ILE C 65 2.82 6.86 -12.10
N TYR C 66 3.69 5.98 -12.61
CA TYR C 66 4.63 6.37 -13.64
C TYR C 66 3.95 6.48 -15.00
N GLU C 67 2.73 5.98 -15.08
CA GLU C 67 1.98 6.03 -16.33
C GLU C 67 1.00 7.19 -16.32
N TRP C 68 0.20 7.28 -15.25
CA TRP C 68 -0.80 8.32 -15.10
C TRP C 68 -0.20 9.71 -15.29
N THR C 69 0.98 9.92 -14.72
CA THR C 69 1.68 11.20 -14.81
C THR C 69 1.97 11.59 -16.26
N LYS C 70 2.61 10.69 -16.99
CA LYS C 70 2.99 10.94 -18.38
C LYS C 70 1.76 11.14 -19.29
N ILE C 71 0.66 10.50 -18.97
CA ILE C 71 -0.54 10.62 -19.79
C ILE C 71 -1.39 11.84 -19.38
N ASN C 72 -0.93 12.58 -18.38
CA ASN C 72 -1.66 13.76 -17.91
C ASN C 72 -0.78 15.00 -17.97
N GLY C 73 0.39 14.92 -17.38
CA GLY C 73 1.30 16.04 -17.35
C GLY C 73 2.30 15.93 -16.23
N GLY C 74 3.57 15.85 -16.58
CA GLY C 74 4.61 15.74 -15.58
C GLY C 74 5.53 14.58 -15.84
N SER C 75 6.73 14.87 -16.31
CA SER C 75 7.72 13.85 -16.61
C SER C 75 9.11 14.38 -16.34
N GLY C 76 9.74 13.88 -15.28
CA GLY C 76 11.08 14.31 -14.93
C GLY C 76 12.16 13.62 -15.73
N GLY C 77 11.76 12.86 -16.73
CA GLY C 77 12.71 12.15 -17.56
C GLY C 77 12.78 10.68 -17.21
N SER C 78 13.45 9.91 -18.05
CA SER C 78 13.60 8.48 -17.83
C SER C 78 14.65 8.21 -16.75
N GLY C 79 14.24 8.34 -15.50
CA GLY C 79 15.14 8.12 -14.39
C GLY C 79 15.38 9.38 -13.60
N GLY C 80 14.87 10.50 -14.10
CA GLY C 80 15.03 11.77 -13.43
C GLY C 80 13.88 12.08 -12.50
N SER C 81 14.13 12.86 -11.47
CA SER C 81 13.10 13.22 -10.51
C SER C 81 12.08 14.16 -11.13
N GLY C 82 10.81 13.77 -11.08
CA GLY C 82 9.76 14.60 -11.64
C GLY C 82 9.00 15.35 -10.56
N GLY C 83 9.22 14.95 -9.32
CA GLY C 83 8.56 15.58 -8.19
C GLY C 83 8.75 14.80 -6.92
N ASP C 84 7.76 14.85 -6.04
CA ASP C 84 7.83 14.15 -4.76
C ASP C 84 6.59 13.31 -4.55
N VAL C 85 6.76 12.23 -3.80
CA VAL C 85 5.65 11.33 -3.52
C VAL C 85 5.42 11.26 -2.00
N MET C 86 4.18 11.02 -1.60
CA MET C 86 3.83 10.95 -0.19
C MET C 86 3.53 9.51 0.20
N VAL C 87 3.57 9.24 1.49
CA VAL C 87 3.27 7.91 2.01
C VAL C 87 1.96 7.94 2.78
N VAL C 88 1.09 6.97 2.52
CA VAL C 88 -0.19 6.89 3.19
C VAL C 88 0.02 6.68 4.68
N GLY C 89 -0.54 7.60 5.48
CA GLY C 89 -0.42 7.51 6.91
C GLY C 89 -1.30 6.44 7.51
N GLU C 90 -1.45 6.48 8.83
CA GLU C 90 -2.28 5.51 9.51
C GLU C 90 -3.76 5.87 9.39
N PRO C 91 -4.62 4.87 9.16
CA PRO C 91 -6.06 5.07 9.00
C PRO C 91 -6.68 5.74 10.23
N THR C 92 -7.49 6.75 9.97
CA THR C 92 -8.16 7.51 11.01
C THR C 92 -9.10 6.61 11.82
N LEU C 93 -8.91 6.59 13.13
CA LEU C 93 -9.75 5.79 14.01
C LEU C 93 -10.80 6.68 14.67
N MET C 94 -12.05 6.23 14.67
CA MET C 94 -13.14 6.99 15.26
C MET C 94 -12.98 7.13 16.78
N GLY C 95 -12.21 6.24 17.38
CA GLY C 95 -11.98 6.29 18.81
C GLY C 95 -10.82 5.40 19.23
N GLY C 96 -9.72 6.03 19.60
CA GLY C 96 -8.56 5.29 20.04
C GLY C 96 -7.27 5.91 19.53
N GLU A 1 1.24 -5.71 -9.04
CA GLU A 1 0.11 -5.62 -8.09
C GLU A 1 0.43 -4.62 -6.99
N ALA A 2 -0.46 -4.51 -6.00
CA ALA A 2 -0.25 -3.57 -4.91
C ALA A 2 0.93 -3.97 -4.05
N ARG A 3 0.97 -5.24 -3.65
CA ARG A 3 2.05 -5.76 -2.82
C ARG A 3 1.95 -7.28 -2.76
N GLU A 4 2.85 -7.91 -2.03
CA GLU A 4 2.86 -9.36 -1.90
C GLU A 4 2.82 -9.75 -0.42
N CYS A 5 2.74 -11.06 -0.17
CA CYS A 5 2.71 -11.60 1.18
C CYS A 5 3.96 -12.43 1.39
N VAL A 6 4.32 -12.68 2.64
CA VAL A 6 5.50 -13.47 2.94
C VAL A 6 5.21 -14.96 2.86
N ASN A 7 3.93 -15.32 2.92
CA ASN A 7 3.54 -16.72 2.87
C ASN A 7 2.67 -17.05 1.67
N CYS A 8 2.03 -16.04 1.07
CA CYS A 8 1.19 -16.29 -0.09
C CYS A 8 1.35 -15.20 -1.15
N GLY A 9 0.53 -14.18 -1.08
CA GLY A 9 0.60 -13.09 -2.03
C GLY A 9 -0.77 -12.61 -2.46
N ALA A 10 -1.77 -12.86 -1.62
CA ALA A 10 -3.15 -12.46 -1.90
C ALA A 10 -3.32 -10.95 -1.85
N THR A 11 -3.20 -10.30 -3.00
CA THR A 11 -3.36 -8.86 -3.10
C THR A 11 -4.84 -8.48 -3.02
N ALA A 12 -5.70 -9.48 -2.90
CA ALA A 12 -7.14 -9.27 -2.82
C ALA A 12 -7.55 -8.89 -1.40
N THR A 13 -6.60 -8.95 -0.46
CA THR A 13 -6.86 -8.59 0.93
C THR A 13 -7.31 -7.13 1.01
N PRO A 14 -8.31 -6.83 1.86
CA PRO A 14 -8.84 -5.47 2.02
C PRO A 14 -7.76 -4.47 2.41
N LEU A 15 -6.86 -4.89 3.28
CA LEU A 15 -5.77 -4.03 3.74
C LEU A 15 -4.58 -4.88 4.17
N TRP A 16 -3.41 -4.52 3.66
CA TRP A 16 -2.19 -5.23 3.98
C TRP A 16 -1.81 -5.01 5.44
N ARG A 17 -1.38 -6.07 6.10
CA ARG A 17 -0.96 -6.00 7.48
C ARG A 17 0.53 -5.73 7.53
N ARG A 18 0.90 -4.48 7.78
CA ARG A 18 2.29 -4.10 7.83
C ARG A 18 2.72 -3.74 9.25
N ASP A 19 3.87 -4.25 9.66
CA ASP A 19 4.41 -3.98 10.98
C ASP A 19 5.44 -2.86 10.90
N ARG A 20 6.16 -2.59 11.98
CA ARG A 20 7.18 -1.55 12.01
C ARG A 20 8.36 -1.91 11.11
N THR A 21 8.74 -3.18 11.11
CA THR A 21 9.85 -3.66 10.31
C THR A 21 9.55 -3.52 8.81
N GLY A 22 8.31 -3.82 8.43
CA GLY A 22 7.91 -3.72 7.04
C GLY A 22 7.41 -5.03 6.50
N HIS A 23 7.05 -5.94 7.41
CA HIS A 23 6.55 -7.25 7.02
C HIS A 23 5.15 -7.13 6.45
N TYR A 24 5.03 -7.21 5.14
CA TYR A 24 3.73 -7.13 4.49
C TYR A 24 3.06 -8.48 4.51
N LEU A 25 1.90 -8.54 5.15
CA LEU A 25 1.15 -9.78 5.25
C LEU A 25 -0.29 -9.56 4.79
N CYS A 26 -0.86 -10.58 4.18
CA CYS A 26 -2.23 -10.53 3.68
C CYS A 26 -3.21 -10.27 4.82
N ASN A 27 -3.47 -11.34 5.56
CA ASN A 27 -4.36 -11.35 6.69
C ASN A 27 -4.32 -12.73 7.32
N ALA A 28 -4.33 -13.75 6.47
CA ALA A 28 -4.29 -15.13 6.90
C ALA A 28 -2.92 -15.45 7.49
N CYS A 29 -1.88 -15.22 6.70
CA CYS A 29 -0.52 -15.47 7.14
C CYS A 29 -0.07 -14.35 8.08
N GLY A 30 -0.85 -13.27 8.10
CA GLY A 30 -0.54 -12.14 8.95
C GLY A 30 -0.61 -12.47 10.42
N LEU A 31 -1.51 -13.39 10.77
CA LEU A 31 -1.69 -13.80 12.15
C LEU A 31 -0.56 -14.71 12.60
N TYR A 32 0.28 -15.13 11.68
CA TYR A 32 1.41 -16.00 12.00
C TYR A 32 2.40 -15.24 12.88
N HIS A 33 2.50 -13.94 12.64
CA HIS A 33 3.40 -13.07 13.38
C HIS A 33 2.75 -12.61 14.70
N LYS A 34 1.50 -13.00 14.91
CA LYS A 34 0.77 -12.60 16.11
C LYS A 34 0.39 -13.82 16.97
N MET A 35 -0.46 -14.68 16.42
CA MET A 35 -0.93 -15.87 17.12
C MET A 35 0.25 -16.77 17.50
N ASN A 36 0.94 -17.28 16.50
CA ASN A 36 2.08 -18.16 16.71
C ASN A 36 3.21 -17.40 17.39
N GLY A 37 3.40 -16.15 16.98
CA GLY A 37 4.45 -15.34 17.56
C GLY A 37 5.76 -15.53 16.84
N GLN A 38 5.68 -16.08 15.63
CA GLN A 38 6.86 -16.33 14.81
C GLN A 38 7.10 -15.14 13.89
N ASN A 39 7.84 -15.36 12.82
CA ASN A 39 8.13 -14.28 11.87
C ASN A 39 7.24 -14.41 10.64
N GLY B 1 34.85 -10.22 -6.65
CA GLY B 1 34.52 -11.56 -7.18
C GLY B 1 33.36 -12.19 -6.45
N SER B 2 32.95 -13.38 -6.90
CA SER B 2 31.84 -14.12 -6.31
C SER B 2 30.52 -13.36 -6.47
N LEU B 3 29.45 -13.86 -5.87
CA LEU B 3 28.16 -13.21 -5.96
C LEU B 3 28.05 -12.08 -4.94
N LEU B 4 27.73 -12.45 -3.69
CA LEU B 4 27.59 -11.51 -2.57
C LEU B 4 26.35 -10.61 -2.70
N LYS B 5 26.10 -10.11 -3.90
CA LYS B 5 24.95 -9.24 -4.15
C LYS B 5 23.71 -10.07 -4.47
N PRO B 6 22.70 -10.03 -3.59
CA PRO B 6 21.46 -10.77 -3.79
C PRO B 6 20.49 -10.02 -4.71
N ALA B 7 20.83 -9.99 -5.99
CA ALA B 7 20.02 -9.30 -6.99
C ALA B 7 19.00 -10.27 -7.60
N ARG B 8 18.39 -11.08 -6.76
CA ARG B 8 17.39 -12.04 -7.19
C ARG B 8 16.19 -12.02 -6.25
N PHE B 9 15.00 -12.01 -6.82
CA PHE B 9 13.77 -11.99 -6.03
C PHE B 9 12.77 -13.00 -6.58
N MET B 10 13.29 -13.99 -7.31
CA MET B 10 12.46 -15.03 -7.89
C MET B 10 13.20 -16.36 -7.94
N CYS B 11 12.86 -17.24 -7.01
CA CYS B 11 13.48 -18.56 -6.94
C CYS B 11 12.94 -19.46 -8.04
N LEU B 12 13.80 -20.34 -8.53
CA LEU B 12 13.41 -21.28 -9.57
C LEU B 12 12.38 -22.29 -9.06
N PRO B 13 12.57 -22.90 -7.85
CA PRO B 13 11.61 -23.86 -7.29
C PRO B 13 10.25 -23.23 -7.05
N CYS B 14 10.24 -21.98 -6.57
CA CYS B 14 9.01 -21.28 -6.29
C CYS B 14 8.35 -20.79 -7.59
N GLY B 15 9.13 -20.08 -8.40
CA GLY B 15 8.63 -19.58 -9.66
C GLY B 15 7.80 -18.32 -9.50
N ILE B 16 7.69 -17.84 -8.28
CA ILE B 16 6.92 -16.64 -8.00
C ILE B 16 7.84 -15.48 -7.68
N ALA B 17 7.84 -14.49 -8.56
CA ALA B 17 8.68 -13.31 -8.39
C ALA B 17 8.03 -12.32 -7.43
N PHE B 18 8.85 -11.73 -6.57
CA PHE B 18 8.36 -10.76 -5.61
C PHE B 18 8.72 -9.34 -6.06
N SER B 19 8.36 -8.35 -5.26
CA SER B 19 8.66 -6.96 -5.60
C SER B 19 9.30 -6.24 -4.43
N SER B 20 8.91 -6.59 -3.22
CA SER B 20 9.44 -5.97 -2.02
C SER B 20 10.43 -6.89 -1.33
N PRO B 21 11.56 -6.35 -0.85
CA PRO B 21 12.59 -7.13 -0.16
C PRO B 21 12.12 -7.63 1.21
N SER B 22 11.28 -6.84 1.85
CA SER B 22 10.75 -7.17 3.17
C SER B 22 9.91 -8.45 3.12
N THR B 23 9.20 -8.64 2.01
CA THR B 23 8.37 -9.82 1.85
C THR B 23 9.23 -11.03 1.48
N LEU B 24 10.29 -10.77 0.71
CA LEU B 24 11.21 -11.82 0.28
C LEU B 24 11.95 -12.43 1.48
N GLU B 25 12.15 -11.62 2.51
CA GLU B 25 12.85 -12.05 3.72
C GLU B 25 12.21 -13.30 4.33
N ALA B 26 10.93 -13.18 4.70
CA ALA B 26 10.21 -14.30 5.29
C ALA B 26 9.86 -15.34 4.23
N HIS B 27 9.84 -14.91 2.97
CA HIS B 27 9.55 -15.82 1.88
C HIS B 27 10.59 -16.95 1.89
N GLN B 28 11.84 -16.57 2.09
CA GLN B 28 12.95 -17.53 2.11
C GLN B 28 12.98 -18.33 3.42
N ALA B 29 11.82 -18.79 3.84
CA ALA B 29 11.69 -19.56 5.06
C ALA B 29 10.57 -20.58 4.93
N TYR B 30 9.38 -20.09 4.59
CA TYR B 30 8.21 -20.97 4.45
C TYR B 30 7.80 -21.15 2.99
N TYR B 31 8.21 -20.24 2.11
CA TYR B 31 7.82 -20.33 0.72
C TYR B 31 8.69 -21.30 -0.08
N CYS B 32 10.02 -21.12 -0.04
CA CYS B 32 10.91 -22.02 -0.76
C CYS B 32 10.99 -23.37 -0.03
N SER B 33 9.93 -24.17 -0.18
CA SER B 33 9.83 -25.47 0.48
C SER B 33 9.80 -25.29 2.00
N HIS B 34 10.96 -25.42 2.64
CA HIS B 34 11.07 -25.25 4.08
C HIS B 34 12.51 -24.94 4.44
N ARG B 35 12.86 -23.67 4.37
CA ARG B 35 14.21 -23.23 4.68
C ARG B 35 14.37 -22.99 6.17
N ILE B 36 14.24 -24.05 6.94
CA ILE B 36 14.37 -23.96 8.39
C ILE B 36 15.27 -25.08 8.91
N TYR C 1 -28.88 10.13 22.30
CA TYR C 1 -28.68 10.80 21.00
C TYR C 1 -27.20 11.12 20.78
N LEU C 2 -26.58 10.44 19.82
CA LEU C 2 -25.18 10.65 19.51
C LEU C 2 -25.03 11.39 18.19
N ARG C 3 -24.11 12.35 18.14
CA ARG C 3 -23.88 13.14 16.95
C ARG C 3 -22.49 13.76 16.95
N LEU C 4 -21.50 12.99 17.38
CA LEU C 4 -20.12 13.48 17.43
C LEU C 4 -19.58 13.74 16.03
N PHE C 5 -18.69 14.72 15.92
CA PHE C 5 -18.09 15.07 14.64
C PHE C 5 -16.62 15.44 14.85
N GLY C 6 -15.73 14.58 14.36
CA GLY C 6 -14.31 14.84 14.48
C GLY C 6 -13.62 14.79 13.14
N GLN C 7 -14.42 14.78 12.08
CA GLN C 7 -13.92 14.74 10.73
C GLN C 7 -13.91 16.14 10.12
N ASP C 8 -13.45 16.23 8.88
CA ASP C 8 -13.40 17.51 8.19
C ASP C 8 -14.80 18.07 7.96
N GLY C 9 -15.67 17.24 7.41
CA GLY C 9 -17.04 17.66 7.15
C GLY C 9 -17.70 16.84 6.07
N LEU C 10 -17.39 17.15 4.82
CA LEU C 10 -17.97 16.45 3.69
C LEU C 10 -16.88 15.75 2.88
N CYS C 11 -17.31 14.79 2.06
CA CYS C 11 -16.40 14.05 1.21
C CYS C 11 -15.98 14.88 0.01
N ALA C 12 -14.96 14.39 -0.68
CA ALA C 12 -14.46 15.06 -1.87
C ALA C 12 -14.74 14.19 -3.09
N SER C 13 -15.02 12.92 -2.82
CA SER C 13 -15.30 11.96 -3.88
C SER C 13 -16.80 11.88 -4.12
N CYS C 14 -17.56 11.61 -3.06
CA CYS C 14 -19.00 11.50 -3.16
C CYS C 14 -19.64 12.80 -2.67
N ASP C 15 -20.91 12.75 -2.33
CA ASP C 15 -21.63 13.94 -1.86
C ASP C 15 -22.22 13.70 -0.49
N LYS C 16 -21.63 12.79 0.26
CA LYS C 16 -22.13 12.48 1.59
C LYS C 16 -21.21 13.03 2.67
N ARG C 17 -21.79 13.31 3.82
CA ARG C 17 -21.04 13.82 4.95
C ARG C 17 -20.24 12.69 5.59
N ILE C 18 -19.14 13.03 6.23
CA ILE C 18 -18.30 12.02 6.85
C ILE C 18 -18.78 11.72 8.26
N ARG C 19 -18.90 10.44 8.58
CA ARG C 19 -19.36 10.00 9.90
C ARG C 19 -18.30 9.12 10.57
N ALA C 20 -18.73 8.31 11.53
CA ALA C 20 -17.81 7.43 12.26
C ALA C 20 -17.45 6.20 11.43
N TYR C 21 -17.92 6.15 10.19
CA TYR C 21 -17.65 5.04 9.29
C TYR C 21 -16.70 5.50 8.19
N GLU C 22 -15.88 6.49 8.51
CA GLU C 22 -14.91 7.01 7.55
C GLU C 22 -13.85 5.93 7.25
N MET C 23 -12.99 5.66 8.23
CA MET C 23 -11.94 4.65 8.12
C MET C 23 -11.05 4.91 6.90
N THR C 24 -10.68 6.17 6.72
CA THR C 24 -9.83 6.55 5.60
C THR C 24 -8.41 6.79 6.09
N MET C 25 -7.49 6.95 5.15
CA MET C 25 -6.09 7.19 5.50
C MET C 25 -5.85 8.67 5.64
N ARG C 26 -4.87 9.03 6.45
CA ARG C 26 -4.54 10.44 6.68
C ARG C 26 -4.12 11.10 5.37
N VAL C 27 -4.92 12.06 4.92
CA VAL C 27 -4.65 12.77 3.68
C VAL C 27 -4.07 14.16 3.99
N LYS C 28 -4.20 15.07 3.04
CA LYS C 28 -3.70 16.43 3.20
C LYS C 28 -4.63 17.26 4.07
N ASP C 29 -5.90 17.29 3.70
CA ASP C 29 -6.91 18.05 4.44
C ASP C 29 -8.27 17.41 4.29
N LYS C 30 -8.70 17.23 3.05
CA LYS C 30 -10.00 16.62 2.77
C LYS C 30 -9.94 15.10 2.97
N VAL C 31 -10.65 14.62 3.98
CA VAL C 31 -10.68 13.20 4.27
C VAL C 31 -11.83 12.53 3.52
N TYR C 32 -11.51 11.49 2.78
CA TYR C 32 -12.49 10.77 1.99
C TYR C 32 -13.12 9.65 2.82
N HIS C 33 -13.77 8.73 2.14
CA HIS C 33 -14.39 7.58 2.77
C HIS C 33 -13.56 6.34 2.46
N LEU C 34 -13.82 5.24 3.15
CA LEU C 34 -13.07 4.00 2.92
C LEU C 34 -13.28 3.49 1.49
N GLU C 35 -14.47 3.72 0.96
CA GLU C 35 -14.81 3.28 -0.39
C GLU C 35 -14.55 4.40 -1.40
N CYS C 36 -14.32 5.60 -0.88
CA CYS C 36 -14.05 6.75 -1.73
C CYS C 36 -12.55 6.95 -1.88
N PHE C 37 -11.79 5.99 -1.37
CA PHE C 37 -10.34 6.03 -1.47
C PHE C 37 -9.86 4.88 -2.35
N LYS C 38 -9.70 5.15 -3.63
CA LYS C 38 -9.27 4.13 -4.58
C LYS C 38 -8.46 4.78 -5.71
N CYS C 39 -7.69 3.96 -6.41
CA CYS C 39 -6.88 4.46 -7.51
C CYS C 39 -7.76 4.87 -8.69
N ALA C 40 -7.31 5.87 -9.43
CA ALA C 40 -8.05 6.37 -10.57
C ALA C 40 -7.66 5.64 -11.85
N ALA C 41 -6.63 4.81 -11.77
CA ALA C 41 -6.17 4.08 -12.94
C ALA C 41 -6.43 2.58 -12.85
N CYS C 42 -6.11 1.98 -11.70
CA CYS C 42 -6.33 0.54 -11.55
C CYS C 42 -7.42 0.25 -10.50
N GLN C 43 -7.77 1.27 -9.73
CA GLN C 43 -8.80 1.16 -8.69
C GLN C 43 -8.41 0.17 -7.58
N LYS C 44 -7.15 -0.22 -7.53
CA LYS C 44 -6.69 -1.16 -6.52
C LYS C 44 -6.69 -0.52 -5.13
N HIS C 45 -6.77 -1.36 -4.11
CA HIS C 45 -6.76 -0.86 -2.73
C HIS C 45 -5.35 -0.42 -2.35
N PHE C 46 -5.26 0.63 -1.56
CA PHE C 46 -3.97 1.16 -1.14
C PHE C 46 -3.38 0.31 -0.01
N SER C 47 -2.11 0.53 0.27
CA SER C 47 -1.41 -0.19 1.32
C SER C 47 -0.81 0.78 2.31
N VAL C 48 -1.04 0.54 3.59
CA VAL C 48 -0.52 1.41 4.64
C VAL C 48 1.01 1.33 4.71
N GLY C 49 1.64 2.48 4.49
CA GLY C 49 3.09 2.54 4.51
C GLY C 49 3.67 2.84 3.15
N ASP C 50 2.83 2.71 2.13
CA ASP C 50 3.26 2.95 0.76
C ASP C 50 2.98 4.39 0.35
N ARG C 51 3.37 4.76 -0.85
CA ARG C 51 3.17 6.12 -1.34
C ARG C 51 1.95 6.21 -2.26
N TYR C 52 1.44 7.43 -2.42
CA TYR C 52 0.28 7.67 -3.26
C TYR C 52 0.34 9.08 -3.86
N LEU C 53 -0.48 9.33 -4.87
CA LEU C 53 -0.52 10.65 -5.50
C LEU C 53 -1.95 11.18 -5.45
N LEU C 54 -2.09 12.44 -5.06
CA LEU C 54 -3.39 13.07 -4.97
C LEU C 54 -3.72 13.88 -6.22
N ILE C 55 -4.87 13.60 -6.80
CA ILE C 55 -5.33 14.30 -8.00
C ILE C 55 -6.60 15.08 -7.66
N ASN C 56 -6.99 16.00 -8.54
CA ASN C 56 -8.19 16.83 -8.32
C ASN C 56 -9.44 15.96 -8.23
N SER C 57 -9.43 14.84 -8.92
CA SER C 57 -10.55 13.92 -8.92
C SER C 57 -10.37 12.82 -7.87
N ASP C 58 -9.64 11.77 -8.25
CA ASP C 58 -9.38 10.65 -7.35
C ASP C 58 -7.91 10.60 -6.98
N ILE C 59 -7.47 9.48 -6.44
CA ILE C 59 -6.08 9.30 -6.04
C ILE C 59 -5.42 8.24 -6.92
N VAL C 60 -4.10 8.18 -6.90
CA VAL C 60 -3.37 7.21 -7.71
C VAL C 60 -2.41 6.41 -6.84
N CYS C 61 -2.17 5.15 -7.20
CA CYS C 61 -1.28 4.27 -6.46
C CYS C 61 0.18 4.58 -6.81
N GLU C 62 1.06 3.68 -6.40
CA GLU C 62 2.48 3.82 -6.67
C GLU C 62 2.90 2.81 -7.72
N GLN C 63 1.91 2.12 -8.27
CA GLN C 63 2.16 1.10 -9.28
C GLN C 63 2.02 1.68 -10.68
N ASP C 64 0.88 2.31 -10.96
CA ASP C 64 0.63 2.89 -12.28
C ASP C 64 0.84 4.40 -12.28
N ILE C 65 1.36 4.91 -11.18
CA ILE C 65 1.63 6.35 -11.04
C ILE C 65 2.56 6.87 -12.13
N TYR C 66 3.50 6.04 -12.56
CA TYR C 66 4.46 6.42 -13.60
C TYR C 66 3.77 6.63 -14.93
N GLU C 67 2.65 5.93 -15.12
CA GLU C 67 1.89 6.04 -16.36
C GLU C 67 0.94 7.24 -16.27
N TRP C 68 0.21 7.30 -15.16
CA TRP C 68 -0.77 8.36 -14.93
C TRP C 68 -0.16 9.76 -15.09
N THR C 69 1.01 9.97 -14.48
CA THR C 69 1.68 11.26 -14.56
C THR C 69 1.98 11.67 -16.00
N LYS C 70 2.47 10.72 -16.79
CA LYS C 70 2.80 10.98 -18.18
C LYS C 70 1.55 11.23 -19.02
N ILE C 71 0.51 10.45 -18.77
CA ILE C 71 -0.75 10.59 -19.50
C ILE C 71 -1.42 11.93 -19.19
N ASN C 72 -1.40 12.30 -17.92
CA ASN C 72 -2.01 13.55 -17.47
C ASN C 72 -1.13 14.75 -17.82
N GLY C 73 0.13 14.49 -18.13
CA GLY C 73 1.03 15.56 -18.49
C GLY C 73 1.90 16.01 -17.33
N GLY C 74 3.04 15.35 -17.17
CA GLY C 74 3.95 15.69 -16.10
C GLY C 74 5.02 14.64 -15.90
N SER C 75 6.24 14.96 -16.28
CA SER C 75 7.35 14.04 -16.13
C SER C 75 8.64 14.78 -15.79
N GLY C 76 9.47 14.17 -14.96
CA GLY C 76 10.73 14.79 -14.57
C GLY C 76 11.91 14.18 -15.29
N GLY C 77 11.63 13.58 -16.44
CA GLY C 77 12.69 12.95 -17.21
C GLY C 77 12.89 11.50 -16.82
N SER C 78 13.39 10.70 -17.75
CA SER C 78 13.63 9.29 -17.51
C SER C 78 14.74 9.11 -16.48
N GLY C 79 14.36 8.85 -15.24
CA GLY C 79 15.33 8.67 -14.19
C GLY C 79 15.55 9.93 -13.37
N GLY C 80 14.67 10.89 -13.57
CA GLY C 80 14.78 12.15 -12.84
C GLY C 80 13.61 12.37 -11.90
N SER C 81 13.66 13.44 -11.13
CA SER C 81 12.60 13.76 -10.19
C SER C 81 11.50 14.58 -10.88
N GLY C 82 10.24 14.22 -10.63
CA GLY C 82 9.14 14.93 -11.25
C GLY C 82 8.33 15.74 -10.25
N GLY C 83 7.37 15.08 -9.60
CA GLY C 83 6.53 15.76 -8.64
C GLY C 83 6.78 15.29 -7.23
N ASP C 84 6.03 15.83 -6.28
CA ASP C 84 6.19 15.45 -4.88
C ASP C 84 5.19 14.35 -4.52
N VAL C 85 5.71 13.19 -4.15
CA VAL C 85 4.86 12.08 -3.77
C VAL C 85 4.65 12.07 -2.26
N MET C 86 3.53 11.54 -1.80
CA MET C 86 3.23 11.50 -0.37
C MET C 86 2.94 10.08 0.09
N VAL C 87 3.27 9.79 1.35
CA VAL C 87 3.03 8.47 1.92
C VAL C 87 1.70 8.46 2.65
N VAL C 88 0.93 7.39 2.47
CA VAL C 88 -0.37 7.27 3.13
C VAL C 88 -0.21 7.16 4.65
N GLY C 89 -0.94 7.99 5.36
CA GLY C 89 -0.87 7.97 6.81
C GLY C 89 -1.77 6.91 7.40
N GLU C 90 -1.66 6.74 8.71
CA GLU C 90 -2.46 5.75 9.43
C GLU C 90 -3.95 6.07 9.31
N PRO C 91 -4.81 5.04 9.21
CA PRO C 91 -6.26 5.21 9.11
C PRO C 91 -6.84 5.76 10.41
N THR C 92 -7.76 6.71 10.27
CA THR C 92 -8.39 7.33 11.43
C THR C 92 -9.45 6.41 12.05
N LEU C 93 -9.68 6.60 13.34
CA LEU C 93 -10.66 5.80 14.05
C LEU C 93 -11.86 6.67 14.44
N MET C 94 -12.89 6.07 14.98
CA MET C 94 -14.08 6.80 15.38
C MET C 94 -13.94 7.41 16.78
N GLY C 95 -12.73 7.35 17.32
CA GLY C 95 -12.49 7.89 18.64
C GLY C 95 -11.61 7.00 19.48
N GLY C 96 -10.36 6.84 19.08
CA GLY C 96 -9.44 6.01 19.81
C GLY C 96 -8.16 5.79 19.04
N GLU A 1 0.41 -5.97 -10.00
CA GLU A 1 -0.12 -6.25 -8.65
C GLU A 1 0.34 -5.18 -7.66
N ALA A 2 -0.33 -5.11 -6.52
CA ALA A 2 0.02 -4.12 -5.50
C ALA A 2 1.22 -4.55 -4.67
N ARG A 3 0.99 -5.43 -3.71
CA ARG A 3 2.06 -5.90 -2.84
C ARG A 3 2.04 -7.42 -2.75
N GLU A 4 3.05 -7.97 -2.11
CA GLU A 4 3.18 -9.41 -1.94
C GLU A 4 3.15 -9.78 -0.46
N CYS A 5 2.93 -11.07 -0.18
CA CYS A 5 2.91 -11.56 1.19
C CYS A 5 4.17 -12.37 1.44
N VAL A 6 4.60 -12.43 2.69
CA VAL A 6 5.80 -13.16 3.04
C VAL A 6 5.54 -14.66 3.04
N ASN A 7 4.28 -15.04 3.12
CA ASN A 7 3.92 -16.45 3.17
C ASN A 7 3.02 -16.88 2.02
N CYS A 8 2.28 -15.96 1.42
CA CYS A 8 1.42 -16.32 0.31
C CYS A 8 1.53 -15.34 -0.87
N GLY A 9 0.72 -14.30 -0.85
CA GLY A 9 0.75 -13.31 -1.90
C GLY A 9 -0.64 -12.88 -2.31
N ALA A 10 -1.59 -12.99 -1.39
CA ALA A 10 -2.97 -12.61 -1.67
C ALA A 10 -3.17 -11.11 -1.48
N THR A 11 -3.17 -10.37 -2.58
CA THR A 11 -3.36 -8.93 -2.52
C THR A 11 -4.84 -8.57 -2.46
N ALA A 12 -5.68 -9.59 -2.34
CA ALA A 12 -7.13 -9.39 -2.26
C ALA A 12 -7.52 -8.92 -0.86
N THR A 13 -6.54 -8.91 0.04
CA THR A 13 -6.76 -8.46 1.40
C THR A 13 -7.19 -7.00 1.41
N PRO A 14 -8.08 -6.60 2.32
CA PRO A 14 -8.57 -5.22 2.40
C PRO A 14 -7.45 -4.23 2.70
N LEU A 15 -6.49 -4.67 3.49
CA LEU A 15 -5.36 -3.83 3.88
C LEU A 15 -4.19 -4.70 4.29
N TRP A 16 -3.02 -4.43 3.73
CA TRP A 16 -1.83 -5.21 4.07
C TRP A 16 -1.41 -4.90 5.51
N ARG A 17 -1.19 -5.94 6.28
CA ARG A 17 -0.78 -5.80 7.66
C ARG A 17 0.72 -5.58 7.75
N ARG A 18 1.14 -4.36 7.45
CA ARG A 18 2.56 -4.02 7.50
C ARG A 18 2.94 -3.53 8.88
N ASP A 19 4.14 -3.92 9.32
CA ASP A 19 4.65 -3.52 10.62
C ASP A 19 5.60 -2.33 10.45
N ARG A 20 6.33 -2.01 11.51
CA ARG A 20 7.28 -0.90 11.50
C ARG A 20 8.45 -1.16 10.55
N THR A 21 8.92 -2.40 10.50
CA THR A 21 10.04 -2.74 9.63
C THR A 21 9.62 -2.78 8.16
N GLY A 22 8.52 -3.46 7.88
CA GLY A 22 8.03 -3.54 6.52
C GLY A 22 7.56 -4.92 6.14
N HIS A 23 7.17 -5.71 7.13
CA HIS A 23 6.68 -7.06 6.88
C HIS A 23 5.28 -7.00 6.31
N TYR A 24 5.17 -7.10 5.00
CA TYR A 24 3.87 -7.06 4.34
C TYR A 24 3.19 -8.41 4.43
N LEU A 25 2.15 -8.47 5.25
CA LEU A 25 1.39 -9.69 5.45
C LEU A 25 -0.06 -9.47 5.02
N CYS A 26 -0.62 -10.44 4.31
CA CYS A 26 -1.99 -10.36 3.84
C CYS A 26 -2.96 -10.08 4.99
N ASN A 27 -3.20 -11.12 5.77
CA ASN A 27 -4.09 -11.07 6.92
C ASN A 27 -4.05 -12.42 7.63
N ALA A 28 -4.03 -13.48 6.82
CA ALA A 28 -3.99 -14.83 7.35
C ALA A 28 -2.60 -15.17 7.87
N CYS A 29 -1.60 -15.02 7.02
CA CYS A 29 -0.22 -15.28 7.41
C CYS A 29 0.27 -14.23 8.40
N GLY A 30 -0.44 -13.10 8.43
CA GLY A 30 -0.09 -12.02 9.32
C GLY A 30 -0.25 -12.40 10.78
N LEU A 31 -1.16 -13.34 11.03
CA LEU A 31 -1.42 -13.79 12.39
C LEU A 31 -0.23 -14.58 12.96
N TYR A 32 0.65 -15.01 12.07
CA TYR A 32 1.83 -15.77 12.47
C TYR A 32 2.76 -14.91 13.32
N HIS A 33 2.76 -13.61 13.07
CA HIS A 33 3.60 -12.66 13.80
C HIS A 33 2.96 -12.24 15.11
N LYS A 34 1.83 -12.87 15.46
CA LYS A 34 1.13 -12.53 16.69
C LYS A 34 0.72 -13.79 17.46
N MET A 35 -0.10 -14.62 16.84
CA MET A 35 -0.59 -15.84 17.46
C MET A 35 0.57 -16.78 17.81
N ASN A 36 1.43 -17.03 16.83
CA ASN A 36 2.57 -17.90 17.05
C ASN A 36 3.74 -17.08 17.58
N GLY A 37 3.75 -15.79 17.24
CA GLY A 37 4.80 -14.91 17.69
C GLY A 37 6.09 -15.11 16.93
N GLN A 38 5.98 -15.51 15.67
CA GLN A 38 7.15 -15.74 14.84
C GLN A 38 7.43 -14.54 13.94
N ASN A 39 8.48 -14.64 13.14
CA ASN A 39 8.86 -13.57 12.24
C ASN A 39 8.14 -13.69 10.91
N GLY B 1 34.70 -9.09 -5.90
CA GLY B 1 34.58 -10.43 -6.53
C GLY B 1 33.46 -11.23 -5.92
N SER B 2 33.31 -12.49 -6.36
CA SER B 2 32.27 -13.37 -5.86
C SER B 2 30.88 -12.74 -6.07
N LEU B 3 29.91 -13.15 -5.26
CA LEU B 3 28.56 -12.61 -5.37
C LEU B 3 28.43 -11.33 -4.55
N LEU B 4 28.26 -11.49 -3.23
CA LEU B 4 28.12 -10.39 -2.28
C LEU B 4 26.79 -9.64 -2.43
N LYS B 5 26.46 -9.24 -3.65
CA LYS B 5 25.22 -8.53 -3.91
C LYS B 5 24.08 -9.52 -4.18
N PRO B 6 23.09 -9.57 -3.28
CA PRO B 6 21.94 -10.46 -3.42
C PRO B 6 20.85 -9.85 -4.31
N ALA B 7 21.22 -9.57 -5.56
CA ALA B 7 20.30 -8.97 -6.52
C ALA B 7 19.36 -10.03 -7.10
N ARG B 8 18.63 -10.70 -6.23
CA ARG B 8 17.68 -11.73 -6.63
C ARG B 8 16.38 -11.58 -5.85
N PHE B 9 15.28 -11.45 -6.56
CA PHE B 9 13.97 -11.31 -5.93
C PHE B 9 13.02 -12.38 -6.48
N MET B 10 13.61 -13.45 -7.01
CA MET B 10 12.85 -14.55 -7.59
C MET B 10 13.63 -15.84 -7.45
N CYS B 11 13.15 -16.74 -6.60
CA CYS B 11 13.80 -18.02 -6.38
C CYS B 11 13.45 -19.00 -7.49
N LEU B 12 14.37 -19.92 -7.77
CA LEU B 12 14.16 -20.94 -8.79
C LEU B 12 13.10 -21.95 -8.34
N PRO B 13 13.19 -22.52 -7.11
CA PRO B 13 12.19 -23.48 -6.63
C PRO B 13 10.79 -22.87 -6.57
N CYS B 14 10.72 -21.60 -6.21
CA CYS B 14 9.45 -20.89 -6.10
C CYS B 14 8.93 -20.49 -7.49
N GLY B 15 9.69 -19.63 -8.15
CA GLY B 15 9.29 -19.15 -9.45
C GLY B 15 8.46 -17.88 -9.35
N ILE B 16 8.37 -17.38 -8.13
CA ILE B 16 7.61 -16.16 -7.87
C ILE B 16 8.55 -14.96 -7.80
N ALA B 17 8.19 -13.89 -8.52
CA ALA B 17 8.99 -12.69 -8.53
C ALA B 17 8.42 -11.67 -7.57
N PHE B 18 9.24 -11.26 -6.59
CA PHE B 18 8.82 -10.28 -5.60
C PHE B 18 9.17 -8.87 -6.04
N SER B 19 8.68 -7.89 -5.29
CA SER B 19 8.94 -6.49 -5.61
C SER B 19 9.53 -5.75 -4.40
N SER B 20 9.17 -6.21 -3.20
CA SER B 20 9.65 -5.59 -1.99
C SER B 20 10.64 -6.52 -1.26
N PRO B 21 11.84 -6.01 -0.95
CA PRO B 21 12.87 -6.80 -0.25
C PRO B 21 12.46 -7.20 1.15
N SER B 22 11.63 -6.38 1.77
CA SER B 22 11.15 -6.63 3.13
C SER B 22 10.30 -7.89 3.18
N THR B 23 9.54 -8.13 2.11
CA THR B 23 8.69 -9.30 2.02
C THR B 23 9.50 -10.56 1.75
N LEU B 24 10.61 -10.39 1.04
CA LEU B 24 11.48 -11.51 0.69
C LEU B 24 12.17 -12.08 1.93
N GLU B 25 12.37 -11.23 2.93
CA GLU B 25 13.04 -11.63 4.18
C GLU B 25 12.38 -12.86 4.81
N ALA B 26 11.12 -12.73 5.16
CA ALA B 26 10.38 -13.83 5.79
C ALA B 26 10.05 -14.92 4.77
N HIS B 27 9.95 -14.53 3.50
CA HIS B 27 9.65 -15.48 2.44
C HIS B 27 10.73 -16.56 2.38
N GLN B 28 11.98 -16.13 2.51
CA GLN B 28 13.12 -17.05 2.46
C GLN B 28 13.26 -17.85 3.75
N ALA B 29 12.18 -18.50 4.15
CA ALA B 29 12.16 -19.31 5.36
C ALA B 29 11.03 -20.32 5.30
N TYR B 30 9.81 -19.84 5.07
CA TYR B 30 8.64 -20.72 5.02
C TYR B 30 8.08 -20.87 3.60
N TYR B 31 8.57 -20.09 2.65
CA TYR B 31 8.04 -20.16 1.29
C TYR B 31 8.87 -21.08 0.38
N CYS B 32 10.17 -20.84 0.26
CA CYS B 32 11.02 -21.68 -0.58
C CYS B 32 11.19 -23.06 0.05
N SER B 33 10.14 -23.88 -0.04
CA SER B 33 10.13 -25.22 0.53
C SER B 33 10.23 -25.15 2.06
N HIS B 34 11.44 -25.17 2.58
CA HIS B 34 11.66 -25.11 4.01
C HIS B 34 13.09 -24.67 4.31
N ARG B 35 13.26 -23.37 4.55
CA ARG B 35 14.58 -22.81 4.85
C ARG B 35 14.64 -22.41 6.32
N ILE B 36 14.09 -23.26 7.17
CA ILE B 36 14.05 -23.01 8.60
C ILE B 36 15.29 -23.57 9.29
N TYR C 1 -19.30 17.46 21.85
CA TYR C 1 -20.29 16.77 20.98
C TYR C 1 -20.94 15.63 21.71
N LEU C 2 -21.95 15.03 21.09
CA LEU C 2 -22.66 13.90 21.68
C LEU C 2 -22.08 12.60 21.15
N ARG C 3 -21.22 12.72 20.14
CA ARG C 3 -20.57 11.57 19.53
C ARG C 3 -19.12 11.91 19.25
N LEU C 4 -18.24 10.92 19.33
CA LEU C 4 -16.83 11.13 19.08
C LEU C 4 -16.53 11.15 17.59
N PHE C 5 -16.41 12.34 17.02
CA PHE C 5 -16.10 12.51 15.61
C PHE C 5 -15.31 13.80 15.40
N GLY C 6 -14.51 13.83 14.33
CA GLY C 6 -13.73 15.02 14.05
C GLY C 6 -12.91 14.87 12.78
N GLN C 7 -13.41 14.05 11.88
CA GLN C 7 -12.73 13.80 10.61
C GLN C 7 -12.77 15.07 9.75
N ASP C 8 -13.97 15.49 9.37
CA ASP C 8 -14.16 16.69 8.56
C ASP C 8 -15.66 16.94 8.37
N GLY C 9 -16.02 17.66 7.33
CA GLY C 9 -17.43 17.95 7.08
C GLY C 9 -18.05 17.02 6.07
N LEU C 10 -17.73 17.23 4.80
CA LEU C 10 -18.26 16.40 3.73
C LEU C 10 -17.14 15.73 2.95
N CYS C 11 -17.50 14.72 2.17
CA CYS C 11 -16.56 14.00 1.34
C CYS C 11 -16.23 14.85 0.12
N ALA C 12 -15.02 14.70 -0.39
CA ALA C 12 -14.61 15.46 -1.56
C ALA C 12 -14.72 14.59 -2.79
N SER C 13 -15.06 13.33 -2.60
CA SER C 13 -15.23 12.40 -3.68
C SER C 13 -16.70 12.28 -4.04
N CYS C 14 -17.55 12.33 -3.02
CA CYS C 14 -18.98 12.24 -3.21
C CYS C 14 -19.67 13.32 -2.35
N ASP C 15 -20.88 13.70 -2.73
CA ASP C 15 -21.60 14.73 -1.99
C ASP C 15 -22.35 14.11 -0.81
N LYS C 16 -21.60 13.61 0.16
CA LYS C 16 -22.19 13.01 1.34
C LYS C 16 -21.48 13.49 2.61
N ARG C 17 -22.22 13.51 3.72
CA ARG C 17 -21.68 13.94 5.00
C ARG C 17 -20.79 12.86 5.59
N ILE C 18 -19.72 13.27 6.24
CA ILE C 18 -18.80 12.32 6.84
C ILE C 18 -19.32 11.84 8.18
N ARG C 19 -19.36 10.52 8.33
CA ARG C 19 -19.83 9.89 9.55
C ARG C 19 -18.73 8.97 10.09
N ALA C 20 -18.98 8.33 11.21
CA ALA C 20 -18.00 7.42 11.82
C ALA C 20 -17.97 6.08 11.10
N TYR C 21 -17.82 6.13 9.77
CA TYR C 21 -17.79 4.93 8.95
C TYR C 21 -16.87 5.14 7.75
N GLU C 22 -16.06 6.19 7.79
CA GLU C 22 -15.13 6.46 6.70
C GLU C 22 -13.91 5.57 6.83
N MET C 23 -13.31 5.56 8.03
CA MET C 23 -12.13 4.75 8.33
C MET C 23 -11.06 4.94 7.26
N THR C 24 -10.91 6.18 6.82
CA THR C 24 -9.95 6.51 5.79
C THR C 24 -8.61 6.90 6.40
N MET C 25 -7.60 7.05 5.57
CA MET C 25 -6.26 7.40 6.02
C MET C 25 -6.14 8.90 6.23
N ARG C 26 -5.03 9.33 6.79
CA ARG C 26 -4.79 10.75 7.04
C ARG C 26 -4.47 11.47 5.73
N VAL C 27 -5.49 12.02 5.11
CA VAL C 27 -5.31 12.76 3.86
C VAL C 27 -4.80 14.17 4.14
N LYS C 28 -4.29 14.83 3.10
CA LYS C 28 -3.74 16.19 3.23
C LYS C 28 -4.73 17.14 3.89
N ASP C 29 -5.87 17.37 3.24
CA ASP C 29 -6.86 18.29 3.79
C ASP C 29 -8.23 17.64 3.94
N LYS C 30 -8.81 17.24 2.81
CA LYS C 30 -10.12 16.61 2.82
C LYS C 30 -10.02 15.10 2.89
N VAL C 31 -10.68 14.51 3.88
CA VAL C 31 -10.68 13.07 4.03
C VAL C 31 -11.85 12.46 3.25
N TYR C 32 -11.57 11.40 2.51
CA TYR C 32 -12.58 10.75 1.71
C TYR C 32 -13.13 9.49 2.39
N HIS C 33 -14.07 8.83 1.74
CA HIS C 33 -14.66 7.60 2.27
C HIS C 33 -13.72 6.44 1.96
N LEU C 34 -13.89 5.31 2.63
CA LEU C 34 -13.06 4.14 2.36
C LEU C 34 -13.37 3.61 0.96
N GLU C 35 -14.60 3.84 0.53
CA GLU C 35 -15.04 3.41 -0.78
C GLU C 35 -14.71 4.48 -1.82
N CYS C 36 -14.49 5.69 -1.33
CA CYS C 36 -14.17 6.82 -2.19
C CYS C 36 -12.66 7.00 -2.32
N PHE C 37 -11.91 6.16 -1.61
CA PHE C 37 -10.45 6.20 -1.65
C PHE C 37 -9.96 5.08 -2.57
N LYS C 38 -10.05 5.32 -3.87
CA LYS C 38 -9.64 4.35 -4.87
C LYS C 38 -8.78 4.99 -5.95
N CYS C 39 -7.96 4.19 -6.61
CA CYS C 39 -7.10 4.67 -7.67
C CYS C 39 -7.92 5.10 -8.89
N ALA C 40 -7.42 6.09 -9.60
CA ALA C 40 -8.09 6.60 -10.78
C ALA C 40 -7.61 5.88 -12.03
N ALA C 41 -6.58 5.05 -11.90
CA ALA C 41 -6.05 4.33 -13.05
C ALA C 41 -6.34 2.83 -12.98
N CYS C 42 -5.92 2.17 -11.91
CA CYS C 42 -6.15 0.74 -11.79
C CYS C 42 -7.35 0.43 -10.90
N GLN C 43 -7.79 1.43 -10.16
CA GLN C 43 -8.95 1.32 -9.25
C GLN C 43 -8.71 0.31 -8.12
N LYS C 44 -7.46 0.03 -7.81
CA LYS C 44 -7.16 -0.93 -6.75
C LYS C 44 -7.09 -0.21 -5.39
N HIS C 45 -7.33 -0.97 -4.33
CA HIS C 45 -7.29 -0.42 -2.99
C HIS C 45 -5.86 -0.08 -2.58
N PHE C 46 -5.72 0.94 -1.75
CA PHE C 46 -4.41 1.37 -1.27
C PHE C 46 -4.01 0.58 -0.03
N SER C 47 -2.82 0.85 0.49
CA SER C 47 -2.33 0.16 1.66
C SER C 47 -1.49 1.10 2.53
N VAL C 48 -1.44 0.83 3.82
CA VAL C 48 -0.69 1.65 4.76
C VAL C 48 0.80 1.35 4.67
N GLY C 49 1.60 2.41 4.58
CA GLY C 49 3.03 2.25 4.48
C GLY C 49 3.54 2.44 3.07
N ASP C 50 2.63 2.34 2.10
CA ASP C 50 3.00 2.50 0.70
C ASP C 50 2.87 3.97 0.30
N ARG C 51 3.42 4.34 -0.83
CA ARG C 51 3.37 5.71 -1.31
C ARG C 51 2.21 5.91 -2.26
N TYR C 52 1.77 7.16 -2.42
CA TYR C 52 0.65 7.47 -3.29
C TYR C 52 0.71 8.93 -3.77
N LEU C 53 -0.10 9.23 -4.77
CA LEU C 53 -0.19 10.57 -5.33
C LEU C 53 -1.63 11.06 -5.30
N LEU C 54 -1.83 12.30 -4.90
CA LEU C 54 -3.18 12.86 -4.83
C LEU C 54 -3.47 13.77 -6.01
N ILE C 55 -4.59 13.53 -6.67
CA ILE C 55 -5.00 14.34 -7.81
C ILE C 55 -6.24 15.15 -7.43
N ASN C 56 -6.58 16.15 -8.23
CA ASN C 56 -7.74 17.00 -7.98
C ASN C 56 -9.03 16.19 -8.05
N SER C 57 -9.02 15.14 -8.85
CA SER C 57 -10.18 14.29 -9.02
C SER C 57 -10.16 13.14 -8.02
N ASP C 58 -9.32 12.15 -8.29
CA ASP C 58 -9.19 10.97 -7.43
C ASP C 58 -7.74 10.79 -7.00
N ILE C 59 -7.42 9.62 -6.48
CA ILE C 59 -6.07 9.33 -6.03
C ILE C 59 -5.38 8.37 -6.98
N VAL C 60 -4.05 8.31 -6.89
CA VAL C 60 -3.26 7.43 -7.73
C VAL C 60 -2.31 6.62 -6.85
N CYS C 61 -2.20 5.33 -7.15
CA CYS C 61 -1.33 4.44 -6.39
C CYS C 61 0.13 4.64 -6.79
N GLU C 62 0.95 3.66 -6.44
CA GLU C 62 2.37 3.72 -6.77
C GLU C 62 2.68 2.66 -7.83
N GLN C 63 1.64 1.90 -8.19
CA GLN C 63 1.78 0.84 -9.18
C GLN C 63 1.72 1.45 -10.58
N ASP C 64 0.81 2.40 -10.76
CA ASP C 64 0.65 3.05 -12.05
C ASP C 64 0.96 4.55 -11.96
N ILE C 65 1.55 4.96 -10.83
CA ILE C 65 1.90 6.37 -10.61
C ILE C 65 2.82 6.92 -11.71
N TYR C 66 3.76 6.09 -12.15
CA TYR C 66 4.71 6.49 -13.18
C TYR C 66 4.02 6.60 -14.53
N GLU C 67 2.91 5.90 -14.68
CA GLU C 67 2.16 5.92 -15.93
C GLU C 67 1.27 7.16 -15.99
N TRP C 68 0.47 7.35 -14.94
CA TRP C 68 -0.46 8.47 -14.87
C TRP C 68 0.27 9.82 -15.01
N THR C 69 1.44 9.94 -14.40
CA THR C 69 2.20 11.17 -14.47
C THR C 69 2.60 11.51 -15.90
N LYS C 70 3.03 10.50 -16.64
CA LYS C 70 3.43 10.70 -18.03
C LYS C 70 2.23 10.94 -18.93
N ILE C 71 1.12 10.29 -18.59
CA ILE C 71 -0.11 10.43 -19.38
C ILE C 71 -0.75 11.80 -19.17
N ASN C 72 -0.80 12.25 -17.92
CA ASN C 72 -1.40 13.55 -17.60
C ASN C 72 -0.45 14.70 -17.88
N GLY C 73 0.84 14.41 -17.89
CA GLY C 73 1.83 15.44 -18.16
C GLY C 73 2.43 16.03 -16.90
N GLY C 74 3.43 15.35 -16.36
CA GLY C 74 4.09 15.82 -15.16
C GLY C 74 5.36 15.06 -14.90
N SER C 75 6.03 14.67 -15.97
CA SER C 75 7.27 13.91 -15.87
C SER C 75 8.45 14.84 -15.61
N GLY C 76 9.36 14.42 -14.73
CA GLY C 76 10.52 15.22 -14.42
C GLY C 76 11.80 14.53 -14.82
N GLY C 77 11.77 13.90 -15.99
CA GLY C 77 12.93 13.19 -16.49
C GLY C 77 12.89 11.73 -16.07
N SER C 78 13.30 10.86 -16.97
CA SER C 78 13.31 9.43 -16.69
C SER C 78 14.44 9.08 -15.74
N GLY C 79 14.23 9.36 -14.45
CA GLY C 79 15.24 9.09 -13.45
C GLY C 79 15.29 10.17 -12.39
N GLY C 80 14.84 11.37 -12.76
CA GLY C 80 14.85 12.49 -11.83
C GLY C 80 13.53 12.64 -11.09
N SER C 81 13.48 13.59 -10.18
CA SER C 81 12.26 13.83 -9.41
C SER C 81 11.25 14.65 -10.21
N GLY C 82 10.01 14.18 -10.24
CA GLY C 82 8.97 14.88 -10.98
C GLY C 82 8.10 15.73 -10.07
N GLY C 83 7.87 15.26 -8.86
CA GLY C 83 7.04 15.99 -7.92
C GLY C 83 7.22 15.52 -6.50
N ASP C 84 6.23 15.78 -5.67
CA ASP C 84 6.29 15.38 -4.26
C ASP C 84 5.33 14.22 -4.01
N VAL C 85 5.89 13.07 -3.68
CA VAL C 85 5.09 11.89 -3.40
C VAL C 85 4.92 11.71 -1.89
N MET C 86 3.72 11.33 -1.47
CA MET C 86 3.43 11.16 -0.06
C MET C 86 3.26 9.69 0.29
N VAL C 87 3.18 9.40 1.59
CA VAL C 87 3.01 8.03 2.06
C VAL C 87 1.64 7.84 2.69
N VAL C 88 1.02 6.71 2.41
CA VAL C 88 -0.30 6.40 2.96
C VAL C 88 -0.18 6.09 4.45
N GLY C 89 -0.68 7.00 5.27
CA GLY C 89 -0.63 6.82 6.71
C GLY C 89 -1.64 5.79 7.18
N GLU C 90 -1.69 5.57 8.49
CA GLU C 90 -2.60 4.60 9.06
C GLU C 90 -4.05 5.11 8.98
N PRO C 91 -5.02 4.20 8.87
CA PRO C 91 -6.44 4.57 8.79
C PRO C 91 -6.99 5.08 10.12
N THR C 92 -7.93 6.01 10.04
CA THR C 92 -8.55 6.57 11.22
C THR C 92 -9.57 5.60 11.81
N LEU C 93 -9.56 5.46 13.13
CA LEU C 93 -10.48 4.56 13.80
C LEU C 93 -11.75 5.30 14.19
N MET C 94 -12.80 4.55 14.50
CA MET C 94 -14.08 5.13 14.89
C MET C 94 -14.07 5.61 16.34
N GLY C 95 -12.91 5.56 16.97
CA GLY C 95 -12.79 5.99 18.34
C GLY C 95 -11.82 5.13 19.13
N GLY C 96 -10.54 5.37 18.90
CA GLY C 96 -9.52 4.61 19.59
C GLY C 96 -8.15 5.18 19.36
N GLU A 1 0.70 -5.82 -9.45
CA GLU A 1 -0.12 -5.80 -8.21
C GLU A 1 0.37 -4.71 -7.28
N ALA A 2 -0.46 -4.33 -6.31
CA ALA A 2 -0.11 -3.30 -5.34
C ALA A 2 1.09 -3.70 -4.51
N ARG A 3 1.02 -4.88 -3.90
CA ARG A 3 2.10 -5.37 -3.07
C ARG A 3 2.09 -6.89 -3.05
N GLU A 4 3.17 -7.48 -2.51
CA GLU A 4 3.28 -8.93 -2.42
C GLU A 4 3.24 -9.36 -0.95
N CYS A 5 3.06 -10.66 -0.72
CA CYS A 5 3.02 -11.19 0.63
C CYS A 5 4.32 -11.92 0.93
N VAL A 6 4.53 -12.23 2.19
CA VAL A 6 5.73 -12.92 2.62
C VAL A 6 5.61 -14.42 2.42
N ASN A 7 4.37 -14.91 2.35
CA ASN A 7 4.16 -16.35 2.19
C ASN A 7 3.26 -16.69 1.01
N CYS A 8 2.57 -15.70 0.44
CA CYS A 8 1.71 -15.98 -0.70
C CYS A 8 1.81 -14.89 -1.77
N GLY A 9 0.95 -13.89 -1.68
CA GLY A 9 0.95 -12.80 -2.63
C GLY A 9 -0.45 -12.40 -3.03
N ALA A 10 -1.40 -12.56 -2.11
CA ALA A 10 -2.78 -12.20 -2.37
C ALA A 10 -3.05 -10.73 -2.08
N THR A 11 -3.09 -9.91 -3.12
CA THR A 11 -3.33 -8.49 -2.95
C THR A 11 -4.83 -8.21 -2.82
N ALA A 12 -5.62 -9.28 -2.83
CA ALA A 12 -7.07 -9.18 -2.70
C ALA A 12 -7.46 -8.94 -1.25
N THR A 13 -6.49 -9.00 -0.35
CA THR A 13 -6.74 -8.77 1.07
C THR A 13 -7.33 -7.37 1.27
N PRO A 14 -8.32 -7.23 2.17
CA PRO A 14 -8.97 -5.95 2.46
C PRO A 14 -7.98 -4.85 2.83
N LEU A 15 -6.86 -5.26 3.43
CA LEU A 15 -5.83 -4.32 3.84
C LEU A 15 -4.55 -5.07 4.16
N TRP A 16 -3.44 -4.65 3.56
CA TRP A 16 -2.15 -5.29 3.80
C TRP A 16 -1.69 -5.00 5.23
N ARG A 17 -1.40 -6.05 5.96
CA ARG A 17 -0.95 -5.92 7.34
C ARG A 17 0.55 -5.70 7.38
N ARG A 18 0.95 -4.49 7.74
CA ARG A 18 2.37 -4.15 7.82
C ARG A 18 2.75 -3.76 9.24
N ASP A 19 3.89 -4.27 9.69
CA ASP A 19 4.39 -3.98 11.02
C ASP A 19 5.44 -2.85 10.97
N ARG A 20 6.19 -2.70 12.05
CA ARG A 20 7.22 -1.66 12.12
C ARG A 20 8.40 -1.98 11.20
N THR A 21 8.80 -3.26 11.15
CA THR A 21 9.93 -3.65 10.31
C THR A 21 9.60 -3.54 8.83
N GLY A 22 8.35 -3.84 8.49
CA GLY A 22 7.93 -3.76 7.10
C GLY A 22 7.49 -5.10 6.54
N HIS A 23 7.11 -6.01 7.42
CA HIS A 23 6.68 -7.33 7.01
C HIS A 23 5.27 -7.26 6.45
N TYR A 24 5.16 -7.22 5.13
CA TYR A 24 3.87 -7.15 4.48
C TYR A 24 3.19 -8.51 4.47
N LEU A 25 2.11 -8.61 5.21
CA LEU A 25 1.34 -9.84 5.32
C LEU A 25 -0.06 -9.61 4.77
N CYS A 26 -0.56 -10.56 4.00
CA CYS A 26 -1.90 -10.47 3.43
C CYS A 26 -2.96 -10.36 4.52
N ASN A 27 -3.23 -11.50 5.13
CA ASN A 27 -4.19 -11.62 6.21
C ASN A 27 -4.12 -13.03 6.76
N ALA A 28 -3.89 -13.98 5.86
CA ALA A 28 -3.78 -15.39 6.23
C ALA A 28 -2.41 -15.68 6.80
N CYS A 29 -1.36 -15.33 6.04
CA CYS A 29 0.00 -15.56 6.47
C CYS A 29 0.38 -14.60 7.61
N GLY A 30 -0.43 -13.56 7.78
CA GLY A 30 -0.18 -12.60 8.82
C GLY A 30 -0.30 -13.18 10.21
N LEU A 31 -1.07 -14.26 10.31
CA LEU A 31 -1.29 -14.93 11.58
C LEU A 31 -0.06 -15.72 12.00
N TYR A 32 0.87 -15.92 11.08
CA TYR A 32 2.10 -16.66 11.34
C TYR A 32 2.97 -15.92 12.36
N HIS A 33 3.02 -14.60 12.22
CA HIS A 33 3.82 -13.76 13.10
C HIS A 33 3.07 -13.44 14.40
N LYS A 34 1.85 -13.95 14.52
CA LYS A 34 1.05 -13.70 15.71
C LYS A 34 0.73 -14.98 16.48
N MET A 35 0.05 -15.91 15.81
CA MET A 35 -0.33 -17.17 16.44
C MET A 35 0.87 -18.07 16.69
N ASN A 36 1.68 -18.27 15.66
CA ASN A 36 2.86 -19.13 15.78
C ASN A 36 4.02 -18.36 16.41
N GLY A 37 3.94 -17.04 16.35
CA GLY A 37 4.99 -16.21 16.93
C GLY A 37 6.30 -16.35 16.19
N GLN A 38 6.21 -16.63 14.89
CA GLN A 38 7.39 -16.79 14.06
C GLN A 38 7.59 -15.56 13.18
N ASN A 39 8.37 -15.70 12.13
CA ASN A 39 8.66 -14.59 11.23
C ASN A 39 7.64 -14.54 10.09
N GLY B 1 34.85 -8.14 -6.35
CA GLY B 1 34.73 -9.55 -6.83
C GLY B 1 33.62 -10.29 -6.11
N SER B 2 33.36 -11.53 -6.54
CA SER B 2 32.30 -12.35 -5.96
C SER B 2 30.92 -11.71 -6.18
N LEU B 3 29.90 -12.20 -5.49
CA LEU B 3 28.56 -11.66 -5.63
C LEU B 3 28.42 -10.36 -4.84
N LEU B 4 28.39 -10.47 -3.51
CA LEU B 4 28.26 -9.32 -2.60
C LEU B 4 26.89 -8.65 -2.71
N LYS B 5 26.61 -8.08 -3.88
CA LYS B 5 25.34 -7.41 -4.12
C LYS B 5 24.27 -8.40 -4.57
N PRO B 6 23.24 -8.62 -3.74
CA PRO B 6 22.17 -9.54 -4.07
C PRO B 6 21.08 -8.85 -4.90
N ALA B 7 21.43 -8.52 -6.13
CA ALA B 7 20.50 -7.85 -7.04
C ALA B 7 19.53 -8.85 -7.66
N ARG B 8 18.74 -9.48 -6.80
CA ARG B 8 17.75 -10.46 -7.24
C ARG B 8 16.53 -10.42 -6.35
N PHE B 9 15.36 -10.33 -6.96
CA PHE B 9 14.11 -10.30 -6.22
C PHE B 9 13.18 -11.38 -6.75
N MET B 10 13.75 -12.29 -7.52
CA MET B 10 13.01 -13.38 -8.13
C MET B 10 13.86 -14.63 -8.19
N CYS B 11 13.35 -15.73 -7.64
CA CYS B 11 14.08 -16.98 -7.65
C CYS B 11 13.76 -17.77 -8.91
N LEU B 12 14.70 -18.61 -9.30
CA LEU B 12 14.54 -19.45 -10.47
C LEU B 12 13.54 -20.59 -10.22
N PRO B 13 13.63 -21.31 -9.06
CA PRO B 13 12.69 -22.39 -8.75
C PRO B 13 11.28 -21.87 -8.46
N CYS B 14 11.19 -20.74 -7.77
CA CYS B 14 9.90 -20.14 -7.44
C CYS B 14 9.24 -19.54 -8.67
N GLY B 15 10.02 -18.74 -9.41
CA GLY B 15 9.50 -18.11 -10.61
C GLY B 15 8.64 -16.90 -10.30
N ILE B 16 8.46 -16.62 -9.02
CA ILE B 16 7.65 -15.50 -8.59
C ILE B 16 8.54 -14.28 -8.35
N ALA B 17 8.29 -13.22 -9.11
CA ALA B 17 9.06 -11.99 -8.98
C ALA B 17 8.44 -11.05 -7.95
N PHE B 18 9.25 -10.67 -6.97
CA PHE B 18 8.79 -9.77 -5.91
C PHE B 18 9.13 -8.33 -6.27
N SER B 19 8.81 -7.42 -5.37
CA SER B 19 9.08 -6.01 -5.60
C SER B 19 9.63 -5.34 -4.34
N SER B 20 9.28 -5.86 -3.19
CA SER B 20 9.74 -5.32 -1.93
C SER B 20 10.77 -6.26 -1.29
N PRO B 21 11.89 -5.72 -0.79
CA PRO B 21 12.93 -6.52 -0.16
C PRO B 21 12.48 -7.09 1.19
N SER B 22 11.56 -6.38 1.84
CA SER B 22 11.03 -6.78 3.13
C SER B 22 10.20 -8.06 3.02
N THR B 23 9.51 -8.22 1.89
CA THR B 23 8.69 -9.40 1.66
C THR B 23 9.56 -10.58 1.24
N LEU B 24 10.63 -10.28 0.51
CA LEU B 24 11.56 -11.29 0.03
C LEU B 24 12.27 -11.98 1.19
N GLU B 25 12.42 -11.25 2.30
CA GLU B 25 13.08 -11.78 3.49
C GLU B 25 12.43 -13.07 3.97
N ALA B 26 11.15 -12.99 4.28
CA ALA B 26 10.42 -14.16 4.75
C ALA B 26 10.20 -15.15 3.61
N HIS B 27 10.16 -14.62 2.39
CA HIS B 27 10.00 -15.47 1.22
C HIS B 27 11.17 -16.44 1.13
N GLN B 28 12.37 -15.93 1.29
CA GLN B 28 13.58 -16.73 1.20
C GLN B 28 13.79 -17.58 2.46
N ALA B 29 12.69 -18.02 3.05
CA ALA B 29 12.71 -18.84 4.24
C ALA B 29 11.57 -19.84 4.22
N TYR B 30 10.36 -19.36 3.98
CA TYR B 30 9.18 -20.24 3.97
C TYR B 30 8.53 -20.34 2.59
N TYR B 31 9.12 -19.73 1.57
CA TYR B 31 8.53 -19.78 0.23
C TYR B 31 9.35 -20.68 -0.70
N CYS B 32 10.67 -20.42 -0.83
CA CYS B 32 11.52 -21.24 -1.69
C CYS B 32 11.69 -22.63 -1.07
N SER B 33 10.67 -23.46 -1.22
CA SER B 33 10.67 -24.81 -0.66
C SER B 33 10.75 -24.75 0.86
N HIS B 34 11.97 -24.79 1.41
CA HIS B 34 12.19 -24.72 2.85
C HIS B 34 13.63 -24.29 3.13
N ARG B 35 13.89 -23.00 3.01
CA ARG B 35 15.22 -22.46 3.24
C ARG B 35 15.47 -22.25 4.73
N ILE B 36 15.30 -23.31 5.50
CA ILE B 36 15.48 -23.25 6.94
C ILE B 36 16.50 -24.28 7.38
N TYR C 1 -32.08 15.55 9.27
CA TYR C 1 -30.71 15.20 8.83
C TYR C 1 -29.68 15.94 9.67
N LEU C 2 -28.57 15.27 9.98
CA LEU C 2 -27.51 15.89 10.77
C LEU C 2 -26.50 16.55 9.86
N ARG C 3 -26.34 17.86 10.03
CA ARG C 3 -25.41 18.62 9.20
C ARG C 3 -24.06 18.77 9.87
N LEU C 4 -23.97 18.40 11.13
CA LEU C 4 -22.71 18.49 11.88
C LEU C 4 -21.86 17.27 11.61
N PHE C 5 -20.59 17.50 11.28
CA PHE C 5 -19.66 16.43 10.99
C PHE C 5 -18.33 16.65 11.71
N GLY C 6 -17.62 15.55 11.96
CA GLY C 6 -16.33 15.64 12.62
C GLY C 6 -15.19 15.59 11.64
N GLN C 7 -15.52 15.58 10.36
CA GLN C 7 -14.54 15.54 9.29
C GLN C 7 -14.40 16.92 8.65
N ASP C 8 -13.82 16.97 7.46
CA ASP C 8 -13.63 18.25 6.76
C ASP C 8 -14.98 18.80 6.29
N GLY C 9 -15.89 17.91 5.90
CA GLY C 9 -17.19 18.35 5.45
C GLY C 9 -17.88 17.33 4.58
N LEU C 10 -17.67 17.42 3.28
CA LEU C 10 -18.30 16.51 2.33
C LEU C 10 -17.28 15.81 1.47
N CYS C 11 -17.73 14.78 0.78
CA CYS C 11 -16.86 14.00 -0.09
C CYS C 11 -16.80 14.65 -1.47
N ALA C 12 -15.63 14.63 -2.07
CA ALA C 12 -15.45 15.21 -3.40
C ALA C 12 -15.69 14.14 -4.46
N SER C 13 -15.79 12.90 -4.03
CA SER C 13 -16.02 11.79 -4.93
C SER C 13 -17.52 11.53 -5.04
N CYS C 14 -18.21 11.62 -3.92
CA CYS C 14 -19.65 11.41 -3.90
C CYS C 14 -20.30 12.54 -3.10
N ASP C 15 -21.45 13.00 -3.57
CA ASP C 15 -22.16 14.10 -2.91
C ASP C 15 -22.86 13.66 -1.63
N LYS C 16 -22.08 13.23 -0.65
CA LYS C 16 -22.62 12.79 0.62
C LYS C 16 -21.80 13.33 1.77
N ARG C 17 -22.46 13.71 2.85
CA ARG C 17 -21.77 14.21 4.03
C ARG C 17 -21.02 13.08 4.70
N ILE C 18 -19.80 13.34 5.12
CA ILE C 18 -18.99 12.32 5.75
C ILE C 18 -19.47 12.05 7.17
N ARG C 19 -19.46 10.78 7.55
CA ARG C 19 -19.88 10.34 8.88
C ARG C 19 -18.68 9.73 9.60
N ALA C 20 -18.93 9.16 10.79
CA ALA C 20 -17.85 8.54 11.55
C ALA C 20 -17.43 7.22 10.89
N TYR C 21 -18.22 6.79 9.92
CA TYR C 21 -17.96 5.56 9.18
C TYR C 21 -17.00 5.83 8.02
N GLU C 22 -16.19 6.86 8.17
CA GLU C 22 -15.21 7.24 7.15
C GLU C 22 -14.13 6.17 7.01
N MET C 23 -13.34 5.99 8.07
CA MET C 23 -12.28 4.99 8.10
C MET C 23 -11.34 5.18 6.91
N THR C 24 -10.95 6.42 6.68
CA THR C 24 -10.08 6.75 5.58
C THR C 24 -8.70 7.19 6.08
N MET C 25 -7.89 7.74 5.18
CA MET C 25 -6.56 8.20 5.53
C MET C 25 -6.44 9.71 5.31
N ARG C 26 -5.44 10.31 5.93
CA ARG C 26 -5.21 11.74 5.82
C ARG C 26 -4.80 12.13 4.40
N VAL C 27 -5.45 13.17 3.89
CA VAL C 27 -5.16 13.68 2.57
C VAL C 27 -4.78 15.16 2.66
N LYS C 28 -4.85 15.87 1.55
CA LYS C 28 -4.52 17.30 1.54
C LYS C 28 -5.51 18.10 2.37
N ASP C 29 -6.79 17.81 2.19
CA ASP C 29 -7.84 18.51 2.93
C ASP C 29 -9.12 17.69 2.91
N LYS C 30 -9.69 17.54 1.72
CA LYS C 30 -10.92 16.77 1.55
C LYS C 30 -10.64 15.28 1.73
N VAL C 31 -11.33 14.66 2.66
CA VAL C 31 -11.14 13.25 2.95
C VAL C 31 -12.20 12.40 2.26
N TYR C 32 -11.78 11.55 1.35
CA TYR C 32 -12.68 10.68 0.61
C TYR C 32 -13.13 9.52 1.51
N HIS C 33 -14.23 8.88 1.11
CA HIS C 33 -14.76 7.75 1.87
C HIS C 33 -13.92 6.50 1.62
N LEU C 34 -14.12 5.47 2.43
CA LEU C 34 -13.37 4.22 2.26
C LEU C 34 -13.69 3.58 0.91
N GLU C 35 -14.89 3.86 0.41
CA GLU C 35 -15.34 3.35 -0.88
C GLU C 35 -14.96 4.32 -2.00
N CYS C 36 -14.71 5.55 -1.61
CA CYS C 36 -14.35 6.61 -2.53
C CYS C 36 -12.84 6.82 -2.54
N PHE C 37 -12.12 5.88 -1.94
CA PHE C 37 -10.66 5.94 -1.87
C PHE C 37 -10.06 4.74 -2.59
N LYS C 38 -9.74 4.92 -3.87
CA LYS C 38 -9.16 3.86 -4.68
C LYS C 38 -8.42 4.47 -5.87
N CYS C 39 -7.56 3.67 -6.49
CA CYS C 39 -6.78 4.12 -7.63
C CYS C 39 -7.68 4.50 -8.81
N ALA C 40 -7.19 5.43 -9.61
CA ALA C 40 -7.92 5.90 -10.78
C ALA C 40 -7.51 5.09 -12.00
N ALA C 41 -6.47 4.29 -11.86
CA ALA C 41 -5.99 3.46 -12.97
C ALA C 41 -6.29 1.99 -12.75
N CYS C 42 -5.71 1.39 -11.71
CA CYS C 42 -5.91 -0.03 -11.45
C CYS C 42 -7.09 -0.27 -10.50
N GLN C 43 -7.56 0.80 -9.87
CA GLN C 43 -8.71 0.74 -8.96
C GLN C 43 -8.43 -0.12 -7.72
N LYS C 44 -7.17 -0.33 -7.39
CA LYS C 44 -6.85 -1.15 -6.22
C LYS C 44 -6.87 -0.31 -4.96
N HIS C 45 -6.96 -0.97 -3.81
CA HIS C 45 -6.98 -0.28 -2.54
C HIS C 45 -5.57 0.03 -2.07
N PHE C 46 -5.44 1.04 -1.24
CA PHE C 46 -4.15 1.44 -0.70
C PHE C 46 -3.93 0.80 0.66
N SER C 47 -2.71 0.87 1.16
CA SER C 47 -2.37 0.32 2.46
C SER C 47 -1.37 1.21 3.17
N VAL C 48 -1.30 1.07 4.48
CA VAL C 48 -0.37 1.87 5.28
C VAL C 48 1.08 1.52 4.98
N GLY C 49 1.84 2.51 4.54
CA GLY C 49 3.23 2.30 4.22
C GLY C 49 3.50 2.42 2.73
N ASP C 50 2.45 2.30 1.93
CA ASP C 50 2.59 2.40 0.48
C ASP C 50 2.54 3.87 0.05
N ARG C 51 2.99 4.15 -1.15
CA ARG C 51 3.00 5.51 -1.66
C ARG C 51 1.74 5.80 -2.46
N TYR C 52 1.30 7.05 -2.45
CA TYR C 52 0.10 7.45 -3.17
C TYR C 52 0.20 8.89 -3.64
N LEU C 53 -0.58 9.24 -4.65
CA LEU C 53 -0.60 10.58 -5.18
C LEU C 53 -2.03 11.02 -5.49
N LEU C 54 -2.41 12.20 -5.01
CA LEU C 54 -3.74 12.73 -5.25
C LEU C 54 -3.73 13.63 -6.48
N ILE C 55 -4.61 13.34 -7.42
CA ILE C 55 -4.69 14.13 -8.64
C ILE C 55 -5.74 15.23 -8.47
N ASN C 56 -6.46 15.55 -9.53
CA ASN C 56 -7.48 16.58 -9.48
C ASN C 56 -8.84 15.98 -9.13
N SER C 57 -8.98 14.69 -9.36
CA SER C 57 -10.22 13.99 -9.08
C SER C 57 -10.00 12.85 -8.09
N ASP C 58 -9.44 11.75 -8.59
CA ASP C 58 -9.18 10.58 -7.76
C ASP C 58 -7.71 10.50 -7.37
N ILE C 59 -7.33 9.37 -6.77
CA ILE C 59 -5.96 9.14 -6.35
C ILE C 59 -5.32 8.03 -7.18
N VAL C 60 -4.01 7.95 -7.16
CA VAL C 60 -3.27 6.94 -7.90
C VAL C 60 -2.26 6.24 -7.00
N CYS C 61 -2.01 4.96 -7.25
CA CYS C 61 -1.09 4.17 -6.46
C CYS C 61 0.37 4.49 -6.83
N GLU C 62 1.27 3.59 -6.45
CA GLU C 62 2.68 3.76 -6.76
C GLU C 62 3.11 2.71 -7.78
N GLN C 63 2.18 1.84 -8.15
CA GLN C 63 2.48 0.77 -9.09
C GLN C 63 2.25 1.23 -10.53
N ASP C 64 1.19 1.99 -10.75
CA ASP C 64 0.88 2.47 -12.09
C ASP C 64 1.04 3.99 -12.19
N ILE C 65 1.47 4.61 -11.09
CA ILE C 65 1.66 6.06 -11.04
C ILE C 65 2.62 6.55 -12.12
N TYR C 66 3.58 5.70 -12.47
CA TYR C 66 4.58 6.05 -13.48
C TYR C 66 3.93 6.27 -14.84
N GLU C 67 2.84 5.56 -15.09
CA GLU C 67 2.13 5.69 -16.35
C GLU C 67 1.20 6.88 -16.33
N TRP C 68 0.44 7.00 -15.25
CA TRP C 68 -0.52 8.09 -15.07
C TRP C 68 0.16 9.45 -15.26
N THR C 69 1.35 9.59 -14.69
CA THR C 69 2.09 10.84 -14.77
C THR C 69 2.60 11.11 -16.19
N LYS C 70 3.06 10.06 -16.87
CA LYS C 70 3.57 10.20 -18.23
C LYS C 70 2.45 10.52 -19.22
N ILE C 71 1.27 9.96 -18.95
CA ILE C 71 0.11 10.18 -19.80
C ILE C 71 -0.47 11.57 -19.59
N ASN C 72 -0.69 11.95 -18.34
CA ASN C 72 -1.26 13.25 -18.01
C ASN C 72 -0.24 14.37 -18.17
N GLY C 73 1.03 14.03 -18.10
CA GLY C 73 2.08 15.03 -18.23
C GLY C 73 2.70 15.36 -16.90
N GLY C 74 4.02 15.28 -16.82
CA GLY C 74 4.71 15.59 -15.58
C GLY C 74 5.84 14.62 -15.27
N SER C 75 6.59 14.26 -16.30
CA SER C 75 7.72 13.35 -16.14
C SER C 75 9.02 14.11 -15.99
N GLY C 76 9.83 13.74 -15.01
CA GLY C 76 11.09 14.41 -14.78
C GLY C 76 12.27 13.65 -15.36
N GLY C 77 12.02 13.00 -16.49
CA GLY C 77 13.07 12.23 -17.14
C GLY C 77 13.06 10.78 -16.66
N SER C 78 13.50 9.88 -17.53
CA SER C 78 13.53 8.47 -17.21
C SER C 78 14.68 8.16 -16.25
N GLY C 79 14.38 8.22 -14.97
CA GLY C 79 15.39 7.95 -13.95
C GLY C 79 15.59 9.11 -13.01
N GLY C 80 15.07 10.27 -13.38
CA GLY C 80 15.22 11.46 -12.56
C GLY C 80 14.00 11.71 -11.69
N SER C 81 14.00 12.84 -10.99
CA SER C 81 12.89 13.20 -10.12
C SER C 81 11.85 14.01 -10.89
N GLY C 82 10.58 13.83 -10.55
CA GLY C 82 9.52 14.55 -11.23
C GLY C 82 8.70 15.38 -10.27
N GLY C 83 7.90 14.70 -9.45
CA GLY C 83 7.08 15.39 -8.49
C GLY C 83 7.22 14.80 -7.09
N ASP C 84 6.56 15.41 -6.12
CA ASP C 84 6.62 14.95 -4.74
C ASP C 84 5.59 13.86 -4.50
N VAL C 85 6.02 12.78 -3.87
CA VAL C 85 5.13 11.66 -3.57
C VAL C 85 4.95 11.55 -2.05
N MET C 86 3.76 11.13 -1.63
CA MET C 86 3.48 10.97 -0.21
C MET C 86 3.26 9.51 0.14
N VAL C 87 3.37 9.20 1.42
CA VAL C 87 3.19 7.83 1.90
C VAL C 87 1.88 7.71 2.67
N VAL C 88 1.13 6.65 2.38
CA VAL C 88 -0.16 6.41 3.04
C VAL C 88 0.06 6.09 4.50
N GLY C 89 -0.47 6.93 5.37
CA GLY C 89 -0.34 6.73 6.80
C GLY C 89 -1.42 5.82 7.34
N GLU C 90 -1.49 5.71 8.66
CA GLU C 90 -2.49 4.88 9.32
C GLU C 90 -3.86 5.54 9.23
N PRO C 91 -4.92 4.73 9.00
CA PRO C 91 -6.30 5.24 8.89
C PRO C 91 -6.84 5.77 10.22
N THR C 92 -7.85 6.62 10.14
CA THR C 92 -8.45 7.20 11.32
C THR C 92 -9.48 6.24 11.95
N LEU C 93 -9.47 6.19 13.27
CA LEU C 93 -10.40 5.34 14.00
C LEU C 93 -11.58 6.16 14.49
N MET C 94 -12.64 5.49 14.91
CA MET C 94 -13.84 6.18 15.38
C MET C 94 -13.86 6.28 16.90
N GLY C 95 -12.73 5.98 17.52
CA GLY C 95 -12.64 6.03 18.96
C GLY C 95 -11.42 5.30 19.47
N GLY C 96 -10.40 6.06 19.84
CA GLY C 96 -9.18 5.47 20.35
C GLY C 96 -8.02 5.64 19.39
N GLU A 1 0.22 -4.98 -9.30
CA GLU A 1 0.01 -5.47 -7.92
C GLU A 1 0.20 -4.34 -6.92
N ALA A 2 -0.62 -4.29 -5.89
CA ALA A 2 -0.51 -3.25 -4.87
C ALA A 2 0.71 -3.51 -3.99
N ARG A 3 0.95 -4.79 -3.71
CA ARG A 3 2.08 -5.22 -2.90
C ARG A 3 2.17 -6.74 -2.97
N GLU A 4 3.10 -7.32 -2.23
CA GLU A 4 3.28 -8.76 -2.22
C GLU A 4 3.19 -9.30 -0.80
N CYS A 5 3.06 -10.62 -0.68
CA CYS A 5 3.00 -11.27 0.62
C CYS A 5 4.29 -12.05 0.84
N VAL A 6 4.68 -12.20 2.09
CA VAL A 6 5.89 -12.93 2.43
C VAL A 6 5.73 -14.43 2.21
N ASN A 7 4.49 -14.89 2.16
CA ASN A 7 4.24 -16.31 2.01
C ASN A 7 3.44 -16.62 0.74
N CYS A 8 2.74 -15.63 0.18
CA CYS A 8 1.98 -15.89 -1.03
C CYS A 8 2.08 -14.75 -2.04
N GLY A 9 1.17 -13.79 -1.93
CA GLY A 9 1.15 -12.67 -2.83
C GLY A 9 -0.26 -12.32 -3.26
N ALA A 10 -1.22 -12.62 -2.38
CA ALA A 10 -2.62 -12.34 -2.66
C ALA A 10 -2.94 -10.86 -2.53
N THR A 11 -2.84 -10.15 -3.64
CA THR A 11 -3.11 -8.72 -3.66
C THR A 11 -4.62 -8.46 -3.52
N ALA A 12 -5.39 -9.54 -3.55
CA ALA A 12 -6.84 -9.47 -3.44
C ALA A 12 -7.27 -9.21 -1.99
N THR A 13 -6.32 -9.31 -1.06
CA THR A 13 -6.60 -9.07 0.35
C THR A 13 -7.17 -7.66 0.54
N PRO A 14 -8.14 -7.50 1.45
CA PRO A 14 -8.77 -6.20 1.71
C PRO A 14 -7.76 -5.12 2.08
N LEU A 15 -6.86 -5.47 2.98
CA LEU A 15 -5.83 -4.55 3.43
C LEU A 15 -4.59 -5.32 3.84
N TRP A 16 -3.44 -4.86 3.41
CA TRP A 16 -2.17 -5.50 3.72
C TRP A 16 -1.84 -5.38 5.19
N ARG A 17 -1.36 -6.46 5.77
CA ARG A 17 -0.99 -6.48 7.17
C ARG A 17 0.49 -6.18 7.32
N ARG A 18 0.81 -4.94 7.66
CA ARG A 18 2.20 -4.53 7.83
C ARG A 18 2.53 -4.37 9.31
N ASP A 19 3.73 -4.79 9.68
CA ASP A 19 4.19 -4.67 11.06
C ASP A 19 5.08 -3.43 11.21
N ARG A 20 5.75 -3.32 12.35
CA ARG A 20 6.62 -2.17 12.61
C ARG A 20 7.86 -2.17 11.69
N THR A 21 8.37 -3.35 11.35
CA THR A 21 9.55 -3.42 10.49
C THR A 21 9.19 -3.18 9.03
N GLY A 22 8.13 -3.81 8.57
CA GLY A 22 7.71 -3.63 7.19
C GLY A 22 7.28 -4.94 6.55
N HIS A 23 7.04 -5.94 7.39
CA HIS A 23 6.61 -7.25 6.92
C HIS A 23 5.25 -7.14 6.28
N TYR A 24 5.17 -7.44 5.00
CA TYR A 24 3.91 -7.37 4.29
C TYR A 24 3.30 -8.75 4.14
N LEU A 25 2.14 -8.93 4.77
CA LEU A 25 1.43 -10.18 4.72
C LEU A 25 -0.01 -9.91 4.28
N CYS A 26 -0.54 -10.81 3.46
CA CYS A 26 -1.91 -10.66 2.95
C CYS A 26 -2.91 -10.54 4.10
N ASN A 27 -3.16 -11.66 4.75
CA ASN A 27 -4.08 -11.74 5.87
C ASN A 27 -4.05 -13.16 6.41
N ALA A 28 -4.02 -14.12 5.49
CA ALA A 28 -3.98 -15.53 5.85
C ALA A 28 -2.60 -15.88 6.43
N CYS A 29 -1.56 -15.61 5.65
CA CYS A 29 -0.20 -15.87 6.10
C CYS A 29 0.20 -14.87 7.19
N GLY A 30 -0.58 -13.80 7.31
CA GLY A 30 -0.32 -12.77 8.29
C GLY A 30 -0.48 -13.27 9.72
N LEU A 31 -1.25 -14.35 9.89
CA LEU A 31 -1.48 -14.92 11.21
C LEU A 31 -0.25 -15.68 11.70
N TYR A 32 0.71 -15.90 10.82
CA TYR A 32 1.93 -16.64 11.16
C TYR A 32 2.74 -15.92 12.24
N HIS A 33 2.75 -14.60 12.18
CA HIS A 33 3.52 -13.79 13.13
C HIS A 33 2.76 -13.55 14.43
N LYS A 34 1.60 -14.16 14.57
CA LYS A 34 0.79 -13.98 15.78
C LYS A 34 0.34 -15.31 16.38
N MET A 35 -0.35 -16.11 15.57
CA MET A 35 -0.85 -17.40 16.02
C MET A 35 0.30 -18.39 16.21
N ASN A 36 1.24 -18.39 15.27
CA ASN A 36 2.40 -19.28 15.33
C ASN A 36 3.51 -18.64 16.12
N GLY A 37 3.59 -17.31 16.04
CA GLY A 37 4.63 -16.59 16.75
C GLY A 37 5.92 -16.55 15.97
N GLN A 38 5.85 -17.00 14.72
CA GLN A 38 7.02 -17.04 13.86
C GLN A 38 7.16 -15.71 13.12
N ASN A 39 8.06 -15.67 12.16
CA ASN A 39 8.31 -14.45 11.40
C ASN A 39 7.50 -14.47 10.11
N GLY B 1 35.75 -7.33 -5.24
CA GLY B 1 35.28 -8.50 -6.02
C GLY B 1 34.04 -9.11 -5.44
N SER B 2 33.62 -10.25 -5.98
CA SER B 2 32.43 -10.96 -5.52
C SER B 2 31.16 -10.14 -5.78
N LEU B 3 30.02 -10.66 -5.32
CA LEU B 3 28.76 -9.98 -5.48
C LEU B 3 28.64 -8.83 -4.49
N LEU B 4 28.73 -9.16 -3.20
CA LEU B 4 28.65 -8.18 -2.11
C LEU B 4 27.24 -7.62 -1.97
N LYS B 5 26.75 -6.97 -3.01
CA LYS B 5 25.42 -6.39 -3.00
C LYS B 5 24.41 -7.32 -3.67
N PRO B 6 23.47 -7.86 -2.88
CA PRO B 6 22.44 -8.78 -3.39
C PRO B 6 21.32 -8.05 -4.12
N ALA B 7 21.66 -7.48 -5.27
CA ALA B 7 20.69 -6.73 -6.07
C ALA B 7 19.79 -7.66 -6.89
N ARG B 8 19.15 -8.60 -6.20
CA ARG B 8 18.25 -9.56 -6.84
C ARG B 8 17.00 -9.74 -6.01
N PHE B 9 15.85 -9.66 -6.66
CA PHE B 9 14.57 -9.83 -5.98
C PHE B 9 13.72 -10.90 -6.66
N MET B 10 14.40 -11.83 -7.34
CA MET B 10 13.72 -12.91 -8.04
C MET B 10 14.62 -14.13 -8.10
N CYS B 11 14.20 -15.19 -7.42
CA CYS B 11 14.95 -16.43 -7.42
C CYS B 11 14.63 -17.25 -8.67
N LEU B 12 15.58 -18.06 -9.09
CA LEU B 12 15.42 -18.90 -10.27
C LEU B 12 14.37 -20.00 -10.02
N PRO B 13 14.43 -20.74 -8.87
CA PRO B 13 13.46 -21.79 -8.57
C PRO B 13 12.04 -21.26 -8.49
N CYS B 14 11.87 -20.20 -7.68
CA CYS B 14 10.58 -19.58 -7.49
C CYS B 14 10.07 -18.94 -8.77
N GLY B 15 10.88 -18.07 -9.35
CA GLY B 15 10.51 -17.40 -10.58
C GLY B 15 9.55 -16.24 -10.36
N ILE B 16 9.23 -15.99 -9.10
CA ILE B 16 8.32 -14.92 -8.74
C ILE B 16 9.11 -13.70 -8.30
N ALA B 17 9.09 -12.67 -9.12
CA ALA B 17 9.80 -11.43 -8.82
C ALA B 17 9.02 -10.58 -7.81
N PHE B 18 9.72 -10.11 -6.80
CA PHE B 18 9.11 -9.27 -5.78
C PHE B 18 9.43 -7.81 -6.04
N SER B 19 8.89 -6.92 -5.23
CA SER B 19 9.11 -5.50 -5.38
C SER B 19 9.63 -4.87 -4.09
N SER B 20 9.19 -5.42 -2.96
CA SER B 20 9.60 -4.90 -1.66
C SER B 20 10.66 -5.82 -1.04
N PRO B 21 11.76 -5.24 -0.53
CA PRO B 21 12.84 -6.01 0.08
C PRO B 21 12.41 -6.65 1.40
N SER B 22 11.42 -6.05 2.04
CA SER B 22 10.91 -6.55 3.30
C SER B 22 10.17 -7.87 3.12
N THR B 23 9.46 -8.00 2.01
CA THR B 23 8.70 -9.21 1.72
C THR B 23 9.63 -10.34 1.30
N LEU B 24 10.75 -9.98 0.68
CA LEU B 24 11.72 -10.96 0.21
C LEU B 24 12.41 -11.65 1.38
N GLU B 25 12.45 -10.98 2.54
CA GLU B 25 13.09 -11.52 3.74
C GLU B 25 12.48 -12.86 4.14
N ALA B 26 11.19 -12.84 4.48
CA ALA B 26 10.50 -14.06 4.88
C ALA B 26 10.33 -15.00 3.70
N HIS B 27 10.28 -14.43 2.49
CA HIS B 27 10.16 -15.24 1.28
C HIS B 27 11.32 -16.22 1.23
N GLN B 28 12.51 -15.73 1.59
CA GLN B 28 13.73 -16.53 1.59
C GLN B 28 13.75 -17.52 2.75
N ALA B 29 12.65 -18.24 2.93
CA ALA B 29 12.51 -19.22 3.99
C ALA B 29 11.34 -20.14 3.72
N TYR B 30 10.16 -19.54 3.53
CA TYR B 30 8.95 -20.31 3.28
C TYR B 30 8.62 -20.43 1.79
N TYR B 31 9.14 -19.53 0.97
CA TYR B 31 8.83 -19.55 -0.45
C TYR B 31 9.82 -20.36 -1.29
N CYS B 32 11.12 -20.09 -1.18
CA CYS B 32 12.11 -20.83 -1.95
C CYS B 32 12.23 -22.26 -1.42
N SER B 33 11.23 -23.09 -1.74
CA SER B 33 11.19 -24.48 -1.32
C SER B 33 11.07 -24.60 0.21
N HIS B 34 12.19 -24.43 0.91
CA HIS B 34 12.22 -24.51 2.37
C HIS B 34 13.62 -24.18 2.87
N ARG B 35 13.92 -22.89 2.95
CA ARG B 35 15.22 -22.43 3.41
C ARG B 35 15.26 -22.33 4.93
N ILE B 36 15.30 -23.46 5.59
CA ILE B 36 15.32 -23.50 7.04
C ILE B 36 16.53 -24.29 7.53
N TYR C 1 -17.18 18.90 28.82
CA TYR C 1 -15.99 19.78 28.72
C TYR C 1 -15.00 19.17 27.73
N LEU C 2 -14.66 17.90 27.94
CA LEU C 2 -13.72 17.21 27.06
C LEU C 2 -14.46 16.68 25.83
N ARG C 3 -14.41 17.45 24.75
CA ARG C 3 -15.06 17.07 23.50
C ARG C 3 -14.29 17.63 22.31
N LEU C 4 -13.79 16.75 21.46
CA LEU C 4 -13.03 17.18 20.29
C LEU C 4 -13.31 16.29 19.09
N PHE C 5 -13.16 16.87 17.90
CA PHE C 5 -13.38 16.16 16.64
C PHE C 5 -12.59 16.86 15.54
N GLY C 6 -11.91 16.07 14.70
CA GLY C 6 -11.11 16.67 13.65
C GLY C 6 -11.47 16.17 12.27
N GLN C 7 -12.76 16.12 11.96
CA GLN C 7 -13.21 15.67 10.64
C GLN C 7 -13.48 16.87 9.75
N ASP C 8 -13.28 16.72 8.45
CA ASP C 8 -13.50 17.81 7.52
C ASP C 8 -14.99 18.14 7.43
N GLY C 9 -15.76 17.29 6.76
CA GLY C 9 -17.18 17.53 6.64
C GLY C 9 -17.75 16.99 5.35
N LEU C 10 -17.19 17.43 4.23
CA LEU C 10 -17.68 17.00 2.92
C LEU C 10 -16.62 16.23 2.16
N CYS C 11 -17.07 15.37 1.26
CA CYS C 11 -16.17 14.56 0.45
C CYS C 11 -15.65 15.36 -0.74
N ALA C 12 -14.95 14.66 -1.61
CA ALA C 12 -14.40 15.27 -2.81
C ALA C 12 -14.70 14.39 -4.01
N SER C 13 -15.02 13.13 -3.74
CA SER C 13 -15.34 12.18 -4.78
C SER C 13 -16.85 12.04 -4.90
N CYS C 14 -17.53 12.12 -3.76
CA CYS C 14 -18.98 12.01 -3.74
C CYS C 14 -19.56 13.31 -3.17
N ASP C 15 -20.82 13.27 -2.77
CA ASP C 15 -21.47 14.45 -2.22
C ASP C 15 -22.11 14.11 -0.87
N LYS C 16 -21.64 13.03 -0.27
CA LYS C 16 -22.16 12.59 1.01
C LYS C 16 -21.33 13.18 2.16
N ARG C 17 -22.01 13.57 3.22
CA ARG C 17 -21.34 14.15 4.39
C ARG C 17 -20.52 13.08 5.10
N ILE C 18 -19.35 13.47 5.59
CA ILE C 18 -18.48 12.56 6.31
C ILE C 18 -18.94 12.42 7.75
N ARG C 19 -18.94 11.18 8.25
CA ARG C 19 -19.36 10.91 9.62
C ARG C 19 -18.29 10.09 10.34
N ALA C 20 -18.70 9.31 11.31
CA ALA C 20 -17.77 8.48 12.07
C ALA C 20 -17.26 7.31 11.23
N TYR C 21 -18.09 6.89 10.29
CA TYR C 21 -17.73 5.79 9.40
C TYR C 21 -16.92 6.32 8.22
N GLU C 22 -15.67 6.64 8.47
CA GLU C 22 -14.79 7.15 7.44
C GLU C 22 -13.80 6.09 6.99
N MET C 23 -13.04 5.54 7.94
CA MET C 23 -12.04 4.50 7.68
C MET C 23 -11.11 4.90 6.54
N THR C 24 -10.63 6.13 6.59
CA THR C 24 -9.74 6.63 5.56
C THR C 24 -8.39 7.04 6.15
N MET C 25 -7.47 7.43 5.28
CA MET C 25 -6.14 7.84 5.70
C MET C 25 -6.05 9.37 5.73
N ARG C 26 -4.98 9.89 6.29
CA ARG C 26 -4.80 11.33 6.36
C ARG C 26 -4.35 11.88 5.01
N VAL C 27 -5.20 12.72 4.44
CA VAL C 27 -4.91 13.34 3.14
C VAL C 27 -4.51 14.79 3.36
N LYS C 28 -4.18 15.50 2.28
CA LYS C 28 -3.78 16.91 2.35
C LYS C 28 -4.83 17.75 3.06
N ASP C 29 -6.06 17.65 2.60
CA ASP C 29 -7.18 18.40 3.19
C ASP C 29 -8.46 17.60 3.11
N LYS C 30 -8.93 17.41 1.90
CA LYS C 30 -10.15 16.66 1.65
C LYS C 30 -9.94 15.17 1.93
N VAL C 31 -10.65 14.67 2.92
CA VAL C 31 -10.56 13.26 3.30
C VAL C 31 -11.63 12.45 2.59
N TYR C 32 -11.20 11.67 1.61
CA TYR C 32 -12.12 10.83 0.84
C TYR C 32 -12.64 9.69 1.70
N HIS C 33 -13.80 9.16 1.35
CA HIS C 33 -14.41 8.05 2.08
C HIS C 33 -13.61 6.77 1.84
N LEU C 34 -13.83 5.74 2.66
CA LEU C 34 -13.12 4.48 2.50
C LEU C 34 -13.42 3.86 1.14
N GLU C 35 -14.60 4.16 0.62
CA GLU C 35 -15.03 3.65 -0.68
C GLU C 35 -14.71 4.66 -1.78
N CYS C 36 -14.56 5.91 -1.37
CA CYS C 36 -14.26 6.97 -2.30
C CYS C 36 -12.76 7.07 -2.57
N PHE C 37 -11.97 6.49 -1.67
CA PHE C 37 -10.52 6.47 -1.81
C PHE C 37 -10.09 5.29 -2.66
N LYS C 38 -10.14 5.45 -3.97
CA LYS C 38 -9.75 4.39 -4.89
C LYS C 38 -8.90 4.96 -6.03
N CYS C 39 -7.97 4.15 -6.52
CA CYS C 39 -7.09 4.56 -7.61
C CYS C 39 -7.90 4.94 -8.84
N ALA C 40 -7.38 5.88 -9.60
CA ALA C 40 -8.03 6.35 -10.81
C ALA C 40 -7.58 5.55 -12.02
N ALA C 41 -6.57 4.69 -11.83
CA ALA C 41 -6.05 3.91 -12.93
C ALA C 41 -6.39 2.42 -12.81
N CYS C 42 -6.16 1.84 -11.63
CA CYS C 42 -6.44 0.41 -11.45
C CYS C 42 -7.61 0.17 -10.49
N GLN C 43 -7.95 1.18 -9.71
CA GLN C 43 -9.07 1.10 -8.75
C GLN C 43 -8.81 0.05 -7.67
N LYS C 44 -7.54 -0.24 -7.41
CA LYS C 44 -7.19 -1.23 -6.40
C LYS C 44 -7.17 -0.60 -5.02
N HIS C 45 -6.94 -1.43 -4.00
CA HIS C 45 -6.89 -0.95 -2.63
C HIS C 45 -5.47 -0.50 -2.29
N PHE C 46 -5.36 0.50 -1.45
CA PHE C 46 -4.07 1.02 -1.05
C PHE C 46 -3.56 0.30 0.20
N SER C 47 -2.46 0.79 0.73
CA SER C 47 -1.85 0.23 1.93
C SER C 47 -1.33 1.37 2.79
N VAL C 48 -0.90 1.06 4.00
CA VAL C 48 -0.38 2.07 4.90
C VAL C 48 1.15 2.07 4.90
N GLY C 49 1.73 3.20 4.54
CA GLY C 49 3.18 3.32 4.51
C GLY C 49 3.71 3.45 3.09
N ASP C 50 2.87 3.15 2.12
CA ASP C 50 3.25 3.25 0.72
C ASP C 50 3.00 4.65 0.19
N ARG C 51 3.58 4.96 -0.96
CA ARG C 51 3.44 6.29 -1.55
C ARG C 51 2.27 6.33 -2.52
N TYR C 52 1.75 7.52 -2.76
CA TYR C 52 0.63 7.70 -3.67
C TYR C 52 0.69 9.07 -4.35
N LEU C 53 -0.14 9.26 -5.36
CA LEU C 53 -0.18 10.53 -6.08
C LEU C 53 -1.60 11.10 -6.05
N LEU C 54 -1.73 12.34 -5.63
CA LEU C 54 -3.03 12.98 -5.56
C LEU C 54 -3.28 13.78 -6.84
N ILE C 55 -4.38 13.46 -7.51
CA ILE C 55 -4.75 14.14 -8.75
C ILE C 55 -5.86 15.16 -8.46
N ASN C 56 -6.19 15.98 -9.44
CA ASN C 56 -7.23 17.00 -9.27
C ASN C 56 -8.59 16.34 -9.09
N SER C 57 -8.73 15.14 -9.65
CA SER C 57 -9.97 14.40 -9.56
C SER C 57 -9.87 13.31 -8.49
N ASP C 58 -9.26 12.19 -8.84
CA ASP C 58 -9.11 11.07 -7.91
C ASP C 58 -7.66 10.93 -7.47
N ILE C 59 -7.31 9.77 -6.93
CA ILE C 59 -5.95 9.50 -6.48
C ILE C 59 -5.36 8.35 -7.26
N VAL C 60 -4.04 8.24 -7.27
CA VAL C 60 -3.35 7.18 -7.98
C VAL C 60 -2.38 6.45 -7.06
N CYS C 61 -2.26 5.15 -7.24
CA CYS C 61 -1.38 4.33 -6.44
C CYS C 61 0.08 4.49 -6.88
N GLU C 62 0.95 3.64 -6.37
CA GLU C 62 2.35 3.68 -6.75
C GLU C 62 2.66 2.55 -7.72
N GLN C 63 1.66 1.72 -7.96
CA GLN C 63 1.80 0.58 -8.86
C GLN C 63 1.72 1.05 -10.31
N ASP C 64 0.82 1.99 -10.58
CA ASP C 64 0.64 2.51 -11.93
C ASP C 64 0.91 4.01 -11.99
N ILE C 65 1.52 4.54 -10.93
CA ILE C 65 1.83 5.97 -10.85
C ILE C 65 2.72 6.43 -12.00
N TYR C 66 3.66 5.58 -12.41
CA TYR C 66 4.58 5.91 -13.49
C TYR C 66 3.87 5.85 -14.84
N GLU C 67 2.83 5.03 -14.91
CA GLU C 67 2.06 4.88 -16.14
C GLU C 67 1.13 6.07 -16.31
N TRP C 68 0.43 6.42 -15.25
CA TRP C 68 -0.51 7.52 -15.24
C TRP C 68 0.16 8.83 -15.67
N THR C 69 1.38 9.05 -15.18
CA THR C 69 2.11 10.27 -15.49
C THR C 69 2.56 10.31 -16.95
N LYS C 70 2.92 9.17 -17.51
CA LYS C 70 3.36 9.11 -18.90
C LYS C 70 2.21 9.35 -19.87
N ILE C 71 1.03 8.83 -19.53
CA ILE C 71 -0.14 8.97 -20.38
C ILE C 71 -0.79 10.35 -20.25
N ASN C 72 -0.84 10.87 -19.03
CA ASN C 72 -1.47 12.18 -18.80
C ASN C 72 -0.52 13.34 -19.06
N GLY C 73 0.78 13.08 -18.94
CA GLY C 73 1.76 14.11 -19.16
C GLY C 73 2.41 14.58 -17.88
N GLY C 74 3.73 14.73 -17.91
CA GLY C 74 4.45 15.16 -16.74
C GLY C 74 5.64 14.28 -16.46
N SER C 75 6.28 13.80 -17.52
CA SER C 75 7.43 12.94 -17.38
C SER C 75 8.71 13.76 -17.38
N GLY C 76 9.48 13.69 -16.29
CA GLY C 76 10.71 14.44 -16.19
C GLY C 76 11.93 13.64 -16.61
N GLY C 77 11.70 12.60 -17.40
CA GLY C 77 12.80 11.77 -17.85
C GLY C 77 12.84 10.44 -17.14
N SER C 78 13.49 9.47 -17.75
CA SER C 78 13.60 8.14 -17.16
C SER C 78 14.77 8.08 -16.18
N GLY C 79 14.56 8.62 -14.99
CA GLY C 79 15.60 8.63 -13.98
C GLY C 79 15.67 9.94 -13.24
N GLY C 80 14.96 10.94 -13.74
CA GLY C 80 14.95 12.24 -13.10
C GLY C 80 13.72 12.44 -12.26
N SER C 81 13.84 13.25 -11.21
CA SER C 81 12.72 13.53 -10.33
C SER C 81 11.67 14.38 -11.04
N GLY C 82 10.50 13.80 -11.27
CA GLY C 82 9.43 14.50 -11.94
C GLY C 82 8.71 15.49 -11.04
N GLY C 83 7.60 15.05 -10.47
CA GLY C 83 6.83 15.92 -9.61
C GLY C 83 6.96 15.57 -8.14
N ASP C 84 6.00 16.01 -7.36
CA ASP C 84 5.99 15.75 -5.92
C ASP C 84 5.19 14.51 -5.58
N VAL C 85 5.80 13.62 -4.81
CA VAL C 85 5.14 12.39 -4.39
C VAL C 85 4.91 12.44 -2.88
N MET C 86 3.78 11.91 -2.43
CA MET C 86 3.45 11.93 -1.02
C MET C 86 3.13 10.53 -0.52
N VAL C 87 3.13 10.36 0.79
CA VAL C 87 2.85 9.08 1.41
C VAL C 87 1.53 9.17 2.17
N VAL C 88 0.77 8.09 2.18
CA VAL C 88 -0.51 8.07 2.88
C VAL C 88 -0.31 8.26 4.39
N GLY C 89 -0.96 9.27 4.94
CA GLY C 89 -0.84 9.54 6.35
C GLY C 89 -1.63 8.56 7.19
N GLU C 90 -1.36 8.54 8.49
CA GLU C 90 -2.03 7.63 9.41
C GLU C 90 -3.55 7.85 9.39
N PRO C 91 -4.33 6.77 9.51
CA PRO C 91 -5.79 6.83 9.50
C PRO C 91 -6.36 7.55 10.72
N THR C 92 -7.51 8.18 10.53
CA THR C 92 -8.17 8.92 11.60
C THR C 92 -9.06 8.00 12.43
N LEU C 93 -9.84 8.61 13.32
CA LEU C 93 -10.76 7.86 14.18
C LEU C 93 -11.86 8.80 14.66
N MET C 94 -12.98 8.22 15.08
CA MET C 94 -14.12 9.01 15.54
C MET C 94 -13.92 9.54 16.96
N GLY C 95 -12.71 10.01 17.25
CA GLY C 95 -12.41 10.54 18.58
C GLY C 95 -11.28 9.81 19.26
N GLY C 96 -10.12 9.78 18.63
CA GLY C 96 -8.97 9.12 19.19
C GLY C 96 -7.75 9.31 18.34
N GLU A 1 2.19 -5.64 -9.47
CA GLU A 1 0.95 -5.44 -8.67
C GLU A 1 1.20 -4.46 -7.55
N ALA A 2 0.20 -4.27 -6.69
CA ALA A 2 0.33 -3.36 -5.55
C ALA A 2 1.46 -3.81 -4.64
N ARG A 3 1.33 -5.03 -4.12
CA ARG A 3 2.33 -5.60 -3.24
C ARG A 3 2.19 -7.12 -3.23
N GLU A 4 3.17 -7.81 -2.65
CA GLU A 4 3.15 -9.26 -2.60
C GLU A 4 3.10 -9.74 -1.15
N CYS A 5 2.93 -11.05 -0.98
CA CYS A 5 2.87 -11.65 0.34
C CYS A 5 4.16 -12.40 0.62
N VAL A 6 4.38 -12.71 1.88
CA VAL A 6 5.57 -13.43 2.31
C VAL A 6 5.43 -14.93 2.02
N ASN A 7 4.20 -15.39 1.88
CA ASN A 7 3.97 -16.81 1.63
C ASN A 7 3.15 -17.06 0.38
N CYS A 8 2.42 -16.06 -0.11
CA CYS A 8 1.63 -16.26 -1.32
C CYS A 8 1.77 -15.07 -2.28
N GLY A 9 0.81 -14.16 -2.23
CA GLY A 9 0.82 -13.00 -3.10
C GLY A 9 -0.58 -12.56 -3.46
N ALA A 10 -1.50 -12.75 -2.52
CA ALA A 10 -2.90 -12.38 -2.73
C ALA A 10 -3.11 -10.90 -2.50
N THR A 11 -2.98 -10.10 -3.56
CA THR A 11 -3.17 -8.67 -3.47
C THR A 11 -4.66 -8.32 -3.41
N ALA A 12 -5.50 -9.35 -3.42
CA ALA A 12 -6.95 -9.18 -3.35
C ALA A 12 -7.41 -9.04 -1.90
N THR A 13 -6.47 -9.14 -0.97
CA THR A 13 -6.77 -9.00 0.45
C THR A 13 -7.29 -7.57 0.72
N PRO A 14 -8.29 -7.44 1.61
CA PRO A 14 -8.88 -6.13 1.96
C PRO A 14 -7.83 -5.11 2.36
N LEU A 15 -6.87 -5.54 3.16
CA LEU A 15 -5.80 -4.67 3.62
C LEU A 15 -4.55 -5.50 3.88
N TRP A 16 -3.39 -4.93 3.60
CA TRP A 16 -2.13 -5.61 3.80
C TRP A 16 -1.73 -5.59 5.26
N ARG A 17 -1.30 -6.73 5.78
CA ARG A 17 -0.87 -6.81 7.16
C ARG A 17 0.62 -6.56 7.22
N ARG A 18 1.00 -5.36 7.62
CA ARG A 18 2.41 -4.99 7.69
C ARG A 18 2.80 -4.64 9.12
N ASP A 19 3.97 -5.13 9.53
CA ASP A 19 4.50 -4.86 10.85
C ASP A 19 5.50 -3.71 10.78
N ARG A 20 6.38 -3.60 11.77
CA ARG A 20 7.37 -2.55 11.78
C ARG A 20 8.55 -2.87 10.86
N THR A 21 8.91 -4.15 10.75
CA THR A 21 10.03 -4.53 9.91
C THR A 21 9.68 -4.37 8.43
N GLY A 22 8.49 -4.82 8.06
CA GLY A 22 8.05 -4.70 6.68
C GLY A 22 7.57 -6.02 6.10
N HIS A 23 7.14 -6.93 6.96
CA HIS A 23 6.65 -8.22 6.52
C HIS A 23 5.23 -8.08 6.00
N TYR A 24 5.09 -7.93 4.69
CA TYR A 24 3.79 -7.79 4.08
C TYR A 24 3.06 -9.13 4.03
N LEU A 25 2.03 -9.26 4.85
CA LEU A 25 1.25 -10.47 4.90
C LEU A 25 -0.15 -10.21 4.34
N CYS A 26 -0.65 -11.15 3.55
CA CYS A 26 -1.97 -11.02 2.95
C CYS A 26 -3.04 -10.90 4.03
N ASN A 27 -3.29 -12.04 4.66
CA ASN A 27 -4.26 -12.18 5.73
C ASN A 27 -4.30 -13.64 6.16
N ALA A 28 -4.05 -14.52 5.20
CA ALA A 28 -4.05 -15.96 5.45
C ALA A 28 -2.72 -16.37 6.05
N CYS A 29 -1.65 -16.06 5.35
CA CYS A 29 -0.31 -16.39 5.81
C CYS A 29 0.11 -15.44 6.94
N GLY A 30 -0.70 -14.42 7.17
CA GLY A 30 -0.42 -13.45 8.22
C GLY A 30 -0.50 -14.04 9.60
N LEU A 31 -1.15 -15.17 9.74
CA LEU A 31 -1.30 -15.83 11.03
C LEU A 31 -0.02 -16.56 11.42
N TYR A 32 0.91 -16.65 10.48
CA TYR A 32 2.19 -17.30 10.71
C TYR A 32 2.99 -16.56 11.78
N HIS A 33 3.02 -15.24 11.67
CA HIS A 33 3.76 -14.40 12.60
C HIS A 33 2.87 -13.97 13.78
N LYS A 34 1.89 -14.80 14.11
CA LYS A 34 0.99 -14.49 15.22
C LYS A 34 0.52 -15.76 15.90
N MET A 35 -0.29 -16.55 15.20
CA MET A 35 -0.83 -17.79 15.74
C MET A 35 0.28 -18.83 15.89
N ASN A 36 1.01 -19.04 14.80
CA ASN A 36 2.10 -20.02 14.80
C ASN A 36 3.30 -19.49 15.58
N GLY A 37 3.46 -18.18 15.59
CA GLY A 37 4.57 -17.57 16.30
C GLY A 37 5.89 -17.73 15.55
N GLN A 38 5.81 -17.72 14.23
CA GLN A 38 6.99 -17.85 13.39
C GLN A 38 7.31 -16.53 12.69
N ASN A 39 8.16 -16.59 11.67
CA ASN A 39 8.57 -15.40 10.94
C ASN A 39 7.67 -15.18 9.73
N GLY B 1 35.34 -9.92 -6.78
CA GLY B 1 35.34 -11.40 -6.63
C GLY B 1 34.02 -11.90 -6.08
N SER B 2 33.52 -13.00 -6.65
CA SER B 2 32.26 -13.61 -6.24
C SER B 2 31.07 -12.69 -6.54
N LEU B 3 29.87 -13.13 -6.14
CA LEU B 3 28.66 -12.35 -6.36
C LEU B 3 28.47 -11.34 -5.23
N LEU B 4 28.24 -11.85 -4.03
CA LEU B 4 28.04 -11.03 -2.82
C LEU B 4 26.71 -10.28 -2.82
N LYS B 5 26.44 -9.55 -3.88
CA LYS B 5 25.21 -8.79 -3.99
C LYS B 5 24.06 -9.66 -4.48
N PRO B 6 22.96 -9.70 -3.71
CA PRO B 6 21.78 -10.48 -4.04
C PRO B 6 20.89 -9.78 -5.08
N ALA B 7 21.43 -9.59 -6.27
CA ALA B 7 20.71 -8.92 -7.34
C ALA B 7 19.71 -9.86 -8.01
N ARG B 8 18.94 -10.56 -7.20
CA ARG B 8 17.95 -11.51 -7.69
C ARG B 8 16.69 -11.43 -6.84
N PHE B 9 15.55 -11.55 -7.48
CA PHE B 9 14.27 -11.50 -6.79
C PHE B 9 13.32 -12.55 -7.35
N MET B 10 13.89 -13.59 -7.94
CA MET B 10 13.12 -14.66 -8.55
C MET B 10 13.93 -15.94 -8.64
N CYS B 11 13.44 -17.01 -8.02
CA CYS B 11 14.11 -18.29 -8.07
C CYS B 11 13.64 -19.06 -9.30
N LEU B 12 14.52 -19.90 -9.83
CA LEU B 12 14.19 -20.71 -11.00
C LEU B 12 13.12 -21.75 -10.67
N PRO B 13 13.26 -22.53 -9.57
CA PRO B 13 12.27 -23.54 -9.19
C PRO B 13 10.90 -22.91 -8.90
N CYS B 14 10.92 -21.78 -8.19
CA CYS B 14 9.69 -21.08 -7.84
C CYS B 14 9.06 -20.44 -9.08
N GLY B 15 9.87 -19.71 -9.84
CA GLY B 15 9.37 -19.06 -11.04
C GLY B 15 8.49 -17.86 -10.72
N ILE B 16 8.52 -17.43 -9.47
CA ILE B 16 7.72 -16.31 -9.02
C ILE B 16 8.62 -15.15 -8.64
N ALA B 17 8.50 -14.05 -9.36
CA ALA B 17 9.29 -12.86 -9.11
C ALA B 17 8.59 -11.94 -8.11
N PHE B 18 9.36 -11.37 -7.20
CA PHE B 18 8.81 -10.47 -6.20
C PHE B 18 9.14 -9.02 -6.55
N SER B 19 8.58 -8.09 -5.78
CA SER B 19 8.80 -6.68 -6.03
C SER B 19 9.50 -6.03 -4.83
N SER B 20 9.16 -6.51 -3.64
CA SER B 20 9.74 -5.99 -2.42
C SER B 20 10.71 -6.99 -1.81
N PRO B 21 11.89 -6.51 -1.39
CA PRO B 21 12.91 -7.39 -0.79
C PRO B 21 12.52 -7.87 0.60
N SER B 22 11.64 -7.12 1.25
CA SER B 22 11.16 -7.45 2.59
C SER B 22 10.34 -8.75 2.56
N THR B 23 9.57 -8.91 1.49
CA THR B 23 8.74 -10.10 1.33
C THR B 23 9.60 -11.28 0.87
N LEU B 24 10.68 -10.97 0.17
CA LEU B 24 11.58 -11.98 -0.35
C LEU B 24 12.31 -12.70 0.80
N GLU B 25 12.52 -11.98 1.90
CA GLU B 25 13.18 -12.53 3.07
C GLU B 25 12.43 -13.76 3.59
N ALA B 26 11.11 -13.62 3.69
CA ALA B 26 10.28 -14.71 4.16
C ALA B 26 10.06 -15.72 3.04
N HIS B 27 10.10 -15.25 1.79
CA HIS B 27 9.94 -16.12 0.64
C HIS B 27 11.03 -17.19 0.68
N GLN B 28 12.26 -16.76 0.94
CA GLN B 28 13.42 -17.65 1.01
C GLN B 28 13.41 -18.42 2.33
N ALA B 29 12.32 -19.11 2.58
CA ALA B 29 12.15 -19.89 3.80
C ALA B 29 11.08 -20.95 3.60
N TYR B 30 9.91 -20.52 3.14
CA TYR B 30 8.79 -21.44 2.94
C TYR B 30 8.35 -21.52 1.48
N TYR B 31 8.49 -20.42 0.75
CA TYR B 31 8.06 -20.39 -0.65
C TYR B 31 8.86 -21.33 -1.53
N CYS B 32 10.19 -21.35 -1.36
CA CYS B 32 11.02 -22.26 -2.14
C CYS B 32 10.96 -23.66 -1.54
N SER B 33 9.75 -24.20 -1.44
CA SER B 33 9.50 -25.52 -0.88
C SER B 33 9.74 -25.53 0.62
N HIS B 34 10.99 -25.63 1.03
CA HIS B 34 11.35 -25.64 2.44
C HIS B 34 12.83 -25.37 2.61
N ARG B 35 13.16 -24.12 2.89
CA ARG B 35 14.55 -23.72 3.07
C ARG B 35 14.94 -23.80 4.54
N ILE B 36 14.71 -24.97 5.13
CA ILE B 36 15.03 -25.20 6.53
C ILE B 36 15.69 -26.56 6.68
N TYR C 1 -30.44 14.25 15.94
CA TYR C 1 -30.67 15.66 16.33
C TYR C 1 -29.34 16.37 16.59
N LEU C 2 -28.59 15.87 17.57
CA LEU C 2 -27.30 16.44 17.89
C LEU C 2 -26.23 15.83 17.00
N ARG C 3 -25.57 16.69 16.22
CA ARG C 3 -24.52 16.23 15.33
C ARG C 3 -23.19 16.85 15.68
N LEU C 4 -22.12 16.12 15.44
CA LEU C 4 -20.78 16.60 15.71
C LEU C 4 -19.89 16.32 14.50
N PHE C 5 -18.86 17.12 14.34
CA PHE C 5 -17.95 16.95 13.22
C PHE C 5 -16.51 16.86 13.70
N GLY C 6 -15.67 16.27 12.86
CA GLY C 6 -14.26 16.14 13.19
C GLY C 6 -13.39 16.26 11.96
N GLN C 7 -13.93 15.86 10.83
CA GLN C 7 -13.23 15.92 9.55
C GLN C 7 -13.81 17.05 8.69
N ASP C 8 -13.66 16.95 7.38
CA ASP C 8 -14.18 17.97 6.47
C ASP C 8 -15.71 18.00 6.49
N GLY C 9 -16.32 16.95 5.95
CA GLY C 9 -17.77 16.88 5.93
C GLY C 9 -18.31 16.36 4.62
N LEU C 10 -17.68 16.75 3.51
CA LEU C 10 -18.12 16.31 2.19
C LEU C 10 -17.07 15.44 1.52
N CYS C 11 -17.51 14.60 0.60
CA CYS C 11 -16.61 13.70 -0.11
C CYS C 11 -15.91 14.42 -1.26
N ALA C 12 -14.92 13.75 -1.82
CA ALA C 12 -14.17 14.29 -2.94
C ALA C 12 -14.56 13.53 -4.20
N SER C 13 -15.37 12.50 -4.03
CA SER C 13 -15.83 11.69 -5.14
C SER C 13 -17.35 11.59 -5.18
N CYS C 14 -17.96 11.21 -4.05
CA CYS C 14 -19.41 11.10 -4.01
C CYS C 14 -20.03 12.34 -3.39
N ASP C 15 -21.32 12.30 -3.08
CA ASP C 15 -22.00 13.45 -2.50
C ASP C 15 -22.60 13.12 -1.14
N LYS C 16 -22.13 12.03 -0.54
CA LYS C 16 -22.62 11.62 0.77
C LYS C 16 -21.90 12.35 1.88
N ARG C 17 -22.65 12.80 2.87
CA ARG C 17 -22.08 13.51 4.00
C ARG C 17 -21.26 12.54 4.84
N ILE C 18 -20.01 12.89 5.10
CA ILE C 18 -19.12 12.03 5.87
C ILE C 18 -19.60 11.84 7.29
N ARG C 19 -19.66 10.59 7.72
CA ARG C 19 -20.09 10.24 9.06
C ARG C 19 -18.96 9.54 9.78
N ALA C 20 -19.25 8.93 10.93
CA ALA C 20 -18.24 8.23 11.71
C ALA C 20 -17.68 7.02 10.95
N TYR C 21 -18.46 6.55 9.98
CA TYR C 21 -18.05 5.40 9.18
C TYR C 21 -17.34 5.87 7.91
N GLU C 22 -16.11 6.34 8.06
CA GLU C 22 -15.31 6.79 6.92
C GLU C 22 -14.01 6.00 6.86
N MET C 23 -13.18 6.16 7.90
CA MET C 23 -11.90 5.45 8.01
C MET C 23 -11.03 5.66 6.78
N THR C 24 -10.80 6.91 6.43
CA THR C 24 -9.97 7.23 5.28
C THR C 24 -8.64 7.85 5.73
N MET C 25 -7.60 7.66 4.92
CA MET C 25 -6.28 8.18 5.23
C MET C 25 -6.26 9.70 5.19
N ARG C 26 -5.43 10.31 6.03
CA ARG C 26 -5.32 11.75 6.09
C ARG C 26 -4.69 12.28 4.79
N VAL C 27 -5.54 12.74 3.88
CA VAL C 27 -5.09 13.26 2.61
C VAL C 27 -4.86 14.78 2.68
N LYS C 28 -4.77 15.41 1.51
CA LYS C 28 -4.53 16.85 1.41
C LYS C 28 -5.50 17.65 2.27
N ASP C 29 -6.79 17.58 1.95
CA ASP C 29 -7.80 18.31 2.71
C ASP C 29 -9.15 17.60 2.62
N LYS C 30 -9.68 17.52 1.40
CA LYS C 30 -10.95 16.85 1.16
C LYS C 30 -10.78 15.35 1.34
N VAL C 31 -11.25 14.85 2.47
CA VAL C 31 -11.15 13.43 2.79
C VAL C 31 -12.16 12.60 2.01
N TYR C 32 -11.73 11.43 1.57
CA TYR C 32 -12.57 10.52 0.80
C TYR C 32 -13.34 9.58 1.73
N HIS C 33 -13.79 8.47 1.18
CA HIS C 33 -14.51 7.46 1.94
C HIS C 33 -13.82 6.11 1.77
N LEU C 34 -14.20 5.13 2.57
CA LEU C 34 -13.58 3.79 2.48
C LEU C 34 -13.88 3.13 1.13
N GLU C 35 -14.98 3.54 0.51
CA GLU C 35 -15.37 2.99 -0.78
C GLU C 35 -15.05 3.97 -1.91
N CYS C 36 -14.71 5.20 -1.53
CA CYS C 36 -14.37 6.24 -2.50
C CYS C 36 -12.86 6.38 -2.62
N PHE C 37 -12.13 5.60 -1.83
CA PHE C 37 -10.68 5.62 -1.87
C PHE C 37 -10.17 4.43 -2.66
N LYS C 38 -9.91 4.65 -3.95
CA LYS C 38 -9.45 3.59 -4.84
C LYS C 38 -8.58 4.16 -5.95
N CYS C 39 -7.76 3.31 -6.56
CA CYS C 39 -6.91 3.75 -7.65
C CYS C 39 -7.74 4.12 -8.87
N ALA C 40 -7.27 5.10 -9.61
CA ALA C 40 -7.97 5.56 -10.80
C ALA C 40 -7.60 4.71 -12.01
N ALA C 41 -6.58 3.89 -11.87
CA ALA C 41 -6.13 3.05 -12.97
C ALA C 41 -6.44 1.57 -12.74
N CYS C 42 -5.96 1.00 -11.63
CA CYS C 42 -6.20 -0.42 -11.38
C CYS C 42 -7.29 -0.63 -10.33
N GLN C 43 -7.67 0.44 -9.64
CA GLN C 43 -8.73 0.40 -8.62
C GLN C 43 -8.30 -0.42 -7.40
N LYS C 44 -7.00 -0.56 -7.18
CA LYS C 44 -6.51 -1.32 -6.05
C LYS C 44 -6.61 -0.49 -4.77
N HIS C 45 -6.67 -1.17 -3.63
CA HIS C 45 -6.76 -0.50 -2.35
C HIS C 45 -5.39 -0.01 -1.91
N PHE C 46 -5.37 1.08 -1.18
CA PHE C 46 -4.12 1.65 -0.68
C PHE C 46 -3.78 1.09 0.70
N SER C 47 -2.63 1.50 1.21
CA SER C 47 -2.19 1.07 2.52
C SER C 47 -1.38 2.18 3.18
N VAL C 48 -1.69 2.49 4.43
CA VAL C 48 -1.00 3.53 5.17
C VAL C 48 0.49 3.22 5.26
N GLY C 49 1.31 4.15 4.82
CA GLY C 49 2.75 3.94 4.86
C GLY C 49 3.36 3.87 3.47
N ASP C 50 2.54 3.56 2.48
CA ASP C 50 3.01 3.45 1.10
C ASP C 50 2.87 4.81 0.41
N ARG C 51 3.36 4.92 -0.82
CA ARG C 51 3.28 6.17 -1.56
C ARG C 51 2.04 6.19 -2.45
N TYR C 52 1.51 7.39 -2.69
CA TYR C 52 0.33 7.54 -3.53
C TYR C 52 0.34 8.86 -4.27
N LEU C 53 -0.48 8.97 -5.30
CA LEU C 53 -0.57 10.20 -6.09
C LEU C 53 -2.02 10.68 -6.18
N LEU C 54 -2.27 11.90 -5.73
CA LEU C 54 -3.61 12.47 -5.77
C LEU C 54 -3.75 13.35 -7.02
N ILE C 55 -4.81 13.14 -7.78
CA ILE C 55 -5.04 13.91 -8.99
C ILE C 55 -6.09 15.00 -8.72
N ASN C 56 -6.87 15.35 -9.72
CA ASN C 56 -7.89 16.38 -9.56
C ASN C 56 -9.26 15.74 -9.33
N SER C 57 -9.29 14.41 -9.33
CA SER C 57 -10.53 13.68 -9.14
C SER C 57 -10.33 12.49 -8.20
N ASP C 58 -9.65 11.47 -8.69
CA ASP C 58 -9.40 10.26 -7.90
C ASP C 58 -7.93 10.17 -7.51
N ILE C 59 -7.56 9.06 -6.91
CA ILE C 59 -6.19 8.84 -6.48
C ILE C 59 -5.56 7.71 -7.28
N VAL C 60 -4.23 7.67 -7.31
CA VAL C 60 -3.51 6.65 -8.04
C VAL C 60 -2.50 5.95 -7.11
N CYS C 61 -2.32 4.65 -7.33
CA CYS C 61 -1.41 3.86 -6.52
C CYS C 61 0.05 4.12 -6.90
N GLU C 62 0.94 3.25 -6.47
CA GLU C 62 2.34 3.37 -6.79
C GLU C 62 2.76 2.30 -7.79
N GLN C 63 1.82 1.43 -8.10
CA GLN C 63 2.05 0.34 -9.03
C GLN C 63 1.96 0.84 -10.47
N ASP C 64 1.00 1.72 -10.72
CA ASP C 64 0.82 2.26 -12.06
C ASP C 64 0.98 3.78 -12.06
N ILE C 65 1.58 4.30 -10.99
CA ILE C 65 1.79 5.75 -10.85
C ILE C 65 2.67 6.31 -11.97
N TYR C 66 3.70 5.56 -12.38
CA TYR C 66 4.61 6.00 -13.43
C TYR C 66 3.95 5.85 -14.80
N GLU C 67 2.98 4.95 -14.87
CA GLU C 67 2.26 4.70 -16.11
C GLU C 67 1.19 5.77 -16.32
N TRP C 68 0.44 6.04 -15.26
CA TRP C 68 -0.63 7.03 -15.29
C TRP C 68 -0.10 8.40 -15.70
N THR C 69 1.07 8.75 -15.19
CA THR C 69 1.69 10.03 -15.49
C THR C 69 2.06 10.15 -16.97
N LYS C 70 2.40 9.03 -17.58
CA LYS C 70 2.75 9.02 -19.00
C LYS C 70 1.50 9.00 -19.86
N ILE C 71 0.47 8.31 -19.37
CA ILE C 71 -0.80 8.22 -20.10
C ILE C 71 -1.53 9.56 -20.10
N ASN C 72 -1.60 10.19 -18.94
CA ASN C 72 -2.28 11.47 -18.82
C ASN C 72 -1.39 12.61 -19.27
N GLY C 73 -0.08 12.41 -19.17
CA GLY C 73 0.87 13.42 -19.58
C GLY C 73 1.43 14.18 -18.40
N GLY C 74 2.75 14.21 -18.27
CA GLY C 74 3.38 14.91 -17.18
C GLY C 74 4.59 14.18 -16.65
N SER C 75 5.46 13.76 -17.56
CA SER C 75 6.67 13.06 -17.20
C SER C 75 7.83 14.04 -16.99
N GLY C 76 8.90 13.59 -16.35
CA GLY C 76 10.04 14.47 -16.11
C GLY C 76 11.37 13.81 -16.45
N GLY C 77 11.36 12.95 -17.46
CA GLY C 77 12.57 12.28 -17.87
C GLY C 77 12.65 10.86 -17.36
N SER C 78 13.28 10.00 -18.15
CA SER C 78 13.44 8.60 -17.80
C SER C 78 14.39 8.46 -16.61
N GLY C 79 13.81 8.35 -15.42
CA GLY C 79 14.62 8.22 -14.22
C GLY C 79 14.85 9.56 -13.55
N GLY C 80 14.10 10.57 -13.97
CA GLY C 80 14.24 11.89 -13.41
C GLY C 80 13.01 12.33 -12.64
N SER C 81 13.09 13.49 -12.02
CA SER C 81 11.98 14.03 -11.26
C SER C 81 11.12 14.95 -12.12
N GLY C 82 9.81 14.75 -12.07
CA GLY C 82 8.90 15.57 -12.84
C GLY C 82 7.88 16.28 -11.97
N GLY C 83 7.34 15.56 -11.00
CA GLY C 83 6.36 16.14 -10.11
C GLY C 83 6.60 15.75 -8.66
N ASP C 84 5.69 16.12 -7.78
CA ASP C 84 5.81 15.81 -6.37
C ASP C 84 5.07 14.53 -6.04
N VAL C 85 5.43 13.91 -4.92
CA VAL C 85 4.80 12.67 -4.51
C VAL C 85 4.45 12.73 -3.02
N MET C 86 3.40 12.03 -2.61
CA MET C 86 2.96 12.04 -1.23
C MET C 86 2.84 10.62 -0.68
N VAL C 87 2.72 10.51 0.62
CA VAL C 87 2.57 9.21 1.28
C VAL C 87 1.27 9.18 2.08
N VAL C 88 0.54 8.08 1.98
CA VAL C 88 -0.72 7.95 2.71
C VAL C 88 -0.46 7.79 4.19
N GLY C 89 -0.78 8.84 4.96
CA GLY C 89 -0.58 8.81 6.40
C GLY C 89 -1.68 8.06 7.13
N GLU C 90 -1.68 8.17 8.44
CA GLU C 90 -2.66 7.49 9.28
C GLU C 90 -4.07 8.05 9.04
N PRO C 91 -5.08 7.17 9.10
CA PRO C 91 -6.49 7.55 8.88
C PRO C 91 -7.11 8.26 10.07
N THR C 92 -8.33 8.74 9.88
CA THR C 92 -9.07 9.42 10.92
C THR C 92 -9.84 8.41 11.77
N LEU C 93 -9.91 8.66 13.07
CA LEU C 93 -10.62 7.76 13.97
C LEU C 93 -11.90 8.43 14.45
N MET C 94 -12.84 7.61 14.92
CA MET C 94 -14.12 8.11 15.42
C MET C 94 -13.97 8.74 16.81
N GLY C 95 -13.12 9.74 16.92
CA GLY C 95 -12.90 10.40 18.18
C GLY C 95 -11.82 9.72 19.00
N GLY C 96 -10.59 9.78 18.52
CA GLY C 96 -9.50 9.16 19.22
C GLY C 96 -8.17 9.55 18.63
N GLU A 1 0.94 -5.80 -10.19
CA GLU A 1 0.44 -6.21 -8.86
C GLU A 1 0.67 -5.10 -7.86
N ALA A 2 -0.18 -5.02 -6.84
CA ALA A 2 -0.04 -3.99 -5.82
C ALA A 2 1.14 -4.30 -4.90
N ARG A 3 1.00 -5.33 -4.09
CA ARG A 3 2.05 -5.73 -3.16
C ARG A 3 2.12 -7.24 -3.07
N GLU A 4 3.13 -7.75 -2.40
CA GLU A 4 3.32 -9.18 -2.24
C GLU A 4 3.20 -9.59 -0.76
N CYS A 5 3.17 -10.89 -0.52
CA CYS A 5 3.09 -11.43 0.84
C CYS A 5 4.38 -12.19 1.12
N VAL A 6 4.69 -12.37 2.39
CA VAL A 6 5.90 -13.07 2.79
C VAL A 6 5.73 -14.57 2.66
N ASN A 7 4.49 -15.02 2.54
CA ASN A 7 4.23 -16.46 2.44
C ASN A 7 3.47 -16.83 1.18
N CYS A 8 2.64 -15.94 0.65
CA CYS A 8 1.88 -16.26 -0.55
C CYS A 8 2.02 -15.19 -1.64
N GLY A 9 1.22 -14.15 -1.53
CA GLY A 9 1.22 -13.07 -2.49
C GLY A 9 -0.18 -12.76 -2.97
N ALA A 10 -1.15 -13.05 -2.12
CA ALA A 10 -2.55 -12.81 -2.44
C ALA A 10 -2.88 -11.32 -2.33
N THR A 11 -2.88 -10.65 -3.48
CA THR A 11 -3.19 -9.23 -3.53
C THR A 11 -4.70 -9.00 -3.44
N ALA A 12 -5.44 -10.09 -3.29
CA ALA A 12 -6.89 -10.03 -3.19
C ALA A 12 -7.33 -9.62 -1.79
N THR A 13 -6.39 -9.63 -0.85
CA THR A 13 -6.67 -9.25 0.53
C THR A 13 -7.25 -7.83 0.59
N PRO A 14 -8.28 -7.61 1.43
CA PRO A 14 -8.93 -6.31 1.58
C PRO A 14 -7.97 -5.20 2.00
N LEU A 15 -7.00 -5.54 2.83
CA LEU A 15 -6.01 -4.59 3.30
C LEU A 15 -4.74 -5.32 3.71
N TRP A 16 -3.60 -4.75 3.36
CA TRP A 16 -2.31 -5.34 3.69
C TRP A 16 -1.97 -5.13 5.16
N ARG A 17 -1.52 -6.19 5.80
CA ARG A 17 -1.15 -6.12 7.20
C ARG A 17 0.35 -5.87 7.32
N ARG A 18 0.73 -4.67 7.74
CA ARG A 18 2.14 -4.32 7.88
C ARG A 18 2.44 -3.96 9.33
N ASP A 19 3.58 -4.44 9.81
CA ASP A 19 4.01 -4.18 11.17
C ASP A 19 4.85 -2.90 11.22
N ARG A 20 5.75 -2.81 12.20
CA ARG A 20 6.60 -1.64 12.35
C ARG A 20 7.80 -1.71 11.39
N THR A 21 8.32 -2.92 11.19
CA THR A 21 9.46 -3.09 10.30
C THR A 21 9.05 -2.91 8.84
N GLY A 22 8.04 -3.64 8.42
CA GLY A 22 7.57 -3.54 7.06
C GLY A 22 7.16 -4.88 6.49
N HIS A 23 6.90 -5.83 7.38
CA HIS A 23 6.49 -7.16 6.97
C HIS A 23 5.12 -7.11 6.33
N TYR A 24 5.09 -7.23 5.01
CA TYR A 24 3.84 -7.20 4.28
C TYR A 24 3.19 -8.58 4.25
N LEU A 25 2.10 -8.70 4.96
CA LEU A 25 1.37 -9.95 5.02
C LEU A 25 -0.05 -9.74 4.50
N CYS A 26 -0.55 -10.70 3.74
CA CYS A 26 -1.88 -10.64 3.16
C CYS A 26 -2.94 -10.48 4.27
N ASN A 27 -3.20 -11.58 4.93
CA ASN A 27 -4.16 -11.67 6.01
C ASN A 27 -4.12 -13.07 6.59
N ALA A 28 -4.04 -14.06 5.69
CA ALA A 28 -3.98 -15.46 6.09
C ALA A 28 -2.64 -15.77 6.73
N CYS A 29 -1.56 -15.49 6.01
CA CYS A 29 -0.22 -15.73 6.51
C CYS A 29 0.18 -14.65 7.52
N GLY A 30 -0.66 -13.62 7.60
CA GLY A 30 -0.39 -12.51 8.51
C GLY A 30 -0.47 -12.93 9.96
N LEU A 31 -1.25 -13.96 10.24
CA LEU A 31 -1.41 -14.45 11.60
C LEU A 31 -0.22 -15.30 12.03
N TYR A 32 0.72 -15.52 11.12
CA TYR A 32 1.90 -16.32 11.42
C TYR A 32 2.77 -15.61 12.45
N HIS A 33 2.74 -14.29 12.43
CA HIS A 33 3.53 -13.47 13.35
C HIS A 33 2.78 -13.24 14.66
N LYS A 34 1.61 -13.86 14.79
CA LYS A 34 0.80 -13.71 15.99
C LYS A 34 0.47 -15.07 16.60
N MET A 35 -0.23 -15.89 15.84
CA MET A 35 -0.63 -17.22 16.29
C MET A 35 0.59 -18.08 16.61
N ASN A 36 1.51 -18.17 15.66
CA ASN A 36 2.73 -18.95 15.85
C ASN A 36 3.78 -18.11 16.55
N GLY A 37 3.62 -16.79 16.47
CA GLY A 37 4.56 -15.89 17.11
C GLY A 37 5.93 -15.92 16.45
N GLN A 38 5.96 -16.25 15.17
CA GLN A 38 7.21 -16.33 14.42
C GLN A 38 7.39 -15.10 13.55
N ASN A 39 8.38 -15.14 12.68
CA ASN A 39 8.67 -14.03 11.79
C ASN A 39 7.78 -14.11 10.54
N GLY B 1 35.35 -7.67 -4.96
CA GLY B 1 35.26 -9.09 -5.38
C GLY B 1 34.05 -9.77 -4.77
N SER B 2 33.75 -10.98 -5.24
CA SER B 2 32.61 -11.76 -4.74
C SER B 2 31.29 -11.02 -5.00
N LEU B 3 30.20 -11.52 -4.43
CA LEU B 3 28.91 -10.90 -4.60
C LEU B 3 28.71 -9.78 -3.58
N LEU B 4 28.60 -10.17 -2.31
CA LEU B 4 28.42 -9.23 -1.18
C LEU B 4 27.03 -8.59 -1.18
N LYS B 5 26.64 -8.02 -2.32
CA LYS B 5 25.34 -7.39 -2.46
C LYS B 5 24.41 -8.28 -3.27
N PRO B 6 23.41 -8.87 -2.62
CA PRO B 6 22.46 -9.75 -3.28
C PRO B 6 21.35 -8.98 -4.00
N ALA B 7 21.72 -8.26 -5.05
CA ALA B 7 20.77 -7.48 -5.83
C ALA B 7 19.94 -8.37 -6.76
N ARG B 8 19.23 -9.32 -6.16
CA ARG B 8 18.39 -10.24 -6.90
C ARG B 8 17.10 -10.50 -6.14
N PHE B 9 15.98 -10.10 -6.73
CA PHE B 9 14.69 -10.28 -6.10
C PHE B 9 13.88 -11.37 -6.80
N MET B 10 14.58 -12.39 -7.29
CA MET B 10 13.95 -13.48 -8.00
C MET B 10 14.75 -14.77 -7.83
N CYS B 11 14.20 -15.72 -7.09
CA CYS B 11 14.85 -17.00 -6.86
C CYS B 11 14.60 -17.95 -8.01
N LEU B 12 15.57 -18.80 -8.30
CA LEU B 12 15.45 -19.78 -9.36
C LEU B 12 14.42 -20.86 -9.02
N PRO B 13 14.38 -21.40 -7.77
CA PRO B 13 13.40 -22.42 -7.40
C PRO B 13 11.95 -21.93 -7.52
N CYS B 14 11.65 -20.79 -6.90
CA CYS B 14 10.31 -20.22 -6.96
C CYS B 14 9.94 -19.78 -8.36
N GLY B 15 10.67 -18.78 -8.86
CA GLY B 15 10.39 -18.26 -10.18
C GLY B 15 9.47 -17.06 -10.12
N ILE B 16 9.12 -16.66 -8.90
CA ILE B 16 8.26 -15.51 -8.68
C ILE B 16 9.06 -14.35 -8.12
N ALA B 17 9.21 -13.30 -8.93
CA ALA B 17 9.97 -12.13 -8.53
C ALA B 17 9.16 -11.26 -7.58
N PHE B 18 9.86 -10.61 -6.66
CA PHE B 18 9.22 -9.74 -5.69
C PHE B 18 9.56 -8.29 -5.98
N SER B 19 9.03 -7.38 -5.19
CA SER B 19 9.30 -5.95 -5.39
C SER B 19 9.73 -5.28 -4.08
N SER B 20 9.19 -5.73 -2.97
CA SER B 20 9.53 -5.17 -1.68
C SER B 20 10.57 -6.04 -0.96
N PRO B 21 11.70 -5.44 -0.53
CA PRO B 21 12.77 -6.17 0.17
C PRO B 21 12.29 -6.75 1.50
N SER B 22 11.31 -6.09 2.10
CA SER B 22 10.75 -6.52 3.37
C SER B 22 10.02 -7.85 3.24
N THR B 23 9.33 -8.04 2.11
CA THR B 23 8.61 -9.28 1.87
C THR B 23 9.57 -10.40 1.52
N LEU B 24 10.70 -10.05 0.93
CA LEU B 24 11.70 -11.02 0.53
C LEU B 24 12.42 -11.62 1.74
N GLU B 25 12.46 -10.85 2.84
CA GLU B 25 13.12 -11.29 4.07
C GLU B 25 12.56 -12.62 4.56
N ALA B 26 11.25 -12.64 4.84
CA ALA B 26 10.59 -13.85 5.33
C ALA B 26 10.39 -14.85 4.19
N HIS B 27 10.44 -14.34 2.96
CA HIS B 27 10.29 -15.18 1.79
C HIS B 27 11.41 -16.22 1.78
N GLN B 28 12.62 -15.78 2.11
CA GLN B 28 13.79 -16.64 2.13
C GLN B 28 13.78 -17.52 3.40
N ALA B 29 12.65 -18.16 3.64
CA ALA B 29 12.50 -19.02 4.80
C ALA B 29 11.38 -20.05 4.58
N TYR B 30 10.21 -19.58 4.19
CA TYR B 30 9.08 -20.46 3.97
C TYR B 30 8.67 -20.56 2.50
N TYR B 31 9.08 -19.60 1.69
CA TYR B 31 8.68 -19.60 0.28
C TYR B 31 9.55 -20.52 -0.59
N CYS B 32 10.86 -20.27 -0.67
CA CYS B 32 11.74 -21.12 -1.48
C CYS B 32 11.91 -22.48 -0.79
N SER B 33 10.87 -23.31 -0.91
CA SER B 33 10.84 -24.63 -0.29
C SER B 33 10.82 -24.49 1.23
N HIS B 34 12.01 -24.44 1.84
CA HIS B 34 12.11 -24.29 3.29
C HIS B 34 13.53 -23.92 3.66
N ARG B 35 13.83 -22.63 3.58
CA ARG B 35 15.15 -22.12 3.90
C ARG B 35 15.28 -21.90 5.41
N ILE B 36 15.15 -22.98 6.16
CA ILE B 36 15.24 -22.92 7.60
C ILE B 36 16.44 -23.72 8.10
N TYR C 1 -30.65 16.76 18.65
CA TYR C 1 -29.67 17.13 17.61
C TYR C 1 -28.33 16.47 17.92
N LEU C 2 -27.59 16.11 16.87
CA LEU C 2 -26.30 15.45 17.04
C LEU C 2 -25.32 15.93 15.97
N ARG C 3 -24.97 17.20 16.01
CA ARG C 3 -24.04 17.77 15.04
C ARG C 3 -22.60 17.55 15.52
N LEU C 4 -22.30 16.32 15.91
CA LEU C 4 -20.98 15.97 16.40
C LEU C 4 -19.92 16.18 15.32
N PHE C 5 -18.78 16.71 15.72
CA PHE C 5 -17.69 16.97 14.79
C PHE C 5 -16.56 15.97 14.99
N GLY C 6 -15.63 15.95 14.05
CA GLY C 6 -14.51 15.04 14.13
C GLY C 6 -13.70 15.10 12.86
N GLN C 7 -14.34 14.74 11.75
CA GLN C 7 -13.69 14.79 10.45
C GLN C 7 -13.97 16.14 9.80
N ASP C 8 -13.55 16.30 8.54
CA ASP C 8 -13.75 17.56 7.83
C ASP C 8 -15.24 17.90 7.71
N GLY C 9 -16.01 16.97 7.19
CA GLY C 9 -17.44 17.20 7.05
C GLY C 9 -18.03 16.47 5.86
N LEU C 10 -17.73 16.94 4.67
CA LEU C 10 -18.23 16.32 3.45
C LEU C 10 -17.12 15.57 2.73
N CYS C 11 -17.50 14.62 1.89
CA CYS C 11 -16.54 13.82 1.14
C CYS C 11 -15.98 14.62 -0.04
N ALA C 12 -15.12 13.98 -0.80
CA ALA C 12 -14.51 14.60 -1.96
C ALA C 12 -14.90 13.85 -3.23
N SER C 13 -15.26 12.59 -3.07
CA SER C 13 -15.66 11.77 -4.21
C SER C 13 -17.18 11.70 -4.29
N CYS C 14 -17.83 11.55 -3.14
CA CYS C 14 -19.27 11.50 -3.08
C CYS C 14 -19.79 12.72 -2.35
N ASP C 15 -21.05 13.05 -2.54
CA ASP C 15 -21.62 14.22 -1.88
C ASP C 15 -22.42 13.81 -0.67
N LYS C 16 -21.79 13.05 0.21
CA LYS C 16 -22.43 12.58 1.43
C LYS C 16 -21.73 13.12 2.66
N ARG C 17 -22.46 13.22 3.75
CA ARG C 17 -21.92 13.70 5.00
C ARG C 17 -21.11 12.59 5.68
N ILE C 18 -19.90 12.93 6.11
CA ILE C 18 -19.02 11.99 6.75
C ILE C 18 -19.41 11.79 8.22
N ARG C 19 -19.57 10.53 8.60
CA ARG C 19 -19.93 10.19 9.96
C ARG C 19 -18.84 9.31 10.57
N ALA C 20 -19.11 8.75 11.74
CA ALA C 20 -18.14 7.89 12.41
C ALA C 20 -18.15 6.48 11.82
N TYR C 21 -17.73 6.38 10.56
CA TYR C 21 -17.68 5.12 9.84
C TYR C 21 -17.04 5.33 8.47
N GLU C 22 -15.86 5.89 8.46
CA GLU C 22 -15.14 6.15 7.23
C GLU C 22 -13.85 5.35 7.18
N MET C 23 -13.12 5.37 8.29
CA MET C 23 -11.84 4.66 8.43
C MET C 23 -10.88 5.05 7.31
N THR C 24 -10.85 6.34 7.00
CA THR C 24 -9.98 6.85 5.96
C THR C 24 -8.61 7.21 6.52
N MET C 25 -7.59 7.05 5.70
CA MET C 25 -6.22 7.37 6.11
C MET C 25 -6.00 8.87 6.07
N ARG C 26 -4.98 9.32 6.78
CA ARG C 26 -4.66 10.74 6.83
C ARG C 26 -4.26 11.26 5.46
N VAL C 27 -4.97 12.29 5.01
CA VAL C 27 -4.70 12.91 3.72
C VAL C 27 -4.35 14.39 3.89
N LYS C 28 -4.38 15.14 2.79
CA LYS C 28 -4.04 16.57 2.82
C LYS C 28 -5.05 17.34 3.66
N ASP C 29 -6.29 17.40 3.21
CA ASP C 29 -7.34 18.11 3.93
C ASP C 29 -8.67 17.39 3.78
N LYS C 30 -9.17 17.36 2.55
CA LYS C 30 -10.44 16.69 2.28
C LYS C 30 -10.32 15.19 2.50
N VAL C 31 -11.16 14.66 3.36
CA VAL C 31 -11.14 13.24 3.68
C VAL C 31 -12.11 12.48 2.79
N TYR C 32 -11.82 11.22 2.53
CA TYR C 32 -12.65 10.39 1.68
C TYR C 32 -13.37 9.32 2.49
N HIS C 33 -13.82 8.28 1.82
CA HIS C 33 -14.52 7.18 2.46
C HIS C 33 -13.77 5.89 2.18
N LEU C 34 -14.12 4.81 2.88
CA LEU C 34 -13.46 3.52 2.68
C LEU C 34 -13.71 2.98 1.28
N GLU C 35 -14.79 3.45 0.66
CA GLU C 35 -15.16 3.03 -0.68
C GLU C 35 -14.76 4.09 -1.70
N CYS C 36 -14.71 5.34 -1.26
CA CYS C 36 -14.37 6.45 -2.12
C CYS C 36 -12.85 6.57 -2.29
N PHE C 37 -12.11 5.97 -1.37
CA PHE C 37 -10.66 6.01 -1.41
C PHE C 37 -10.10 4.84 -2.24
N LYS C 38 -10.14 4.99 -3.55
CA LYS C 38 -9.65 3.95 -4.45
C LYS C 38 -8.84 4.59 -5.57
N CYS C 39 -7.96 3.80 -6.19
CA CYS C 39 -7.12 4.29 -7.28
C CYS C 39 -7.97 4.73 -8.46
N ALA C 40 -7.41 5.60 -9.28
CA ALA C 40 -8.11 6.13 -10.44
C ALA C 40 -7.75 5.32 -11.68
N ALA C 41 -6.73 4.49 -11.59
CA ALA C 41 -6.31 3.70 -12.73
C ALA C 41 -6.58 2.21 -12.54
N CYS C 42 -5.99 1.61 -11.52
CA CYS C 42 -6.19 0.18 -11.30
C CYS C 42 -7.35 -0.09 -10.34
N GLN C 43 -7.79 0.95 -9.65
CA GLN C 43 -8.93 0.87 -8.71
C GLN C 43 -8.62 -0.03 -7.51
N LYS C 44 -7.35 -0.38 -7.32
CA LYS C 44 -6.97 -1.23 -6.20
C LYS C 44 -6.93 -0.42 -4.91
N HIS C 45 -6.74 -1.09 -3.79
CA HIS C 45 -6.66 -0.41 -2.50
C HIS C 45 -5.22 -0.11 -2.14
N PHE C 46 -5.03 0.90 -1.33
CA PHE C 46 -3.70 1.31 -0.90
C PHE C 46 -3.24 0.52 0.31
N SER C 47 -1.98 0.72 0.69
CA SER C 47 -1.41 0.06 1.85
C SER C 47 -0.85 1.11 2.81
N VAL C 48 -0.98 0.86 4.11
CA VAL C 48 -0.50 1.80 5.10
C VAL C 48 1.03 1.92 5.06
N GLY C 49 1.50 3.15 4.89
CA GLY C 49 2.93 3.38 4.85
C GLY C 49 3.51 3.33 3.46
N ASP C 50 2.65 3.32 2.44
CA ASP C 50 3.11 3.27 1.06
C ASP C 50 2.96 4.64 0.39
N ARG C 51 3.63 4.81 -0.74
CA ARG C 51 3.60 6.06 -1.48
C ARG C 51 2.34 6.15 -2.35
N TYR C 52 1.83 7.36 -2.54
CA TYR C 52 0.62 7.56 -3.35
C TYR C 52 0.56 8.98 -3.91
N LEU C 53 -0.39 9.20 -4.81
CA LEU C 53 -0.58 10.50 -5.43
C LEU C 53 -2.04 10.93 -5.33
N LEU C 54 -2.28 12.22 -5.19
CA LEU C 54 -3.64 12.75 -5.08
C LEU C 54 -4.00 13.58 -6.30
N ILE C 55 -5.07 13.20 -6.97
CA ILE C 55 -5.51 13.92 -8.17
C ILE C 55 -6.65 14.88 -7.83
N ASN C 56 -7.25 15.48 -8.85
CA ASN C 56 -8.34 16.43 -8.64
C ASN C 56 -9.65 15.75 -8.28
N SER C 57 -9.83 14.52 -8.73
CA SER C 57 -11.05 13.78 -8.43
C SER C 57 -10.78 12.56 -7.55
N ASP C 58 -9.90 11.69 -8.00
CA ASP C 58 -9.56 10.48 -7.26
C ASP C 58 -8.11 10.51 -6.82
N ILE C 59 -7.59 9.33 -6.50
CA ILE C 59 -6.20 9.19 -6.06
C ILE C 59 -5.51 8.13 -6.91
N VAL C 60 -4.20 8.06 -6.84
CA VAL C 60 -3.44 7.09 -7.62
C VAL C 60 -2.42 6.38 -6.73
N CYS C 61 -2.21 5.10 -7.01
CA CYS C 61 -1.28 4.27 -6.25
C CYS C 61 0.17 4.55 -6.66
N GLU C 62 0.99 3.52 -6.58
CA GLU C 62 2.39 3.59 -6.94
C GLU C 62 2.69 2.56 -8.01
N GLN C 63 1.68 1.76 -8.33
CA GLN C 63 1.82 0.72 -9.32
C GLN C 63 1.64 1.29 -10.72
N ASP C 64 0.63 2.14 -10.86
CA ASP C 64 0.34 2.75 -12.15
C ASP C 64 0.61 4.25 -12.12
N ILE C 65 1.22 4.72 -11.03
CA ILE C 65 1.55 6.14 -10.87
C ILE C 65 2.53 6.59 -11.96
N TYR C 66 3.37 5.67 -12.41
CA TYR C 66 4.36 5.95 -13.44
C TYR C 66 3.67 6.08 -14.80
N GLU C 67 2.47 5.53 -14.89
CA GLU C 67 1.69 5.57 -16.11
C GLU C 67 0.83 6.83 -16.12
N TRP C 68 0.16 7.09 -15.00
CA TRP C 68 -0.71 8.25 -14.86
C TRP C 68 0.05 9.55 -15.15
N THR C 69 1.29 9.61 -14.70
CA THR C 69 2.12 10.80 -14.89
C THR C 69 2.42 11.03 -16.36
N LYS C 70 2.65 9.95 -17.10
CA LYS C 70 2.95 10.07 -18.53
C LYS C 70 1.67 10.22 -19.35
N ILE C 71 0.56 9.76 -18.80
CA ILE C 71 -0.73 9.84 -19.48
C ILE C 71 -1.36 11.23 -19.34
N ASN C 72 -1.37 11.75 -18.12
CA ASN C 72 -1.99 13.06 -17.87
C ASN C 72 -0.98 14.19 -17.98
N GLY C 73 0.29 13.90 -17.76
CA GLY C 73 1.31 14.93 -17.86
C GLY C 73 2.13 15.06 -16.59
N GLY C 74 3.44 15.05 -16.74
CA GLY C 74 4.33 15.15 -15.60
C GLY C 74 5.44 14.12 -15.66
N SER C 75 6.26 14.21 -16.69
CA SER C 75 7.37 13.28 -16.87
C SER C 75 8.70 13.96 -16.61
N GLY C 76 9.38 13.53 -15.55
CA GLY C 76 10.67 14.11 -15.19
C GLY C 76 11.83 13.36 -15.82
N GLY C 77 11.68 13.04 -17.11
CA GLY C 77 12.72 12.32 -17.82
C GLY C 77 12.64 10.83 -17.59
N SER C 78 13.61 10.10 -18.11
CA SER C 78 13.65 8.66 -17.96
C SER C 78 14.55 8.28 -16.79
N GLY C 79 14.11 8.60 -15.59
CA GLY C 79 14.89 8.28 -14.40
C GLY C 79 15.10 9.49 -13.51
N GLY C 80 14.87 10.66 -14.07
CA GLY C 80 15.05 11.89 -13.32
C GLY C 80 13.99 12.08 -12.26
N SER C 81 14.15 13.10 -11.43
CA SER C 81 13.19 13.39 -10.39
C SER C 81 11.96 14.08 -10.96
N GLY C 82 10.78 13.53 -10.65
CA GLY C 82 9.54 14.11 -11.14
C GLY C 82 9.10 15.30 -10.31
N GLY C 83 7.81 15.32 -9.97
CA GLY C 83 7.29 16.42 -9.19
C GLY C 83 7.33 16.16 -7.70
N ASP C 84 6.20 15.77 -7.15
CA ASP C 84 6.11 15.50 -5.71
C ASP C 84 5.55 14.11 -5.47
N VAL C 85 5.64 13.67 -4.21
CA VAL C 85 5.15 12.36 -3.82
C VAL C 85 4.86 12.36 -2.31
N MET C 86 3.76 11.72 -1.92
CA MET C 86 3.39 11.67 -0.52
C MET C 86 3.17 10.23 -0.06
N VAL C 87 3.15 10.04 1.25
CA VAL C 87 2.94 8.73 1.84
C VAL C 87 1.65 8.73 2.65
N VAL C 88 0.82 7.71 2.47
CA VAL C 88 -0.44 7.62 3.20
C VAL C 88 -0.19 7.49 4.70
N GLY C 89 -0.78 8.39 5.47
CA GLY C 89 -0.61 8.36 6.90
C GLY C 89 -1.44 7.28 7.57
N GLU C 90 -1.41 7.27 8.90
CA GLU C 90 -2.16 6.29 9.68
C GLU C 90 -3.67 6.51 9.54
N PRO C 91 -4.46 5.43 9.71
CA PRO C 91 -5.92 5.51 9.61
C PRO C 91 -6.52 6.38 10.72
N THR C 92 -7.43 7.25 10.34
CA THR C 92 -8.08 8.14 11.29
C THR C 92 -9.06 7.35 12.15
N LEU C 93 -8.83 7.35 13.45
CA LEU C 93 -9.71 6.63 14.37
C LEU C 93 -10.83 7.54 14.83
N MET C 94 -11.96 6.93 15.18
CA MET C 94 -13.13 7.68 15.63
C MET C 94 -12.95 8.21 17.05
N GLY C 95 -11.82 7.90 17.66
CA GLY C 95 -11.54 8.35 19.00
C GLY C 95 -10.48 7.53 19.67
N GLY C 96 -9.26 8.03 19.65
CA GLY C 96 -8.15 7.33 20.25
C GLY C 96 -6.89 7.51 19.45
N GLU A 1 -0.79 -5.17 -9.43
CA GLU A 1 -1.22 -5.41 -8.03
C GLU A 1 -0.52 -4.45 -7.08
N ALA A 2 -0.88 -4.49 -5.81
CA ALA A 2 -0.29 -3.61 -4.81
C ALA A 2 1.02 -4.15 -4.24
N ARG A 3 0.93 -5.00 -3.23
CA ARG A 3 2.12 -5.56 -2.60
C ARG A 3 2.07 -7.09 -2.60
N GLU A 4 3.05 -7.68 -1.95
CA GLU A 4 3.15 -9.13 -1.85
C GLU A 4 3.08 -9.57 -0.39
N CYS A 5 2.92 -10.87 -0.17
CA CYS A 5 2.87 -11.42 1.18
C CYS A 5 4.16 -12.16 1.47
N VAL A 6 4.43 -12.42 2.74
CA VAL A 6 5.63 -13.12 3.14
C VAL A 6 5.46 -14.62 2.98
N ASN A 7 4.20 -15.06 2.91
CA ASN A 7 3.91 -16.48 2.79
C ASN A 7 3.09 -16.81 1.54
N CYS A 8 2.35 -15.83 1.01
CA CYS A 8 1.57 -16.09 -0.18
C CYS A 8 1.64 -14.94 -1.20
N GLY A 9 0.69 -14.03 -1.11
CA GLY A 9 0.65 -12.90 -2.01
C GLY A 9 -0.76 -12.68 -2.55
N ALA A 10 -1.73 -12.77 -1.65
CA ALA A 10 -3.13 -12.60 -2.02
C ALA A 10 -3.52 -11.13 -2.06
N THR A 11 -3.60 -10.58 -3.26
CA THR A 11 -3.96 -9.18 -3.47
C THR A 11 -5.43 -8.94 -3.11
N ALA A 12 -6.16 -10.03 -2.87
CA ALA A 12 -7.58 -9.97 -2.53
C ALA A 12 -7.82 -9.36 -1.15
N THR A 13 -6.78 -9.35 -0.31
CA THR A 13 -6.92 -8.79 1.03
C THR A 13 -7.32 -7.32 0.96
N PRO A 14 -8.29 -6.89 1.79
CA PRO A 14 -8.76 -5.50 1.81
C PRO A 14 -7.65 -4.51 2.16
N LEU A 15 -6.81 -4.91 3.11
CA LEU A 15 -5.71 -4.06 3.54
C LEU A 15 -4.53 -4.92 3.93
N TRP A 16 -3.36 -4.57 3.44
CA TRP A 16 -2.15 -5.30 3.74
C TRP A 16 -1.71 -5.04 5.17
N ARG A 17 -1.42 -6.11 5.90
CA ARG A 17 -0.98 -6.00 7.28
C ARG A 17 0.51 -5.73 7.31
N ARG A 18 0.87 -4.46 7.47
CA ARG A 18 2.26 -4.06 7.50
C ARG A 18 2.66 -3.59 8.89
N ASP A 19 3.81 -4.07 9.35
CA ASP A 19 4.32 -3.69 10.66
C ASP A 19 5.22 -2.47 10.53
N ARG A 20 5.94 -2.15 11.60
CA ARG A 20 6.83 -1.00 11.60
C ARG A 20 8.06 -1.23 10.73
N THR A 21 8.56 -2.46 10.68
CA THR A 21 9.75 -2.76 9.89
C THR A 21 9.42 -2.77 8.39
N GLY A 22 8.39 -3.51 8.01
CA GLY A 22 8.01 -3.55 6.61
C GLY A 22 7.55 -4.93 6.17
N HIS A 23 7.15 -5.78 7.11
CA HIS A 23 6.69 -7.12 6.78
C HIS A 23 5.25 -7.06 6.29
N TYR A 24 5.08 -7.07 4.98
CA TYR A 24 3.76 -7.02 4.38
C TYR A 24 3.11 -8.40 4.40
N LEU A 25 2.03 -8.50 5.14
CA LEU A 25 1.29 -9.74 5.26
C LEU A 25 -0.12 -9.55 4.71
N CYS A 26 -0.65 -10.58 4.07
CA CYS A 26 -1.99 -10.51 3.52
C CYS A 26 -3.02 -10.27 4.62
N ASN A 27 -3.28 -11.31 5.38
CA ASN A 27 -4.21 -11.30 6.50
C ASN A 27 -4.20 -12.67 7.16
N ALA A 28 -4.16 -13.70 6.33
CA ALA A 28 -4.14 -15.08 6.82
C ALA A 28 -2.78 -15.44 7.37
N CYS A 29 -1.73 -15.21 6.58
CA CYS A 29 -0.38 -15.50 7.02
C CYS A 29 0.09 -14.45 8.01
N GLY A 30 -0.62 -13.33 8.06
CA GLY A 30 -0.28 -12.25 8.96
C GLY A 30 -0.42 -12.64 10.43
N LEU A 31 -1.28 -13.62 10.69
CA LEU A 31 -1.51 -14.07 12.05
C LEU A 31 -0.31 -14.85 12.58
N TYR A 32 0.60 -15.22 11.67
CA TYR A 32 1.80 -15.96 12.04
C TYR A 32 2.70 -15.13 12.94
N HIS A 33 2.67 -13.81 12.73
CA HIS A 33 3.49 -12.89 13.51
C HIS A 33 2.85 -12.55 14.85
N LYS A 34 1.65 -13.07 15.10
CA LYS A 34 0.94 -12.79 16.35
C LYS A 34 0.61 -14.07 17.10
N MET A 35 -0.08 -14.98 16.43
CA MET A 35 -0.48 -16.25 17.04
C MET A 35 0.75 -17.08 17.38
N ASN A 36 1.61 -17.28 16.41
CA ASN A 36 2.83 -18.05 16.60
C ASN A 36 3.90 -17.19 17.24
N GLY A 37 3.87 -15.90 16.93
CA GLY A 37 4.84 -14.98 17.49
C GLY A 37 6.17 -15.03 16.77
N GLN A 38 6.15 -15.54 15.54
CA GLN A 38 7.36 -15.64 14.74
C GLN A 38 7.50 -14.44 13.81
N ASN A 39 8.53 -14.45 12.98
CA ASN A 39 8.79 -13.35 12.06
C ASN A 39 8.03 -13.55 10.75
N GLY B 1 35.07 -8.62 -5.69
CA GLY B 1 34.76 -9.85 -6.44
C GLY B 1 33.59 -10.59 -5.84
N SER B 2 33.38 -11.83 -6.29
CA SER B 2 32.28 -12.66 -5.80
C SER B 2 30.93 -11.98 -6.05
N LEU B 3 29.97 -12.22 -5.17
CA LEU B 3 28.65 -11.62 -5.30
C LEU B 3 28.47 -10.49 -4.30
N LEU B 4 28.43 -10.86 -3.02
CA LEU B 4 28.27 -9.90 -1.91
C LEU B 4 26.89 -9.26 -1.89
N LYS B 5 26.60 -8.45 -2.91
CA LYS B 5 25.33 -7.75 -3.01
C LYS B 5 24.27 -8.62 -3.68
N PRO B 6 23.20 -8.94 -2.96
CA PRO B 6 22.10 -9.75 -3.49
C PRO B 6 21.14 -8.92 -4.35
N ALA B 7 21.33 -8.98 -5.66
CA ALA B 7 20.46 -8.25 -6.58
C ALA B 7 19.45 -9.19 -7.21
N ARG B 8 18.91 -10.08 -6.38
CA ARG B 8 17.92 -11.04 -6.84
C ARG B 8 16.71 -11.06 -5.91
N PHE B 9 15.53 -10.95 -6.50
CA PHE B 9 14.29 -10.96 -5.74
C PHE B 9 13.34 -12.00 -6.32
N MET B 10 13.93 -13.02 -6.92
CA MET B 10 13.17 -14.09 -7.54
C MET B 10 13.97 -15.39 -7.51
N CYS B 11 13.59 -16.31 -6.64
CA CYS B 11 14.27 -17.58 -6.52
C CYS B 11 13.98 -18.47 -7.72
N LEU B 12 14.90 -19.38 -7.98
CA LEU B 12 14.75 -20.31 -9.09
C LEU B 12 13.65 -21.35 -8.81
N PRO B 13 13.66 -22.00 -7.61
CA PRO B 13 12.63 -22.99 -7.27
C PRO B 13 11.24 -22.37 -7.16
N CYS B 14 11.17 -21.23 -6.48
CA CYS B 14 9.90 -20.53 -6.32
C CYS B 14 9.40 -19.98 -7.65
N GLY B 15 10.23 -19.20 -8.32
CA GLY B 15 9.83 -18.61 -9.59
C GLY B 15 8.97 -17.38 -9.38
N ILE B 16 8.61 -17.14 -8.14
CA ILE B 16 7.78 -16.01 -7.77
C ILE B 16 8.65 -14.77 -7.59
N ALA B 17 8.41 -13.77 -8.42
CA ALA B 17 9.17 -12.54 -8.36
C ALA B 17 8.54 -11.56 -7.37
N PHE B 18 9.37 -11.02 -6.49
CA PHE B 18 8.89 -10.08 -5.49
C PHE B 18 9.28 -8.66 -5.90
N SER B 19 8.79 -7.69 -5.15
CA SER B 19 9.08 -6.29 -5.43
C SER B 19 9.64 -5.59 -4.20
N SER B 20 9.21 -6.03 -3.03
CA SER B 20 9.66 -5.45 -1.78
C SER B 20 10.64 -6.39 -1.08
N PRO B 21 11.85 -5.90 -0.77
CA PRO B 21 12.89 -6.70 -0.10
C PRO B 21 12.49 -7.08 1.32
N SER B 22 11.66 -6.26 1.94
CA SER B 22 11.20 -6.50 3.30
C SER B 22 10.36 -7.78 3.35
N THR B 23 9.57 -8.02 2.32
CA THR B 23 8.73 -9.20 2.23
C THR B 23 9.57 -10.41 1.83
N LEU B 24 10.62 -10.15 1.04
CA LEU B 24 11.51 -11.18 0.55
C LEU B 24 12.26 -11.85 1.72
N GLU B 25 12.54 -11.07 2.75
CA GLU B 25 13.26 -11.57 3.93
C GLU B 25 12.54 -12.76 4.54
N ALA B 26 11.26 -12.58 4.85
CA ALA B 26 10.46 -13.64 5.44
C ALA B 26 10.14 -14.71 4.40
N HIS B 27 10.06 -14.31 3.15
CA HIS B 27 9.79 -15.24 2.06
C HIS B 27 10.87 -16.34 2.05
N GLN B 28 12.13 -15.90 2.12
CA GLN B 28 13.26 -16.83 2.09
C GLN B 28 13.43 -17.55 3.42
N ALA B 29 12.38 -18.26 3.82
CA ALA B 29 12.35 -19.01 5.06
C ALA B 29 11.18 -19.97 5.05
N TYR B 30 10.02 -19.46 4.71
CA TYR B 30 8.81 -20.27 4.68
C TYR B 30 8.36 -20.57 3.24
N TYR B 31 8.62 -19.64 2.32
CA TYR B 31 8.17 -19.83 0.93
C TYR B 31 9.08 -20.75 0.14
N CYS B 32 10.40 -20.54 0.21
CA CYS B 32 11.33 -21.40 -0.52
C CYS B 32 11.48 -22.74 0.19
N SER B 33 10.43 -23.54 0.17
CA SER B 33 10.41 -24.85 0.79
C SER B 33 10.53 -24.74 2.32
N HIS B 34 11.76 -24.79 2.82
CA HIS B 34 12.02 -24.70 4.26
C HIS B 34 13.45 -24.24 4.51
N ARG B 35 13.68 -22.94 4.43
CA ARG B 35 15.01 -22.39 4.65
C ARG B 35 15.20 -22.07 6.14
N ILE B 36 15.00 -23.09 6.96
CA ILE B 36 15.14 -22.93 8.40
C ILE B 36 16.08 -23.99 8.96
N TYR C 1 -15.81 10.56 27.45
CA TYR C 1 -17.09 11.02 26.88
C TYR C 1 -17.12 10.74 25.37
N LEU C 2 -18.11 9.99 24.94
CA LEU C 2 -18.26 9.66 23.53
C LEU C 2 -18.80 10.85 22.74
N ARG C 3 -18.09 11.21 21.68
CA ARG C 3 -18.50 12.32 20.84
C ARG C 3 -18.16 12.00 19.39
N LEU C 4 -19.17 11.98 18.54
CA LEU C 4 -18.98 11.68 17.12
C LEU C 4 -18.46 12.90 16.38
N PHE C 5 -17.27 13.34 16.74
CA PHE C 5 -16.65 14.49 16.12
C PHE C 5 -15.15 14.24 15.94
N GLY C 6 -14.63 14.59 14.78
CA GLY C 6 -13.23 14.39 14.49
C GLY C 6 -12.96 14.36 13.01
N GLN C 7 -13.88 13.79 12.26
CA GLN C 7 -13.76 13.71 10.81
C GLN C 7 -13.99 15.09 10.20
N ASP C 8 -13.46 15.30 9.00
CA ASP C 8 -13.59 16.57 8.30
C ASP C 8 -15.05 17.02 8.22
N GLY C 9 -15.88 16.20 7.61
CA GLY C 9 -17.29 16.53 7.50
C GLY C 9 -17.89 16.07 6.19
N LEU C 10 -17.32 16.51 5.09
CA LEU C 10 -17.81 16.13 3.77
C LEU C 10 -16.73 15.43 2.96
N CYS C 11 -17.17 14.61 2.01
CA CYS C 11 -16.28 13.85 1.15
C CYS C 11 -15.63 14.73 0.09
N ALA C 12 -14.62 14.17 -0.55
CA ALA C 12 -13.91 14.85 -1.61
C ALA C 12 -14.23 14.18 -2.93
N SER C 13 -14.93 13.06 -2.85
CA SER C 13 -15.32 12.31 -4.03
C SER C 13 -16.84 12.28 -4.19
N CYS C 14 -17.54 11.95 -3.12
CA CYS C 14 -18.98 11.89 -3.18
C CYS C 14 -19.61 13.10 -2.50
N ASP C 15 -20.88 13.00 -2.13
CA ASP C 15 -21.57 14.09 -1.48
C ASP C 15 -22.21 13.63 -0.18
N LYS C 16 -21.65 12.60 0.42
CA LYS C 16 -22.15 12.08 1.69
C LYS C 16 -21.31 12.59 2.85
N ARG C 17 -21.96 12.78 4.00
CA ARG C 17 -21.27 13.25 5.19
C ARG C 17 -20.42 12.14 5.78
N ILE C 18 -19.33 12.51 6.43
CA ILE C 18 -18.43 11.55 7.03
C ILE C 18 -18.78 11.35 8.50
N ARG C 19 -18.91 10.10 8.90
CA ARG C 19 -19.25 9.76 10.28
C ARG C 19 -18.19 8.83 10.86
N ALA C 20 -18.54 8.09 11.91
CA ALA C 20 -17.61 7.16 12.55
C ALA C 20 -17.26 6.01 11.59
N TYR C 21 -18.11 5.80 10.61
CA TYR C 21 -17.89 4.78 9.62
C TYR C 21 -17.06 5.34 8.47
N GLU C 22 -15.82 5.69 8.78
CA GLU C 22 -14.92 6.25 7.80
C GLU C 22 -13.87 5.22 7.39
N MET C 23 -13.03 4.82 8.35
CA MET C 23 -11.96 3.84 8.11
C MET C 23 -11.08 4.29 6.96
N THR C 24 -10.71 5.56 7.00
CA THR C 24 -9.90 6.15 5.95
C THR C 24 -8.46 6.34 6.42
N MET C 25 -7.61 6.78 5.50
CA MET C 25 -6.20 7.01 5.79
C MET C 25 -5.94 8.50 5.91
N ARG C 26 -4.92 8.86 6.68
CA ARG C 26 -4.56 10.26 6.87
C ARG C 26 -4.10 10.90 5.56
N VAL C 27 -4.82 11.93 5.13
CA VAL C 27 -4.48 12.64 3.90
C VAL C 27 -4.19 14.10 4.20
N LYS C 28 -4.18 14.94 3.17
CA LYS C 28 -3.90 16.36 3.33
C LYS C 28 -4.90 17.02 4.27
N ASP C 29 -6.17 17.02 3.90
CA ASP C 29 -7.21 17.63 4.74
C ASP C 29 -8.53 16.89 4.59
N LYS C 30 -9.22 17.14 3.48
CA LYS C 30 -10.50 16.47 3.22
C LYS C 30 -10.27 14.98 3.02
N VAL C 31 -10.71 14.19 3.99
CA VAL C 31 -10.56 12.75 3.93
C VAL C 31 -11.66 12.10 3.10
N TYR C 32 -11.31 10.99 2.47
CA TYR C 32 -12.25 10.25 1.63
C TYR C 32 -12.93 9.14 2.43
N HIS C 33 -13.92 8.50 1.83
CA HIS C 33 -14.62 7.40 2.47
C HIS C 33 -13.90 6.09 2.16
N LEU C 34 -14.23 5.03 2.88
CA LEU C 34 -13.58 3.73 2.64
C LEU C 34 -13.91 3.19 1.25
N GLU C 35 -15.06 3.62 0.71
CA GLU C 35 -15.48 3.20 -0.61
C GLU C 35 -15.13 4.26 -1.64
N CYS C 36 -14.82 5.46 -1.17
CA CYS C 36 -14.47 6.57 -2.05
C CYS C 36 -12.95 6.67 -2.22
N PHE C 37 -12.23 5.90 -1.42
CA PHE C 37 -10.77 5.88 -1.48
C PHE C 37 -10.31 4.74 -2.40
N LYS C 38 -9.88 5.10 -3.59
CA LYS C 38 -9.43 4.12 -4.59
C LYS C 38 -8.60 4.80 -5.66
N CYS C 39 -7.84 4.00 -6.40
CA CYS C 39 -7.01 4.53 -7.48
C CYS C 39 -7.88 5.07 -8.60
N ALA C 40 -7.39 6.11 -9.24
CA ALA C 40 -8.11 6.73 -10.35
C ALA C 40 -7.75 6.07 -11.67
N ALA C 41 -6.77 5.17 -11.65
CA ALA C 41 -6.36 4.50 -12.86
C ALA C 41 -6.69 3.01 -12.86
N CYS C 42 -6.19 2.27 -11.87
CA CYS C 42 -6.43 0.83 -11.82
C CYS C 42 -7.54 0.47 -10.83
N GLN C 43 -7.96 1.44 -10.03
CA GLN C 43 -9.02 1.24 -9.04
C GLN C 43 -8.68 0.10 -8.09
N LYS C 44 -7.59 0.24 -7.36
CA LYS C 44 -7.18 -0.80 -6.41
C LYS C 44 -6.99 -0.22 -5.01
N HIS C 45 -7.07 -1.09 -4.02
CA HIS C 45 -6.91 -0.69 -2.62
C HIS C 45 -5.44 -0.39 -2.33
N PHE C 46 -5.22 0.63 -1.51
CA PHE C 46 -3.87 1.03 -1.15
C PHE C 46 -3.35 0.21 0.02
N SER C 47 -2.09 0.41 0.36
CA SER C 47 -1.46 -0.28 1.47
C SER C 47 -0.92 0.74 2.47
N VAL C 48 -1.13 0.48 3.75
CA VAL C 48 -0.67 1.39 4.80
C VAL C 48 0.85 1.35 4.90
N GLY C 49 1.48 2.51 4.68
CA GLY C 49 2.92 2.59 4.76
C GLY C 49 3.57 2.67 3.39
N ASP C 50 2.75 2.77 2.35
CA ASP C 50 3.27 2.87 1.00
C ASP C 50 3.06 4.25 0.42
N ARG C 51 3.67 4.51 -0.73
CA ARG C 51 3.58 5.80 -1.39
C ARG C 51 2.35 5.87 -2.30
N TYR C 52 1.85 7.08 -2.49
CA TYR C 52 0.69 7.31 -3.35
C TYR C 52 0.70 8.74 -3.87
N LEU C 53 -0.18 9.04 -4.80
CA LEU C 53 -0.27 10.38 -5.37
C LEU C 53 -1.69 10.92 -5.23
N LEU C 54 -1.80 12.22 -4.98
CA LEU C 54 -3.11 12.84 -4.82
C LEU C 54 -3.39 13.80 -5.97
N ILE C 55 -4.43 13.51 -6.73
CA ILE C 55 -4.81 14.37 -7.85
C ILE C 55 -6.10 15.10 -7.52
N ASN C 56 -6.41 16.13 -8.27
CA ASN C 56 -7.64 16.92 -8.06
C ASN C 56 -8.88 16.05 -8.20
N SER C 57 -8.87 15.18 -9.21
CA SER C 57 -10.00 14.29 -9.47
C SER C 57 -10.09 13.19 -8.42
N ASP C 58 -9.03 12.42 -8.27
CA ASP C 58 -9.00 11.32 -7.30
C ASP C 58 -7.56 10.99 -6.94
N ILE C 59 -7.36 9.91 -6.18
CA ILE C 59 -6.02 9.52 -5.77
C ILE C 59 -5.46 8.44 -6.69
N VAL C 60 -4.15 8.33 -6.75
CA VAL C 60 -3.49 7.34 -7.60
C VAL C 60 -2.52 6.50 -6.78
N CYS C 61 -2.35 5.24 -7.18
CA CYS C 61 -1.46 4.31 -6.49
C CYS C 61 -0.01 4.60 -6.85
N GLU C 62 0.86 3.65 -6.50
CA GLU C 62 2.27 3.76 -6.80
C GLU C 62 2.63 2.76 -7.88
N GLN C 63 1.63 2.00 -8.32
CA GLN C 63 1.81 0.99 -9.34
C GLN C 63 1.76 1.62 -10.72
N ASP C 64 0.70 2.36 -11.00
CA ASP C 64 0.53 2.98 -12.30
C ASP C 64 0.85 4.47 -12.26
N ILE C 65 1.39 4.92 -11.12
CA ILE C 65 1.73 6.33 -10.94
C ILE C 65 2.71 6.84 -12.01
N TYR C 66 3.62 5.98 -12.46
CA TYR C 66 4.60 6.36 -13.47
C TYR C 66 3.95 6.57 -14.83
N GLU C 67 2.87 5.86 -15.08
CA GLU C 67 2.16 5.98 -16.34
C GLU C 67 1.15 7.12 -16.28
N TRP C 68 0.44 7.21 -15.15
CA TRP C 68 -0.57 8.25 -14.94
C TRP C 68 0.03 9.64 -15.10
N THR C 69 1.21 9.84 -14.54
CA THR C 69 1.89 11.14 -14.61
C THR C 69 2.27 11.49 -16.05
N LYS C 70 2.71 10.49 -16.80
CA LYS C 70 3.12 10.71 -18.19
C LYS C 70 1.91 11.03 -19.07
N ILE C 71 0.82 10.31 -18.85
CA ILE C 71 -0.40 10.52 -19.63
C ILE C 71 -1.04 11.87 -19.34
N ASN C 72 -1.10 12.23 -18.07
CA ASN C 72 -1.71 13.50 -17.67
C ASN C 72 -0.77 14.67 -17.94
N GLY C 73 0.46 14.54 -17.49
CA GLY C 73 1.44 15.60 -17.69
C GLY C 73 2.09 16.01 -16.38
N GLY C 74 3.40 16.21 -16.43
CA GLY C 74 4.12 16.60 -15.23
C GLY C 74 5.34 15.76 -14.99
N SER C 75 5.98 15.32 -16.08
CA SER C 75 7.18 14.50 -15.99
C SER C 75 8.39 15.40 -15.73
N GLY C 76 9.29 14.95 -14.88
CA GLY C 76 10.47 15.73 -14.56
C GLY C 76 11.75 15.01 -14.92
N GLY C 77 11.76 14.36 -16.08
CA GLY C 77 12.93 13.63 -16.52
C GLY C 77 12.91 12.20 -16.04
N SER C 78 13.20 11.28 -16.95
CA SER C 78 13.22 9.86 -16.62
C SER C 78 14.43 9.54 -15.77
N GLY C 79 14.25 9.67 -14.46
CA GLY C 79 15.33 9.40 -13.52
C GLY C 79 15.58 10.60 -12.63
N GLY C 80 14.87 11.69 -12.92
CA GLY C 80 15.02 12.91 -12.14
C GLY C 80 13.86 13.11 -11.20
N SER C 81 13.81 14.28 -10.59
CA SER C 81 12.74 14.60 -9.66
C SER C 81 11.47 14.99 -10.39
N GLY C 82 10.45 14.14 -10.31
CA GLY C 82 9.19 14.42 -10.97
C GLY C 82 8.32 15.38 -10.20
N GLY C 83 8.02 15.04 -8.95
CA GLY C 83 7.19 15.88 -8.11
C GLY C 83 7.24 15.43 -6.67
N ASP C 84 6.25 15.83 -5.89
CA ASP C 84 6.20 15.45 -4.48
C ASP C 84 5.34 14.22 -4.30
N VAL C 85 5.93 13.18 -3.75
CA VAL C 85 5.23 11.94 -3.49
C VAL C 85 4.86 11.84 -2.01
N MET C 86 3.69 11.32 -1.71
CA MET C 86 3.25 11.22 -0.33
C MET C 86 3.04 9.77 0.07
N VAL C 87 3.10 9.51 1.36
CA VAL C 87 2.91 8.17 1.90
C VAL C 87 1.63 8.11 2.72
N VAL C 88 0.75 7.18 2.38
CA VAL C 88 -0.51 7.02 3.09
C VAL C 88 -0.24 6.64 4.55
N GLY C 89 -0.78 7.45 5.46
CA GLY C 89 -0.60 7.21 6.87
C GLY C 89 -1.40 6.01 7.37
N GLU C 90 -1.66 6.00 8.67
CA GLU C 90 -2.41 4.92 9.28
C GLU C 90 -3.90 5.21 9.24
N PRO C 91 -4.75 4.17 9.18
CA PRO C 91 -6.19 4.33 9.15
C PRO C 91 -6.74 4.76 10.50
N THR C 92 -7.73 5.65 10.48
CA THR C 92 -8.35 6.13 11.69
C THR C 92 -9.38 5.14 12.22
N LEU C 93 -9.40 4.96 13.53
CA LEU C 93 -10.34 4.04 14.16
C LEU C 93 -11.51 4.82 14.72
N MET C 94 -12.65 4.15 14.88
CA MET C 94 -13.87 4.79 15.40
C MET C 94 -13.81 5.04 16.91
N GLY C 95 -12.63 4.90 17.50
CA GLY C 95 -12.51 5.12 18.93
C GLY C 95 -11.42 4.29 19.56
N GLY C 96 -10.18 4.56 19.20
CA GLY C 96 -9.07 3.82 19.76
C GLY C 96 -7.83 4.01 18.94
N GLU A 1 0.36 -5.14 -9.58
CA GLU A 1 -0.42 -5.35 -8.35
C GLU A 1 0.05 -4.40 -7.26
N ALA A 2 -0.56 -4.50 -6.08
CA ALA A 2 -0.20 -3.62 -4.97
C ALA A 2 1.10 -4.08 -4.31
N ARG A 3 1.00 -5.05 -3.42
CA ARG A 3 2.17 -5.56 -2.71
C ARG A 3 2.16 -7.09 -2.73
N GLU A 4 3.11 -7.70 -2.07
CA GLU A 4 3.20 -9.14 -2.01
C GLU A 4 3.11 -9.61 -0.56
N CYS A 5 3.07 -10.93 -0.37
CA CYS A 5 3.00 -11.52 0.95
C CYS A 5 4.26 -12.35 1.17
N VAL A 6 4.69 -12.45 2.42
CA VAL A 6 5.88 -13.22 2.75
C VAL A 6 5.65 -14.72 2.58
N ASN A 7 4.39 -15.11 2.59
CA ASN A 7 4.04 -16.52 2.47
C ASN A 7 3.29 -16.81 1.18
N CYS A 8 2.59 -15.82 0.64
CA CYS A 8 1.86 -16.05 -0.59
C CYS A 8 1.93 -14.85 -1.55
N GLY A 9 0.96 -13.96 -1.47
CA GLY A 9 0.93 -12.79 -2.32
C GLY A 9 -0.46 -12.46 -2.78
N ALA A 10 -1.44 -12.62 -1.88
CA ALA A 10 -2.83 -12.35 -2.20
C ALA A 10 -3.12 -10.85 -2.15
N THR A 11 -3.02 -10.21 -3.32
CA THR A 11 -3.28 -8.77 -3.39
C THR A 11 -4.78 -8.48 -3.27
N ALA A 12 -5.57 -9.55 -3.28
CA ALA A 12 -7.02 -9.44 -3.16
C ALA A 12 -7.45 -9.16 -1.71
N THR A 13 -6.49 -9.23 -0.79
CA THR A 13 -6.77 -8.98 0.62
C THR A 13 -7.35 -7.58 0.80
N PRO A 14 -8.34 -7.41 1.69
CA PRO A 14 -8.97 -6.12 1.95
C PRO A 14 -7.95 -5.04 2.32
N LEU A 15 -6.95 -5.42 3.10
CA LEU A 15 -5.92 -4.50 3.53
C LEU A 15 -4.65 -5.28 3.85
N TRP A 16 -3.51 -4.70 3.53
CA TRP A 16 -2.23 -5.34 3.79
C TRP A 16 -1.87 -5.28 5.27
N ARG A 17 -1.49 -6.41 5.83
CA ARG A 17 -1.11 -6.49 7.22
C ARG A 17 0.37 -6.18 7.37
N ARG A 18 0.70 -4.90 7.30
CA ARG A 18 2.07 -4.45 7.40
C ARG A 18 2.40 -4.03 8.83
N ASP A 19 3.46 -4.60 9.38
CA ASP A 19 3.89 -4.27 10.73
C ASP A 19 4.88 -3.09 10.70
N ARG A 20 5.56 -2.88 11.82
CA ARG A 20 6.53 -1.79 11.92
C ARG A 20 7.80 -2.07 11.11
N THR A 21 8.23 -3.32 11.07
CA THR A 21 9.44 -3.68 10.33
C THR A 21 9.21 -3.57 8.83
N GLY A 22 8.02 -3.95 8.39
CA GLY A 22 7.69 -3.87 6.99
C GLY A 22 7.24 -5.20 6.42
N HIS A 23 6.90 -6.12 7.31
CA HIS A 23 6.43 -7.44 6.91
C HIS A 23 5.05 -7.34 6.28
N TYR A 24 4.99 -7.30 4.96
CA TYR A 24 3.72 -7.23 4.26
C TYR A 24 3.09 -8.60 4.22
N LEU A 25 1.97 -8.74 4.91
CA LEU A 25 1.24 -9.99 4.94
C LEU A 25 -0.16 -9.79 4.39
N CYS A 26 -0.70 -10.82 3.75
CA CYS A 26 -2.03 -10.75 3.17
C CYS A 26 -3.08 -10.57 4.28
N ASN A 27 -3.35 -11.66 4.96
CA ASN A 27 -4.30 -11.71 6.06
C ASN A 27 -4.24 -13.10 6.67
N ALA A 28 -4.25 -14.12 5.80
CA ALA A 28 -4.19 -15.50 6.23
C ALA A 28 -2.83 -15.79 6.84
N CYS A 29 -1.77 -15.56 6.09
CA CYS A 29 -0.42 -15.78 6.58
C CYS A 29 -0.05 -14.70 7.61
N GLY A 30 -0.86 -13.66 7.66
CA GLY A 30 -0.64 -12.57 8.59
C GLY A 30 -0.78 -13.03 10.03
N LEU A 31 -1.64 -14.00 10.25
CA LEU A 31 -1.87 -14.54 11.58
C LEU A 31 -0.74 -15.45 12.01
N TYR A 32 0.11 -15.83 11.06
CA TYR A 32 1.24 -16.70 11.34
C TYR A 32 2.24 -15.99 12.25
N HIS A 33 2.29 -14.67 12.12
CA HIS A 33 3.20 -13.84 12.91
C HIS A 33 2.58 -13.50 14.27
N LYS A 34 1.36 -13.95 14.52
CA LYS A 34 0.68 -13.65 15.77
C LYS A 34 0.27 -14.92 16.51
N MET A 35 -0.46 -15.80 15.84
CA MET A 35 -0.93 -17.04 16.44
C MET A 35 0.21 -18.03 16.63
N ASN A 36 0.89 -18.35 15.54
CA ASN A 36 2.00 -19.30 15.59
C ASN A 36 3.19 -18.69 16.33
N GLY A 37 3.35 -17.38 16.18
CA GLY A 37 4.44 -16.69 16.85
C GLY A 37 5.76 -16.87 16.13
N GLN A 38 5.69 -17.06 14.81
CA GLN A 38 6.88 -17.24 14.00
C GLN A 38 7.16 -15.96 13.20
N ASN A 39 8.02 -16.06 12.19
CA ASN A 39 8.37 -14.89 11.38
C ASN A 39 7.36 -14.68 10.27
N GLY B 1 35.18 -8.92 -4.91
CA GLY B 1 35.02 -10.27 -5.50
C GLY B 1 33.81 -10.97 -4.95
N SER B 2 33.45 -12.09 -5.57
CA SER B 2 32.29 -12.88 -5.17
C SER B 2 31.00 -12.08 -5.34
N LEU B 3 29.89 -12.60 -4.83
CA LEU B 3 28.61 -11.92 -4.93
C LEU B 3 28.54 -10.78 -3.92
N LEU B 4 28.46 -11.15 -2.64
CA LEU B 4 28.38 -10.19 -1.53
C LEU B 4 27.04 -9.45 -1.50
N LYS B 5 26.62 -8.94 -2.65
CA LYS B 5 25.37 -8.22 -2.75
C LYS B 5 24.29 -9.12 -3.36
N PRO B 6 23.30 -9.53 -2.56
CA PRO B 6 22.22 -10.40 -3.02
C PRO B 6 21.19 -9.66 -3.88
N ALA B 7 21.61 -9.22 -5.05
CA ALA B 7 20.73 -8.50 -5.97
C ALA B 7 19.82 -9.48 -6.72
N ARG B 8 19.01 -10.20 -5.96
CA ARG B 8 18.07 -11.16 -6.52
C ARG B 8 16.77 -11.14 -5.76
N PHE B 9 15.68 -10.94 -6.48
CA PHE B 9 14.35 -10.90 -5.86
C PHE B 9 13.47 -11.99 -6.46
N MET B 10 14.11 -12.97 -7.07
CA MET B 10 13.42 -14.08 -7.70
C MET B 10 14.28 -15.34 -7.65
N CYS B 11 13.79 -16.35 -6.94
CA CYS B 11 14.50 -17.61 -6.82
C CYS B 11 14.27 -18.48 -8.05
N LEU B 12 15.24 -19.31 -8.35
CA LEU B 12 15.14 -20.23 -9.48
C LEU B 12 14.00 -21.23 -9.30
N PRO B 13 13.86 -21.88 -8.12
CA PRO B 13 12.77 -22.85 -7.87
C PRO B 13 11.40 -22.17 -7.79
N CYS B 14 11.33 -21.07 -7.02
CA CYS B 14 10.09 -20.34 -6.85
C CYS B 14 9.60 -19.75 -8.17
N GLY B 15 10.45 -18.97 -8.82
CA GLY B 15 10.08 -18.37 -10.09
C GLY B 15 9.24 -17.12 -9.92
N ILE B 16 8.83 -16.84 -8.69
CA ILE B 16 8.00 -15.67 -8.39
C ILE B 16 8.88 -14.50 -7.98
N ALA B 17 8.89 -13.47 -8.82
CA ALA B 17 9.67 -12.28 -8.55
C ALA B 17 8.90 -11.34 -7.63
N PHE B 18 9.53 -10.95 -6.52
CA PHE B 18 8.91 -10.05 -5.57
C PHE B 18 9.19 -8.61 -5.92
N SER B 19 8.78 -7.68 -5.06
CA SER B 19 9.00 -6.27 -5.30
C SER B 19 9.60 -5.60 -4.07
N SER B 20 9.18 -6.03 -2.89
CA SER B 20 9.68 -5.46 -1.66
C SER B 20 10.68 -6.40 -0.99
N PRO B 21 11.81 -5.87 -0.48
CA PRO B 21 12.84 -6.67 0.17
C PRO B 21 12.36 -7.23 1.51
N SER B 22 11.45 -6.50 2.14
CA SER B 22 10.89 -6.89 3.43
C SER B 22 10.09 -8.19 3.31
N THR B 23 9.39 -8.34 2.19
CA THR B 23 8.60 -9.53 1.95
C THR B 23 9.50 -10.70 1.56
N LEU B 24 10.62 -10.39 0.93
CA LEU B 24 11.57 -11.40 0.49
C LEU B 24 12.27 -12.05 1.69
N GLU B 25 12.42 -11.28 2.77
CA GLU B 25 13.09 -11.77 3.99
C GLU B 25 12.43 -13.04 4.51
N ALA B 26 11.15 -12.96 4.83
CA ALA B 26 10.42 -14.11 5.35
C ALA B 26 10.12 -15.10 4.24
N HIS B 27 10.15 -14.63 2.99
CA HIS B 27 9.92 -15.49 1.84
C HIS B 27 10.95 -16.61 1.85
N GLN B 28 12.20 -16.24 2.10
CA GLN B 28 13.30 -17.19 2.12
C GLN B 28 13.29 -18.02 3.41
N ALA B 29 12.24 -18.81 3.56
CA ALA B 29 12.05 -19.65 4.72
C ALA B 29 10.90 -20.61 4.49
N TYR B 30 9.78 -20.08 4.03
CA TYR B 30 8.60 -20.88 3.77
C TYR B 30 8.33 -21.05 2.29
N TYR B 31 8.60 -20.01 1.51
CA TYR B 31 8.33 -20.04 0.07
C TYR B 31 9.28 -20.97 -0.69
N CYS B 32 10.58 -20.79 -0.55
CA CYS B 32 11.54 -21.64 -1.24
C CYS B 32 11.64 -22.99 -0.53
N SER B 33 10.57 -23.77 -0.64
CA SER B 33 10.47 -25.08 -0.02
C SER B 33 10.50 -24.94 1.51
N HIS B 34 11.69 -24.96 2.09
CA HIS B 34 11.86 -24.83 3.53
C HIS B 34 13.30 -24.45 3.85
N ARG B 35 13.59 -23.16 3.77
CA ARG B 35 14.94 -22.66 4.06
C ARG B 35 15.12 -22.50 5.57
N ILE B 36 14.86 -23.58 6.30
CA ILE B 36 14.99 -23.57 7.74
C ILE B 36 16.18 -24.43 8.18
N TYR C 1 -26.99 18.80 21.92
CA TYR C 1 -27.68 19.78 21.04
C TYR C 1 -27.34 19.51 19.58
N LEU C 2 -26.23 20.08 19.12
CA LEU C 2 -25.81 19.88 17.74
C LEU C 2 -24.68 18.85 17.70
N ARG C 3 -24.82 17.88 16.81
CA ARG C 3 -23.81 16.84 16.69
C ARG C 3 -22.69 17.26 15.76
N LEU C 4 -21.61 17.74 16.34
CA LEU C 4 -20.45 18.16 15.58
C LEU C 4 -19.47 17.01 15.48
N PHE C 5 -18.56 17.08 14.53
CA PHE C 5 -17.57 16.03 14.33
C PHE C 5 -16.20 16.62 14.05
N GLY C 6 -15.21 15.76 13.92
CA GLY C 6 -13.84 16.21 13.66
C GLY C 6 -13.47 16.09 12.20
N GLN C 7 -14.41 15.59 11.41
CA GLN C 7 -14.20 15.43 9.98
C GLN C 7 -14.48 16.73 9.23
N ASP C 8 -14.03 16.81 7.99
CA ASP C 8 -14.22 18.00 7.15
C ASP C 8 -15.70 18.35 7.00
N GLY C 9 -16.50 17.36 6.64
CA GLY C 9 -17.92 17.58 6.48
C GLY C 9 -18.46 16.90 5.23
N LEU C 10 -17.83 17.17 4.09
CA LEU C 10 -18.26 16.59 2.83
C LEU C 10 -17.12 15.85 2.16
N CYS C 11 -17.47 14.98 1.21
CA CYS C 11 -16.51 14.18 0.48
C CYS C 11 -15.85 14.99 -0.63
N ALA C 12 -15.09 14.30 -1.45
CA ALA C 12 -14.41 14.90 -2.57
C ALA C 12 -14.74 14.14 -3.84
N SER C 13 -15.24 12.92 -3.67
CA SER C 13 -15.60 12.09 -4.79
C SER C 13 -17.12 11.90 -4.83
N CYS C 14 -17.75 11.82 -3.67
CA CYS C 14 -19.20 11.65 -3.60
C CYS C 14 -19.84 12.88 -2.95
N ASP C 15 -21.11 12.77 -2.57
CA ASP C 15 -21.82 13.89 -1.96
C ASP C 15 -22.39 13.48 -0.61
N LYS C 16 -21.85 12.41 -0.06
CA LYS C 16 -22.32 11.93 1.24
C LYS C 16 -21.55 12.60 2.36
N ARG C 17 -22.29 13.08 3.37
CA ARG C 17 -21.69 13.74 4.51
C ARG C 17 -20.79 12.76 5.26
N ILE C 18 -19.68 13.26 5.79
CA ILE C 18 -18.75 12.41 6.51
C ILE C 18 -19.22 12.20 7.94
N ARG C 19 -19.17 10.96 8.38
CA ARG C 19 -19.57 10.59 9.73
C ARG C 19 -18.46 9.77 10.36
N ALA C 20 -18.77 9.02 11.43
CA ALA C 20 -17.78 8.18 12.08
C ALA C 20 -17.42 7.03 11.16
N TYR C 21 -18.23 6.85 10.13
CA TYR C 21 -18.04 5.81 9.14
C TYR C 21 -17.15 6.32 8.01
N GLU C 22 -15.99 6.84 8.38
CA GLU C 22 -15.05 7.34 7.40
C GLU C 22 -13.92 6.32 7.20
N MET C 23 -13.10 6.17 8.25
CA MET C 23 -11.98 5.23 8.25
C MET C 23 -11.10 5.41 7.03
N THR C 24 -10.70 6.64 6.77
CA THR C 24 -9.86 6.94 5.63
C THR C 24 -8.46 7.31 6.09
N MET C 25 -7.51 7.33 5.15
CA MET C 25 -6.14 7.67 5.46
C MET C 25 -5.96 9.18 5.44
N ARG C 26 -5.06 9.68 6.28
CA ARG C 26 -4.80 11.11 6.38
C ARG C 26 -4.37 11.68 5.02
N VAL C 27 -5.15 12.61 4.51
CA VAL C 27 -4.86 13.26 3.23
C VAL C 27 -4.42 14.69 3.47
N LYS C 28 -4.40 15.51 2.41
CA LYS C 28 -4.01 16.91 2.52
C LYS C 28 -5.05 17.69 3.31
N ASP C 29 -6.26 17.77 2.77
CA ASP C 29 -7.35 18.48 3.43
C ASP C 29 -8.64 17.68 3.30
N LYS C 30 -9.06 17.46 2.06
CA LYS C 30 -10.27 16.71 1.77
C LYS C 30 -10.15 15.25 2.21
N VAL C 31 -10.96 14.85 3.17
CA VAL C 31 -10.95 13.49 3.66
C VAL C 31 -11.98 12.65 2.91
N TYR C 32 -11.49 11.64 2.20
CA TYR C 32 -12.35 10.76 1.42
C TYR C 32 -13.04 9.73 2.30
N HIS C 33 -13.78 8.83 1.66
CA HIS C 33 -14.46 7.76 2.37
C HIS C 33 -13.71 6.47 2.14
N LEU C 34 -13.98 5.45 2.95
CA LEU C 34 -13.31 4.16 2.79
C LEU C 34 -13.61 3.56 1.42
N GLU C 35 -14.77 3.88 0.87
CA GLU C 35 -15.18 3.39 -0.43
C GLU C 35 -14.77 4.35 -1.55
N CYS C 36 -14.68 5.63 -1.19
CA CYS C 36 -14.32 6.67 -2.15
C CYS C 36 -12.80 6.77 -2.35
N PHE C 37 -12.05 6.19 -1.43
CA PHE C 37 -10.60 6.21 -1.52
C PHE C 37 -10.08 5.00 -2.31
N LYS C 38 -10.01 5.14 -3.64
CA LYS C 38 -9.54 4.07 -4.50
C LYS C 38 -8.79 4.64 -5.69
N CYS C 39 -7.89 3.84 -6.27
CA CYS C 39 -7.10 4.26 -7.41
C CYS C 39 -7.97 4.59 -8.61
N ALA C 40 -7.61 5.64 -9.32
CA ALA C 40 -8.34 6.07 -10.50
C ALA C 40 -7.97 5.23 -11.72
N ALA C 41 -6.90 4.45 -11.61
CA ALA C 41 -6.46 3.63 -12.71
C ALA C 41 -6.81 2.16 -12.52
N CYS C 42 -6.14 1.50 -11.58
CA CYS C 42 -6.38 0.08 -11.35
C CYS C 42 -7.52 -0.16 -10.36
N GLN C 43 -7.84 0.86 -9.57
CA GLN C 43 -8.93 0.79 -8.57
C GLN C 43 -8.61 -0.19 -7.44
N LYS C 44 -7.35 -0.56 -7.28
CA LYS C 44 -6.97 -1.49 -6.23
C LYS C 44 -6.84 -0.77 -4.90
N HIS C 45 -7.15 -1.47 -3.82
CA HIS C 45 -7.06 -0.91 -2.48
C HIS C 45 -5.63 -0.46 -2.19
N PHE C 46 -5.50 0.63 -1.46
CA PHE C 46 -4.19 1.18 -1.13
C PHE C 46 -3.51 0.39 0.00
N SER C 47 -2.29 0.79 0.32
CA SER C 47 -1.51 0.15 1.37
C SER C 47 -1.14 1.19 2.43
N VAL C 48 -0.64 0.73 3.56
CA VAL C 48 -0.25 1.62 4.63
C VAL C 48 1.28 1.74 4.70
N GLY C 49 1.76 2.97 4.78
CA GLY C 49 3.19 3.20 4.84
C GLY C 49 3.83 3.20 3.47
N ASP C 50 3.05 3.58 2.46
CA ASP C 50 3.54 3.63 1.08
C ASP C 50 3.21 4.98 0.45
N ARG C 51 3.84 5.28 -0.68
CA ARG C 51 3.62 6.54 -1.36
C ARG C 51 2.44 6.45 -2.32
N TYR C 52 1.88 7.60 -2.66
CA TYR C 52 0.75 7.66 -3.57
C TYR C 52 0.67 9.03 -4.24
N LEU C 53 -0.24 9.16 -5.19
CA LEU C 53 -0.42 10.42 -5.90
C LEU C 53 -1.87 10.87 -5.75
N LEU C 54 -2.08 12.15 -5.51
CA LEU C 54 -3.43 12.68 -5.35
C LEU C 54 -3.76 13.64 -6.48
N ILE C 55 -4.81 13.34 -7.21
CA ILE C 55 -5.25 14.17 -8.31
C ILE C 55 -6.50 14.93 -7.90
N ASN C 56 -6.91 15.89 -8.71
CA ASN C 56 -8.10 16.68 -8.41
C ASN C 56 -9.35 15.81 -8.40
N SER C 57 -9.40 14.82 -9.30
CA SER C 57 -10.53 13.93 -9.39
C SER C 57 -10.46 12.84 -8.31
N ASP C 58 -9.46 11.96 -8.41
CA ASP C 58 -9.30 10.86 -7.46
C ASP C 58 -7.82 10.64 -7.13
N ILE C 59 -7.51 9.51 -6.50
CA ILE C 59 -6.15 9.19 -6.12
C ILE C 59 -5.56 8.12 -7.04
N VAL C 60 -4.24 7.99 -6.99
CA VAL C 60 -3.52 7.02 -7.81
C VAL C 60 -2.48 6.29 -6.96
N CYS C 61 -2.31 4.99 -7.20
CA CYS C 61 -1.35 4.20 -6.45
C CYS C 61 0.06 4.42 -6.97
N GLU C 62 1.04 3.77 -6.33
CA GLU C 62 2.41 3.90 -6.75
C GLU C 62 2.75 2.80 -7.75
N GLN C 63 1.81 1.89 -7.96
CA GLN C 63 1.99 0.78 -8.88
C GLN C 63 1.82 1.24 -10.32
N ASP C 64 0.80 2.05 -10.57
CA ASP C 64 0.54 2.53 -11.91
C ASP C 64 0.73 4.05 -11.99
N ILE C 65 1.36 4.61 -10.96
CA ILE C 65 1.60 6.05 -10.90
C ILE C 65 2.42 6.56 -12.10
N TYR C 66 3.44 5.80 -12.49
CA TYR C 66 4.28 6.20 -13.61
C TYR C 66 3.52 6.10 -14.92
N GLU C 67 2.54 5.21 -14.96
CA GLU C 67 1.72 5.05 -16.14
C GLU C 67 0.73 6.19 -16.25
N TRP C 68 0.05 6.47 -15.14
CA TRP C 68 -0.93 7.53 -15.06
C TRP C 68 -0.32 8.88 -15.43
N THR C 69 0.85 9.16 -14.90
CA THR C 69 1.53 10.42 -15.15
C THR C 69 1.89 10.56 -16.64
N LYS C 70 2.50 9.54 -17.21
CA LYS C 70 2.89 9.57 -18.61
C LYS C 70 1.67 9.74 -19.53
N ILE C 71 0.62 8.98 -19.27
CA ILE C 71 -0.60 9.04 -20.07
C ILE C 71 -1.29 10.40 -19.93
N ASN C 72 -1.31 10.95 -18.72
CA ASN C 72 -1.95 12.24 -18.49
C ASN C 72 -1.12 13.39 -19.03
N GLY C 73 0.20 13.26 -18.94
CA GLY C 73 1.09 14.30 -19.43
C GLY C 73 1.90 14.96 -18.34
N GLY C 74 2.45 14.14 -17.45
CA GLY C 74 3.25 14.66 -16.37
C GLY C 74 4.53 13.87 -16.19
N SER C 75 5.48 14.08 -17.09
CA SER C 75 6.76 13.38 -17.03
C SER C 75 7.90 14.39 -16.96
N GLY C 76 9.01 13.99 -16.35
CA GLY C 76 10.14 14.86 -16.22
C GLY C 76 11.44 14.17 -16.60
N GLY C 77 11.38 13.40 -17.69
CA GLY C 77 12.56 12.69 -18.14
C GLY C 77 12.66 11.31 -17.52
N SER C 78 13.36 10.42 -18.20
CA SER C 78 13.55 9.06 -17.72
C SER C 78 14.52 9.05 -16.53
N GLY C 79 13.97 8.86 -15.33
CA GLY C 79 14.80 8.84 -14.15
C GLY C 79 15.04 10.24 -13.61
N GLY C 80 14.44 11.21 -14.28
CA GLY C 80 14.59 12.59 -13.88
C GLY C 80 13.44 13.06 -13.01
N SER C 81 13.63 14.21 -12.37
CA SER C 81 12.64 14.78 -11.49
C SER C 81 11.32 15.02 -12.24
N GLY C 82 10.25 14.39 -11.77
CA GLY C 82 8.96 14.54 -12.41
C GLY C 82 8.07 15.53 -11.68
N GLY C 83 7.64 15.16 -10.50
CA GLY C 83 6.78 16.02 -9.71
C GLY C 83 6.76 15.63 -8.25
N ASP C 84 5.87 16.23 -7.49
CA ASP C 84 5.76 15.95 -6.06
C ASP C 84 5.13 14.58 -5.81
N VAL C 85 5.50 13.98 -4.68
CA VAL C 85 4.98 12.67 -4.29
C VAL C 85 4.74 12.66 -2.78
N MET C 86 3.60 12.14 -2.36
CA MET C 86 3.26 12.10 -0.95
C MET C 86 3.07 10.68 -0.44
N VAL C 87 3.17 10.52 0.87
CA VAL C 87 3.00 9.23 1.51
C VAL C 87 1.68 9.20 2.27
N VAL C 88 1.00 8.05 2.24
CA VAL C 88 -0.28 7.93 2.94
C VAL C 88 -0.09 8.08 4.45
N GLY C 89 -0.97 8.85 5.06
CA GLY C 89 -0.88 9.06 6.49
C GLY C 89 -1.75 8.08 7.24
N GLU C 90 -1.65 8.10 8.56
CA GLU C 90 -2.43 7.20 9.39
C GLU C 90 -3.92 7.52 9.28
N PRO C 91 -4.78 6.50 9.38
CA PRO C 91 -6.23 6.67 9.28
C PRO C 91 -6.81 7.47 10.44
N THR C 92 -7.88 8.20 10.16
CA THR C 92 -8.54 9.00 11.17
C THR C 92 -9.45 8.15 12.04
N LEU C 93 -9.65 8.56 13.29
CA LEU C 93 -10.49 7.82 14.20
C LEU C 93 -11.56 8.74 14.80
N MET C 94 -12.69 8.17 15.19
CA MET C 94 -13.79 8.94 15.77
C MET C 94 -13.50 9.34 17.21
N GLY C 95 -12.37 10.00 17.42
CA GLY C 95 -11.99 10.44 18.75
C GLY C 95 -11.36 9.34 19.57
N GLY C 96 -10.08 9.10 19.36
CA GLY C 96 -9.37 8.07 20.09
C GLY C 96 -7.97 7.88 19.57
N GLU A 1 0.32 -5.13 -9.40
CA GLU A 1 0.05 -5.48 -7.99
C GLU A 1 0.34 -4.29 -7.08
N ALA A 2 -0.51 -4.08 -6.08
CA ALA A 2 -0.35 -2.97 -5.15
C ALA A 2 0.76 -3.27 -4.15
N ARG A 3 0.93 -4.55 -3.83
CA ARG A 3 1.95 -4.98 -2.89
C ARG A 3 2.10 -6.49 -2.97
N GLU A 4 3.15 -7.03 -2.37
CA GLU A 4 3.39 -8.46 -2.38
C GLU A 4 3.40 -8.99 -0.94
N CYS A 5 3.32 -10.31 -0.80
CA CYS A 5 3.33 -10.93 0.51
C CYS A 5 4.69 -11.57 0.76
N VAL A 6 4.87 -12.10 1.94
CA VAL A 6 6.12 -12.75 2.31
C VAL A 6 6.07 -14.23 1.97
N ASN A 7 4.87 -14.75 1.84
CA ASN A 7 4.68 -16.17 1.54
C ASN A 7 3.84 -16.38 0.28
N CYS A 8 3.03 -15.39 -0.09
CA CYS A 8 2.20 -15.55 -1.28
C CYS A 8 2.28 -14.31 -2.18
N GLY A 9 1.31 -13.43 -2.06
CA GLY A 9 1.27 -12.22 -2.86
C GLY A 9 -0.14 -11.89 -3.29
N ALA A 10 -1.12 -12.31 -2.48
CA ALA A 10 -2.52 -12.06 -2.79
C ALA A 10 -2.89 -10.60 -2.52
N THR A 11 -2.85 -9.79 -3.57
CA THR A 11 -3.18 -8.38 -3.46
C THR A 11 -4.68 -8.18 -3.35
N ALA A 12 -5.43 -9.29 -3.42
CA ALA A 12 -6.88 -9.26 -3.32
C ALA A 12 -7.31 -9.05 -1.87
N THR A 13 -6.35 -9.19 -0.95
CA THR A 13 -6.62 -9.00 0.47
C THR A 13 -7.19 -7.60 0.72
N PRO A 14 -8.18 -7.49 1.62
CA PRO A 14 -8.83 -6.21 1.94
C PRO A 14 -7.84 -5.14 2.36
N LEU A 15 -6.87 -5.52 3.19
CA LEU A 15 -5.87 -4.59 3.68
C LEU A 15 -4.58 -5.32 4.00
N TRP A 16 -3.47 -4.84 3.47
CA TRP A 16 -2.18 -5.45 3.71
C TRP A 16 -1.75 -5.24 5.17
N ARG A 17 -1.27 -6.29 5.78
CA ARG A 17 -0.81 -6.22 7.16
C ARG A 17 0.68 -5.89 7.19
N ARG A 18 0.99 -4.65 7.54
CA ARG A 18 2.37 -4.21 7.59
C ARG A 18 2.80 -3.94 9.03
N ASP A 19 4.00 -4.37 9.36
CA ASP A 19 4.53 -4.17 10.70
C ASP A 19 5.45 -2.94 10.72
N ARG A 20 6.19 -2.78 11.80
CA ARG A 20 7.09 -1.64 11.94
C ARG A 20 8.30 -1.76 11.00
N THR A 21 8.81 -2.97 10.81
CA THR A 21 9.97 -3.16 9.94
C THR A 21 9.60 -2.99 8.48
N GLY A 22 8.46 -3.57 8.07
CA GLY A 22 8.03 -3.45 6.70
C GLY A 22 7.62 -4.77 6.09
N HIS A 23 7.36 -5.77 6.93
CA HIS A 23 6.96 -7.07 6.44
C HIS A 23 5.51 -7.02 5.97
N TYR A 24 5.32 -6.97 4.66
CA TYR A 24 3.99 -6.92 4.10
C TYR A 24 3.39 -8.32 4.06
N LEU A 25 2.33 -8.51 4.83
CA LEU A 25 1.65 -9.78 4.89
C LEU A 25 0.21 -9.63 4.41
N CYS A 26 -0.26 -10.60 3.63
CA CYS A 26 -1.62 -10.58 3.12
C CYS A 26 -2.63 -10.51 4.26
N ASN A 27 -2.71 -11.63 4.97
CA ASN A 27 -3.60 -11.81 6.10
C ASN A 27 -3.44 -13.23 6.63
N ALA A 28 -3.32 -14.16 5.69
CA ALA A 28 -3.16 -15.57 6.02
C ALA A 28 -1.75 -15.86 6.48
N CYS A 29 -0.77 -15.58 5.62
CA CYS A 29 0.63 -15.81 5.96
C CYS A 29 1.09 -14.80 7.02
N GLY A 30 0.21 -13.86 7.34
CA GLY A 30 0.53 -12.85 8.33
C GLY A 30 0.51 -13.39 9.74
N LEU A 31 -0.34 -14.40 9.96
CA LEU A 31 -0.47 -15.02 11.28
C LEU A 31 0.79 -15.81 11.63
N TYR A 32 1.61 -16.04 10.62
CA TYR A 32 2.86 -16.77 10.78
C TYR A 32 3.83 -15.97 11.66
N HIS A 33 3.73 -14.66 11.60
CA HIS A 33 4.59 -13.77 12.39
C HIS A 33 3.93 -13.39 13.71
N LYS A 34 2.75 -13.94 13.97
CA LYS A 34 2.04 -13.63 15.21
C LYS A 34 1.75 -14.89 16.02
N MET A 35 0.85 -15.72 15.50
CA MET A 35 0.47 -16.95 16.20
C MET A 35 1.65 -17.92 16.27
N ASN A 36 2.32 -18.11 15.15
CA ASN A 36 3.47 -19.01 15.11
C ASN A 36 4.68 -18.36 15.77
N GLY A 37 4.69 -17.03 15.80
CA GLY A 37 5.79 -16.31 16.41
C GLY A 37 7.08 -16.41 15.62
N GLN A 38 6.97 -16.51 14.31
CA GLN A 38 8.15 -16.60 13.47
C GLN A 38 8.39 -15.29 12.75
N ASN A 39 9.26 -15.30 11.75
CA ASN A 39 9.58 -14.09 11.00
C ASN A 39 9.07 -14.21 9.57
N GLY B 1 35.35 -6.81 -7.21
CA GLY B 1 35.35 -8.28 -7.43
C GLY B 1 34.17 -8.94 -6.75
N SER B 2 33.78 -10.10 -7.28
CA SER B 2 32.66 -10.88 -6.74
C SER B 2 31.34 -10.13 -6.92
N LEU B 3 30.28 -10.64 -6.30
CA LEU B 3 28.96 -10.01 -6.40
C LEU B 3 28.84 -8.86 -5.40
N LEU B 4 28.67 -9.22 -4.13
CA LEU B 4 28.52 -8.26 -3.03
C LEU B 4 27.18 -7.50 -3.10
N LYS B 5 26.90 -6.91 -4.26
CA LYS B 5 25.67 -6.16 -4.45
C LYS B 5 24.56 -7.06 -5.00
N PRO B 6 23.52 -7.33 -4.20
CA PRO B 6 22.41 -8.18 -4.60
C PRO B 6 21.38 -7.42 -5.43
N ALA B 7 21.71 -7.19 -6.70
CA ALA B 7 20.81 -6.48 -7.61
C ALA B 7 19.81 -7.46 -8.25
N ARG B 8 19.19 -8.28 -7.42
CA ARG B 8 18.24 -9.27 -7.88
C ARG B 8 17.07 -9.35 -6.91
N PHE B 9 15.87 -9.56 -7.45
CA PHE B 9 14.66 -9.67 -6.63
C PHE B 9 13.73 -10.73 -7.22
N MET B 10 14.31 -11.62 -8.01
CA MET B 10 13.57 -12.69 -8.65
C MET B 10 14.43 -13.94 -8.79
N CYS B 11 14.14 -14.95 -7.99
CA CYS B 11 14.87 -16.21 -8.06
C CYS B 11 14.46 -17.01 -9.29
N LEU B 12 15.38 -17.81 -9.80
CA LEU B 12 15.12 -18.63 -10.97
C LEU B 12 14.11 -19.76 -10.68
N PRO B 13 14.28 -20.54 -9.57
CA PRO B 13 13.34 -21.61 -9.24
C PRO B 13 11.93 -21.09 -8.95
N CYS B 14 11.85 -19.99 -8.21
CA CYS B 14 10.57 -19.39 -7.90
C CYS B 14 9.93 -18.75 -9.13
N GLY B 15 10.68 -17.86 -9.76
CA GLY B 15 10.19 -17.18 -10.94
C GLY B 15 9.23 -16.06 -10.59
N ILE B 16 9.01 -15.87 -9.31
CA ILE B 16 8.12 -14.84 -8.82
C ILE B 16 8.92 -13.61 -8.39
N ALA B 17 8.89 -12.58 -9.23
CA ALA B 17 9.60 -11.35 -8.95
C ALA B 17 8.85 -10.48 -7.96
N PHE B 18 9.57 -9.90 -7.02
CA PHE B 18 8.97 -9.05 -6.00
C PHE B 18 9.23 -7.58 -6.33
N SER B 19 8.82 -6.69 -5.43
CA SER B 19 9.02 -5.28 -5.62
C SER B 19 9.70 -4.66 -4.40
N SER B 20 9.36 -5.16 -3.22
CA SER B 20 9.91 -4.67 -1.98
C SER B 20 10.97 -5.64 -1.42
N PRO B 21 12.08 -5.10 -0.88
CA PRO B 21 13.14 -5.93 -0.31
C PRO B 21 12.72 -6.54 1.03
N SER B 22 11.77 -5.89 1.67
CA SER B 22 11.25 -6.34 2.96
C SER B 22 10.50 -7.65 2.80
N THR B 23 9.75 -7.77 1.71
CA THR B 23 9.00 -8.98 1.43
C THR B 23 9.94 -10.07 0.95
N LEU B 24 10.98 -9.67 0.22
CA LEU B 24 11.97 -10.60 -0.31
C LEU B 24 12.73 -11.28 0.84
N GLU B 25 12.92 -10.55 1.93
CA GLU B 25 13.62 -11.06 3.11
C GLU B 25 12.98 -12.35 3.61
N ALA B 26 11.68 -12.32 3.81
CA ALA B 26 10.95 -13.50 4.30
C ALA B 26 10.72 -14.49 3.17
N HIS B 27 10.64 -13.98 1.94
CA HIS B 27 10.44 -14.83 0.77
C HIS B 27 11.58 -15.83 0.68
N GLN B 28 12.81 -15.32 0.86
CA GLN B 28 14.02 -16.13 0.75
C GLN B 28 14.20 -17.05 1.97
N ALA B 29 13.13 -17.69 2.37
CA ALA B 29 13.13 -18.60 3.50
C ALA B 29 12.04 -19.65 3.35
N TYR B 30 10.84 -19.21 2.98
CA TYR B 30 9.72 -20.12 2.84
C TYR B 30 9.21 -20.20 1.40
N TYR B 31 9.58 -19.24 0.55
CA TYR B 31 9.10 -19.25 -0.82
C TYR B 31 10.04 -20.01 -1.75
N CYS B 32 11.35 -19.80 -1.63
CA CYS B 32 12.31 -20.52 -2.46
C CYS B 32 12.43 -21.96 -1.98
N SER B 33 11.36 -22.73 -2.16
CA SER B 33 11.29 -24.12 -1.74
C SER B 33 11.32 -24.20 -0.21
N HIS B 34 12.51 -24.20 0.36
CA HIS B 34 12.69 -24.27 1.80
C HIS B 34 14.11 -23.87 2.18
N ARG B 35 14.33 -22.56 2.37
CA ARG B 35 15.64 -22.06 2.71
C ARG B 35 15.73 -21.86 4.22
N ILE B 36 15.66 -22.95 4.96
CA ILE B 36 15.72 -22.90 6.41
C ILE B 36 16.87 -23.73 6.93
N TYR C 1 -17.62 31.16 21.57
CA TYR C 1 -16.49 31.30 22.53
C TYR C 1 -15.35 30.35 22.15
N LEU C 2 -15.62 29.05 22.14
CA LEU C 2 -14.60 28.06 21.80
C LEU C 2 -15.21 26.96 20.92
N ARG C 3 -14.42 26.46 19.98
CA ARG C 3 -14.88 25.42 19.08
C ARG C 3 -13.69 24.74 18.39
N LEU C 4 -13.63 23.42 18.50
CA LEU C 4 -12.55 22.67 17.87
C LEU C 4 -13.02 22.12 16.52
N PHE C 5 -12.08 21.70 15.70
CA PHE C 5 -12.39 21.17 14.38
C PHE C 5 -11.70 19.83 14.15
N GLY C 6 -11.66 19.40 12.89
CA GLY C 6 -11.04 18.14 12.55
C GLY C 6 -11.62 17.54 11.29
N GLN C 7 -12.84 17.94 10.97
CA GLN C 7 -13.51 17.45 9.77
C GLN C 7 -13.68 18.58 8.77
N ASP C 8 -13.36 18.31 7.50
CA ASP C 8 -13.49 19.32 6.44
C ASP C 8 -14.93 19.81 6.32
N GLY C 9 -15.83 18.90 5.99
CA GLY C 9 -17.23 19.26 5.86
C GLY C 9 -17.84 18.69 4.60
N LEU C 10 -17.12 18.79 3.49
CA LEU C 10 -17.61 18.28 2.22
C LEU C 10 -16.55 17.41 1.53
N CYS C 11 -17.02 16.44 0.77
CA CYS C 11 -16.12 15.53 0.06
C CYS C 11 -15.45 16.24 -1.10
N ALA C 12 -14.53 15.54 -1.73
CA ALA C 12 -13.81 16.06 -2.86
C ALA C 12 -14.12 15.21 -4.09
N SER C 13 -14.76 14.07 -3.85
CA SER C 13 -15.11 13.16 -4.93
C SER C 13 -16.62 13.14 -5.14
N CYS C 14 -17.37 13.00 -4.04
CA CYS C 14 -18.81 12.97 -4.13
C CYS C 14 -19.39 14.29 -3.62
N ASP C 15 -20.69 14.46 -3.71
CA ASP C 15 -21.33 15.70 -3.29
C ASP C 15 -22.04 15.53 -1.96
N LYS C 16 -21.55 14.60 -1.15
CA LYS C 16 -22.15 14.33 0.16
C LYS C 16 -21.37 15.01 1.27
N ARG C 17 -22.03 15.17 2.41
CA ARG C 17 -21.42 15.79 3.57
C ARG C 17 -20.63 14.76 4.35
N ILE C 18 -19.55 15.19 4.98
CA ILE C 18 -18.71 14.28 5.75
C ILE C 18 -19.23 14.13 7.18
N ARG C 19 -19.36 12.89 7.62
CA ARG C 19 -19.83 12.59 8.96
C ARG C 19 -18.80 11.74 9.69
N ALA C 20 -19.11 11.30 10.91
CA ALA C 20 -18.19 10.49 11.70
C ALA C 20 -18.15 9.04 11.20
N TYR C 21 -18.24 8.88 9.88
CA TYR C 21 -18.21 7.56 9.27
C TYR C 21 -17.34 7.61 8.00
N GLU C 22 -16.54 8.67 7.89
CA GLU C 22 -15.65 8.84 6.74
C GLU C 22 -14.66 7.68 6.64
N MET C 23 -13.94 7.43 7.73
CA MET C 23 -12.95 6.35 7.81
C MET C 23 -11.98 6.40 6.63
N THR C 24 -11.42 7.58 6.42
CA THR C 24 -10.47 7.80 5.33
C THR C 24 -9.05 7.91 5.88
N MET C 25 -8.11 8.28 5.01
CA MET C 25 -6.72 8.41 5.40
C MET C 25 -6.34 9.89 5.50
N ARG C 26 -5.29 10.17 6.26
CA ARG C 26 -4.82 11.54 6.44
C ARG C 26 -4.26 12.08 5.12
N VAL C 27 -5.00 12.98 4.49
CA VAL C 27 -4.59 13.57 3.23
C VAL C 27 -4.04 14.97 3.43
N LYS C 28 -3.94 15.73 2.34
CA LYS C 28 -3.43 17.10 2.39
C LYS C 28 -4.31 18.01 3.23
N ASP C 29 -5.57 18.15 2.83
CA ASP C 29 -6.50 19.00 3.56
C ASP C 29 -7.90 18.41 3.51
N LYS C 30 -8.54 18.51 2.35
CA LYS C 30 -9.88 17.99 2.16
C LYS C 30 -9.88 16.46 2.28
N VAL C 31 -10.55 15.96 3.30
CA VAL C 31 -10.64 14.53 3.54
C VAL C 31 -11.67 13.89 2.63
N TYR C 32 -11.38 12.67 2.19
CA TYR C 32 -12.27 11.93 1.30
C TYR C 32 -13.15 10.96 2.08
N HIS C 33 -13.66 9.94 1.39
CA HIS C 33 -14.49 8.93 2.02
C HIS C 33 -13.84 7.57 1.86
N LEU C 34 -14.34 6.56 2.56
CA LEU C 34 -13.79 5.21 2.43
C LEU C 34 -13.99 4.71 1.00
N GLU C 35 -15.16 5.03 0.44
CA GLU C 35 -15.49 4.64 -0.92
C GLU C 35 -14.85 5.61 -1.91
N CYS C 36 -14.74 6.86 -1.48
CA CYS C 36 -14.15 7.91 -2.30
C CYS C 36 -12.63 7.94 -2.12
N PHE C 37 -12.01 6.76 -2.10
CA PHE C 37 -10.57 6.66 -1.94
C PHE C 37 -10.06 5.42 -2.66
N LYS C 38 -9.98 5.51 -3.97
CA LYS C 38 -9.52 4.40 -4.80
C LYS C 38 -8.66 4.94 -5.94
N CYS C 39 -7.86 4.07 -6.53
CA CYS C 39 -6.98 4.46 -7.62
C CYS C 39 -7.78 4.95 -8.82
N ALA C 40 -7.18 5.87 -9.57
CA ALA C 40 -7.80 6.44 -10.74
C ALA C 40 -7.39 5.67 -11.98
N ALA C 41 -6.48 4.71 -11.83
CA ALA C 41 -6.01 3.92 -12.95
C ALA C 41 -6.42 2.46 -12.83
N CYS C 42 -6.04 1.80 -11.73
CA CYS C 42 -6.38 0.38 -11.56
C CYS C 42 -7.58 0.19 -10.62
N GLN C 43 -7.97 1.27 -9.95
CA GLN C 43 -9.12 1.24 -9.02
C GLN C 43 -8.93 0.27 -7.87
N LYS C 44 -7.69 0.02 -7.48
CA LYS C 44 -7.42 -0.87 -6.38
C LYS C 44 -7.40 -0.11 -5.07
N HIS C 45 -7.42 -0.82 -3.96
CA HIS C 45 -7.39 -0.20 -2.65
C HIS C 45 -5.96 0.14 -2.27
N PHE C 46 -5.79 1.17 -1.45
CA PHE C 46 -4.46 1.59 -1.04
C PHE C 46 -3.95 0.71 0.10
N SER C 47 -2.65 0.81 0.36
CA SER C 47 -2.01 0.04 1.41
C SER C 47 -1.65 0.97 2.58
N VAL C 48 -0.88 0.46 3.52
CA VAL C 48 -0.48 1.25 4.68
C VAL C 48 1.04 1.35 4.76
N GLY C 49 1.55 2.57 4.73
CA GLY C 49 2.99 2.78 4.79
C GLY C 49 3.60 2.82 3.41
N ASP C 50 2.77 2.98 2.39
CA ASP C 50 3.23 3.03 1.01
C ASP C 50 3.03 4.44 0.45
N ARG C 51 3.54 4.69 -0.74
CA ARG C 51 3.43 6.01 -1.36
C ARG C 51 2.20 6.09 -2.28
N TYR C 52 1.71 7.29 -2.49
CA TYR C 52 0.56 7.51 -3.36
C TYR C 52 0.65 8.89 -4.00
N LEU C 53 -0.07 9.08 -5.10
CA LEU C 53 -0.07 10.36 -5.80
C LEU C 53 -1.47 10.96 -5.79
N LEU C 54 -1.58 12.22 -5.40
CA LEU C 54 -2.87 12.89 -5.35
C LEU C 54 -3.07 13.75 -6.60
N ILE C 55 -4.11 13.44 -7.34
CA ILE C 55 -4.44 14.18 -8.54
C ILE C 55 -5.57 15.15 -8.22
N ASN C 56 -5.76 16.18 -9.03
CA ASN C 56 -6.80 17.17 -8.79
C ASN C 56 -8.20 16.59 -9.01
N SER C 57 -8.26 15.37 -9.51
CA SER C 57 -9.54 14.70 -9.75
C SER C 57 -9.74 13.49 -8.85
N ASP C 58 -8.69 12.67 -8.70
CA ASP C 58 -8.76 11.47 -7.88
C ASP C 58 -7.36 11.09 -7.38
N ILE C 59 -7.23 9.95 -6.74
CA ILE C 59 -5.94 9.51 -6.23
C ILE C 59 -5.39 8.35 -7.06
N VAL C 60 -4.07 8.20 -7.06
CA VAL C 60 -3.40 7.14 -7.81
C VAL C 60 -2.47 6.35 -6.90
N CYS C 61 -2.33 5.06 -7.17
CA CYS C 61 -1.48 4.19 -6.37
C CYS C 61 0.00 4.36 -6.73
N GLU C 62 0.82 3.46 -6.24
CA GLU C 62 2.25 3.48 -6.53
C GLU C 62 2.60 2.38 -7.51
N GLN C 63 1.60 1.59 -7.87
CA GLN C 63 1.77 0.49 -8.79
C GLN C 63 1.78 0.99 -10.22
N ASP C 64 0.78 1.79 -10.56
CA ASP C 64 0.68 2.33 -11.91
C ASP C 64 1.03 3.82 -11.93
N ILE C 65 1.60 4.31 -10.84
CA ILE C 65 1.98 5.72 -10.73
C ILE C 65 2.99 6.09 -11.83
N TYR C 66 3.83 5.14 -12.21
CA TYR C 66 4.85 5.36 -13.24
C TYR C 66 4.21 5.38 -14.62
N GLU C 67 3.05 4.75 -14.74
CA GLU C 67 2.34 4.70 -16.00
C GLU C 67 1.46 5.93 -16.14
N TRP C 68 0.70 6.22 -15.09
CA TRP C 68 -0.20 7.37 -15.07
C TRP C 68 0.54 8.66 -15.39
N THR C 69 1.73 8.82 -14.83
CA THR C 69 2.54 10.01 -15.05
C THR C 69 2.88 10.18 -16.53
N LYS C 70 3.36 9.10 -17.15
CA LYS C 70 3.72 9.12 -18.57
C LYS C 70 2.49 9.31 -19.45
N ILE C 71 1.37 8.73 -19.02
CA ILE C 71 0.13 8.83 -19.77
C ILE C 71 -0.41 10.27 -19.73
N ASN C 72 -0.40 10.87 -18.55
CA ASN C 72 -0.89 12.23 -18.38
C ASN C 72 0.07 13.24 -19.00
N GLY C 73 1.34 13.16 -18.63
CA GLY C 73 2.32 14.08 -19.17
C GLY C 73 3.21 14.67 -18.10
N GLY C 74 3.78 13.80 -17.27
CA GLY C 74 4.66 14.25 -16.21
C GLY C 74 5.77 13.25 -15.95
N SER C 75 6.95 13.51 -16.47
CA SER C 75 8.09 12.63 -16.28
C SER C 75 9.39 13.41 -16.31
N GLY C 76 10.13 13.36 -15.21
CA GLY C 76 11.39 14.08 -15.12
C GLY C 76 12.58 13.22 -15.49
N GLY C 77 12.50 12.57 -16.65
CA GLY C 77 13.57 11.72 -17.11
C GLY C 77 13.46 10.30 -16.57
N SER C 78 14.10 9.36 -17.25
CA SER C 78 14.07 7.97 -16.83
C SER C 78 15.02 7.72 -15.66
N GLY C 79 14.61 8.15 -14.48
CA GLY C 79 15.43 7.98 -13.30
C GLY C 79 15.58 9.27 -12.51
N GLY C 80 15.08 10.36 -13.07
CA GLY C 80 15.17 11.64 -12.40
C GLY C 80 13.92 11.94 -11.60
N SER C 81 14.05 12.81 -10.61
CA SER C 81 12.94 13.17 -9.75
C SER C 81 11.98 14.12 -10.46
N GLY C 82 10.78 13.63 -10.75
CA GLY C 82 9.79 14.44 -11.42
C GLY C 82 8.95 15.23 -10.43
N GLY C 83 7.79 14.71 -10.10
CA GLY C 83 6.92 15.37 -9.14
C GLY C 83 7.13 14.87 -7.73
N ASP C 84 6.42 15.45 -6.78
CA ASP C 84 6.53 15.04 -5.39
C ASP C 84 5.57 13.89 -5.08
N VAL C 85 5.83 13.18 -3.99
CA VAL C 85 4.99 12.06 -3.61
C VAL C 85 4.77 12.04 -2.10
N MET C 86 3.60 11.59 -1.67
CA MET C 86 3.26 11.54 -0.26
C MET C 86 3.00 10.12 0.18
N VAL C 87 3.04 9.90 1.50
CA VAL C 87 2.81 8.57 2.06
C VAL C 87 1.42 8.52 2.69
N VAL C 88 0.71 7.42 2.49
CA VAL C 88 -0.63 7.26 3.05
C VAL C 88 -0.58 7.22 4.57
N GLY C 89 -1.15 8.25 5.19
CA GLY C 89 -1.17 8.32 6.64
C GLY C 89 -2.20 7.39 7.24
N GLU C 90 -2.09 7.15 8.53
CA GLU C 90 -3.02 6.27 9.23
C GLU C 90 -4.44 6.80 9.13
N PRO C 91 -5.42 5.88 9.03
CA PRO C 91 -6.84 6.25 8.92
C PRO C 91 -7.38 6.88 10.19
N THR C 92 -8.36 7.76 10.01
CA THR C 92 -8.99 8.44 11.13
C THR C 92 -9.93 7.50 11.89
N LEU C 93 -9.88 7.57 13.21
CA LEU C 93 -10.73 6.73 14.04
C LEU C 93 -12.03 7.45 14.36
N MET C 94 -13.09 6.70 14.59
CA MET C 94 -14.40 7.29 14.89
C MET C 94 -14.46 7.82 16.32
N GLY C 95 -13.56 7.33 17.17
CA GLY C 95 -13.54 7.78 18.55
C GLY C 95 -12.38 7.17 19.32
N GLY C 96 -11.18 7.69 19.06
CA GLY C 96 -10.00 7.20 19.74
C GLY C 96 -8.79 8.02 19.38
#